data_2ESB
# 
_entry.id   2ESB 
# 
_audit_conform.dict_name       mmcif_pdbx.dic 
_audit_conform.dict_version    5.388 
_audit_conform.dict_location   http://mmcif.pdb.org/dictionaries/ascii/mmcif_pdbx.dic 
# 
loop_
_database_2.database_id 
_database_2.database_code 
_database_2.pdbx_database_accession 
_database_2.pdbx_DOI 
PDB   2ESB         pdb_00002esb 10.2210/pdb2esb/pdb 
RCSB  RCSB035031   ?            ?                   
WWPDB D_1000035031 ?            ?                   
# 
loop_
_pdbx_audit_revision_history.ordinal 
_pdbx_audit_revision_history.data_content_type 
_pdbx_audit_revision_history.major_revision 
_pdbx_audit_revision_history.minor_revision 
_pdbx_audit_revision_history.revision_date 
1 'Structure model' 1 0 2006-06-06 
2 'Structure model' 1 1 2008-05-01 
3 'Structure model' 1 2 2011-07-13 
4 'Structure model' 1 3 2024-03-13 
# 
_pdbx_audit_revision_details.ordinal             1 
_pdbx_audit_revision_details.revision_ordinal    1 
_pdbx_audit_revision_details.data_content_type   'Structure model' 
_pdbx_audit_revision_details.provider            repository 
_pdbx_audit_revision_details.type                'Initial release' 
_pdbx_audit_revision_details.description         ? 
_pdbx_audit_revision_details.details             ? 
# 
loop_
_pdbx_audit_revision_group.ordinal 
_pdbx_audit_revision_group.revision_ordinal 
_pdbx_audit_revision_group.data_content_type 
_pdbx_audit_revision_group.group 
1 2 'Structure model' 'Version format compliance' 
2 3 'Structure model' 'Version format compliance' 
3 4 'Structure model' 'Data collection'           
4 4 'Structure model' 'Database references'       
5 4 'Structure model' 'Derived calculations'      
# 
loop_
_pdbx_audit_revision_category.ordinal 
_pdbx_audit_revision_category.revision_ordinal 
_pdbx_audit_revision_category.data_content_type 
_pdbx_audit_revision_category.category 
1 4 'Structure model' chem_comp_atom 
2 4 'Structure model' chem_comp_bond 
3 4 'Structure model' database_2     
4 4 'Structure model' struct_site    
# 
loop_
_pdbx_audit_revision_item.ordinal 
_pdbx_audit_revision_item.revision_ordinal 
_pdbx_audit_revision_item.data_content_type 
_pdbx_audit_revision_item.item 
1 4 'Structure model' '_database_2.pdbx_DOI'                
2 4 'Structure model' '_database_2.pdbx_database_accession' 
3 4 'Structure model' '_struct_site.pdbx_auth_asym_id'      
4 4 'Structure model' '_struct_site.pdbx_auth_comp_id'      
5 4 'Structure model' '_struct_site.pdbx_auth_seq_id'       
# 
_pdbx_database_status.status_code                     REL 
_pdbx_database_status.entry_id                        2ESB 
_pdbx_database_status.recvd_initial_deposition_date   2005-10-25 
_pdbx_database_status.deposit_site                    RCSB 
_pdbx_database_status.process_site                    PDBJ 
_pdbx_database_status.status_code_sf                  REL 
_pdbx_database_status.status_code_mr                  ? 
_pdbx_database_status.SG_entry                        ? 
_pdbx_database_status.pdb_format_compatible           Y 
_pdbx_database_status.status_code_cs                  ? 
_pdbx_database_status.status_code_nmr_data            ? 
_pdbx_database_status.methods_development_category    ? 
# 
loop_
_audit_author.name 
_audit_author.pdbx_ordinal 
'Kim, S.J.'   1 
'Ryu, S.E.'   2 
'Jeong, D.G.' 3 
'Cho, Y.H.'   4 
'Yoon, T.S.'  5 
'Kim, J.H.'   6 
# 
_citation.id                        primary 
_citation.title                     
'Structure of human DSP18, a member of the dual-specificity protein tyrosine phosphatase family.' 
_citation.journal_abbrev            'Acta Crystallogr.,Sect.D' 
_citation.journal_volume            62 
_citation.page_first                582 
_citation.page_last                 588 
_citation.year                      2006 
_citation.journal_id_ASTM           ABCRE6 
_citation.country                   DK 
_citation.journal_id_ISSN           0907-4449 
_citation.journal_id_CSD            0766 
_citation.book_publisher            ? 
_citation.pdbx_database_id_PubMed   16699184 
_citation.pdbx_database_id_DOI      10.1107/S0907444906010109 
# 
loop_
_citation_author.citation_id 
_citation_author.name 
_citation_author.ordinal 
_citation_author.identifier_ORCID 
primary 'Jeong, D.G.' 1 ? 
primary 'Cho, Y.H.'   2 ? 
primary 'Yoon, T.S.'  3 ? 
primary 'Kim, J.H.'   4 ? 
primary 'Son, J.H.'   5 ? 
primary 'Ryu, S.E.'   6 ? 
primary 'Kim, S.J.'   7 ? 
# 
loop_
_entity.id 
_entity.type 
_entity.src_method 
_entity.pdbx_description 
_entity.formula_weight 
_entity.pdbx_number_of_molecules 
_entity.pdbx_ec 
_entity.pdbx_mutation 
_entity.pdbx_fragment 
_entity.details 
1 polymer     man 'Dual specificity protein phosphatase 18'             21087.469 1   '3.1.3.48, 3.1.3.16' ? ? ? 
2 non-polymer syn 'ACETATE ION'                                         59.044    1   ?                    ? ? ? 
3 non-polymer syn '4-(2-HYDROXYETHYL)-1-PIPERAZINE ETHANESULFONIC ACID' 238.305   1   ?                    ? ? ? 
4 water       nat water                                                 18.015    169 ?                    ? ? ? 
# 
_entity_name_com.entity_id   1 
_entity_name_com.name        'Dual Specific Phosphatase 18, Low molecular weight dual specificity phosphatase 20' 
# 
_entity_poly.entity_id                      1 
_entity_poly.type                           'polypeptide(L)' 
_entity_poly.nstd_linkage                   no 
_entity_poly.nstd_monomer                   no 
_entity_poly.pdbx_seq_one_letter_code       
;MTAPSCAFPVQFRQPSVSGLSQITKSLYISNGVAANNKLMLSSNQITMVINVSVEVVNTLYEDIQYMQVPVADSPNSRLC
DFFDPIADHIHSVEMKQGRTLLHCAAGVSRSAALCLAYLMKYHAMSLLDAHTWTKSCRPIIRPNSGFWEQLIHYEFQLFG
KNTVHMVSSPVGMIPDIYEKEVRLMIPL
;
_entity_poly.pdbx_seq_one_letter_code_can   
;MTAPSCAFPVQFRQPSVSGLSQITKSLYISNGVAANNKLMLSSNQITMVINVSVEVVNTLYEDIQYMQVPVADSPNSRLC
DFFDPIADHIHSVEMKQGRTLLHCAAGVSRSAALCLAYLMKYHAMSLLDAHTWTKSCRPIIRPNSGFWEQLIHYEFQLFG
KNTVHMVSSPVGMIPDIYEKEVRLMIPL
;
_entity_poly.pdbx_strand_id                 A 
_entity_poly.pdbx_target_identifier         ? 
# 
loop_
_pdbx_entity_nonpoly.entity_id 
_pdbx_entity_nonpoly.name 
_pdbx_entity_nonpoly.comp_id 
2 'ACETATE ION'                                         ACT 
3 '4-(2-HYDROXYETHYL)-1-PIPERAZINE ETHANESULFONIC ACID' EPE 
4 water                                                 HOH 
# 
loop_
_entity_poly_seq.entity_id 
_entity_poly_seq.num 
_entity_poly_seq.mon_id 
_entity_poly_seq.hetero 
1 1   MET n 
1 2   THR n 
1 3   ALA n 
1 4   PRO n 
1 5   SER n 
1 6   CYS n 
1 7   ALA n 
1 8   PHE n 
1 9   PRO n 
1 10  VAL n 
1 11  GLN n 
1 12  PHE n 
1 13  ARG n 
1 14  GLN n 
1 15  PRO n 
1 16  SER n 
1 17  VAL n 
1 18  SER n 
1 19  GLY n 
1 20  LEU n 
1 21  SER n 
1 22  GLN n 
1 23  ILE n 
1 24  THR n 
1 25  LYS n 
1 26  SER n 
1 27  LEU n 
1 28  TYR n 
1 29  ILE n 
1 30  SER n 
1 31  ASN n 
1 32  GLY n 
1 33  VAL n 
1 34  ALA n 
1 35  ALA n 
1 36  ASN n 
1 37  ASN n 
1 38  LYS n 
1 39  LEU n 
1 40  MET n 
1 41  LEU n 
1 42  SER n 
1 43  SER n 
1 44  ASN n 
1 45  GLN n 
1 46  ILE n 
1 47  THR n 
1 48  MET n 
1 49  VAL n 
1 50  ILE n 
1 51  ASN n 
1 52  VAL n 
1 53  SER n 
1 54  VAL n 
1 55  GLU n 
1 56  VAL n 
1 57  VAL n 
1 58  ASN n 
1 59  THR n 
1 60  LEU n 
1 61  TYR n 
1 62  GLU n 
1 63  ASP n 
1 64  ILE n 
1 65  GLN n 
1 66  TYR n 
1 67  MET n 
1 68  GLN n 
1 69  VAL n 
1 70  PRO n 
1 71  VAL n 
1 72  ALA n 
1 73  ASP n 
1 74  SER n 
1 75  PRO n 
1 76  ASN n 
1 77  SER n 
1 78  ARG n 
1 79  LEU n 
1 80  CYS n 
1 81  ASP n 
1 82  PHE n 
1 83  PHE n 
1 84  ASP n 
1 85  PRO n 
1 86  ILE n 
1 87  ALA n 
1 88  ASP n 
1 89  HIS n 
1 90  ILE n 
1 91  HIS n 
1 92  SER n 
1 93  VAL n 
1 94  GLU n 
1 95  MET n 
1 96  LYS n 
1 97  GLN n 
1 98  GLY n 
1 99  ARG n 
1 100 THR n 
1 101 LEU n 
1 102 LEU n 
1 103 HIS n 
1 104 CYS n 
1 105 ALA n 
1 106 ALA n 
1 107 GLY n 
1 108 VAL n 
1 109 SER n 
1 110 ARG n 
1 111 SER n 
1 112 ALA n 
1 113 ALA n 
1 114 LEU n 
1 115 CYS n 
1 116 LEU n 
1 117 ALA n 
1 118 TYR n 
1 119 LEU n 
1 120 MET n 
1 121 LYS n 
1 122 TYR n 
1 123 HIS n 
1 124 ALA n 
1 125 MET n 
1 126 SER n 
1 127 LEU n 
1 128 LEU n 
1 129 ASP n 
1 130 ALA n 
1 131 HIS n 
1 132 THR n 
1 133 TRP n 
1 134 THR n 
1 135 LYS n 
1 136 SER n 
1 137 CYS n 
1 138 ARG n 
1 139 PRO n 
1 140 ILE n 
1 141 ILE n 
1 142 ARG n 
1 143 PRO n 
1 144 ASN n 
1 145 SER n 
1 146 GLY n 
1 147 PHE n 
1 148 TRP n 
1 149 GLU n 
1 150 GLN n 
1 151 LEU n 
1 152 ILE n 
1 153 HIS n 
1 154 TYR n 
1 155 GLU n 
1 156 PHE n 
1 157 GLN n 
1 158 LEU n 
1 159 PHE n 
1 160 GLY n 
1 161 LYS n 
1 162 ASN n 
1 163 THR n 
1 164 VAL n 
1 165 HIS n 
1 166 MET n 
1 167 VAL n 
1 168 SER n 
1 169 SER n 
1 170 PRO n 
1 171 VAL n 
1 172 GLY n 
1 173 MET n 
1 174 ILE n 
1 175 PRO n 
1 176 ASP n 
1 177 ILE n 
1 178 TYR n 
1 179 GLU n 
1 180 LYS n 
1 181 GLU n 
1 182 VAL n 
1 183 ARG n 
1 184 LEU n 
1 185 MET n 
1 186 ILE n 
1 187 PRO n 
1 188 LEU n 
# 
_entity_src_gen.entity_id                          1 
_entity_src_gen.pdbx_src_id                        1 
_entity_src_gen.pdbx_alt_source_flag               sample 
_entity_src_gen.pdbx_seq_type                      ? 
_entity_src_gen.pdbx_beg_seq_num                   ? 
_entity_src_gen.pdbx_end_seq_num                   ? 
_entity_src_gen.gene_src_common_name               human 
_entity_src_gen.gene_src_genus                     Homo 
_entity_src_gen.pdbx_gene_src_gene                 ? 
_entity_src_gen.gene_src_species                   ? 
_entity_src_gen.gene_src_strain                    ? 
_entity_src_gen.gene_src_tissue                    ? 
_entity_src_gen.gene_src_tissue_fraction           ? 
_entity_src_gen.gene_src_details                   ? 
_entity_src_gen.pdbx_gene_src_fragment             ? 
_entity_src_gen.pdbx_gene_src_scientific_name      'Homo sapiens' 
_entity_src_gen.pdbx_gene_src_ncbi_taxonomy_id     9606 
_entity_src_gen.pdbx_gene_src_variant              ? 
_entity_src_gen.pdbx_gene_src_cell_line            ? 
_entity_src_gen.pdbx_gene_src_atcc                 ? 
_entity_src_gen.pdbx_gene_src_organ                ? 
_entity_src_gen.pdbx_gene_src_organelle            ? 
_entity_src_gen.pdbx_gene_src_cell                 ? 
_entity_src_gen.pdbx_gene_src_cellular_location    ? 
_entity_src_gen.host_org_common_name               ? 
_entity_src_gen.pdbx_host_org_scientific_name      'Escherichia coli' 
_entity_src_gen.pdbx_host_org_ncbi_taxonomy_id     562 
_entity_src_gen.host_org_genus                     Escherichia 
_entity_src_gen.pdbx_host_org_gene                 ? 
_entity_src_gen.pdbx_host_org_organ                ? 
_entity_src_gen.host_org_species                   ? 
_entity_src_gen.pdbx_host_org_tissue               ? 
_entity_src_gen.pdbx_host_org_tissue_fraction      ? 
_entity_src_gen.pdbx_host_org_strain               ? 
_entity_src_gen.pdbx_host_org_variant              ? 
_entity_src_gen.pdbx_host_org_cell_line            ? 
_entity_src_gen.pdbx_host_org_atcc                 ? 
_entity_src_gen.pdbx_host_org_culture_collection   ? 
_entity_src_gen.pdbx_host_org_cell                 ? 
_entity_src_gen.pdbx_host_org_organelle            ? 
_entity_src_gen.pdbx_host_org_cellular_location    ? 
_entity_src_gen.pdbx_host_org_vector_type          ? 
_entity_src_gen.pdbx_host_org_vector               ? 
_entity_src_gen.host_org_details                   ? 
_entity_src_gen.expression_system_id               ? 
_entity_src_gen.plasmid_name                       ? 
_entity_src_gen.plasmid_details                    ? 
_entity_src_gen.pdbx_description                   ? 
# 
loop_
_chem_comp.id 
_chem_comp.type 
_chem_comp.mon_nstd_flag 
_chem_comp.name 
_chem_comp.pdbx_synonyms 
_chem_comp.formula 
_chem_comp.formula_weight 
ACT non-polymer         . 'ACETATE ION'                                         ?     'C2 H3 O2 -1'    59.044  
ALA 'L-peptide linking' y ALANINE                                               ?     'C3 H7 N O2'     89.093  
ARG 'L-peptide linking' y ARGININE                                              ?     'C6 H15 N4 O2 1' 175.209 
ASN 'L-peptide linking' y ASPARAGINE                                            ?     'C4 H8 N2 O3'    132.118 
ASP 'L-peptide linking' y 'ASPARTIC ACID'                                       ?     'C4 H7 N O4'     133.103 
CYS 'L-peptide linking' y CYSTEINE                                              ?     'C3 H7 N O2 S'   121.158 
EPE non-polymer         . '4-(2-HYDROXYETHYL)-1-PIPERAZINE ETHANESULFONIC ACID' HEPES 'C8 H18 N2 O4 S' 238.305 
GLN 'L-peptide linking' y GLUTAMINE                                             ?     'C5 H10 N2 O3'   146.144 
GLU 'L-peptide linking' y 'GLUTAMIC ACID'                                       ?     'C5 H9 N O4'     147.129 
GLY 'peptide linking'   y GLYCINE                                               ?     'C2 H5 N O2'     75.067  
HIS 'L-peptide linking' y HISTIDINE                                             ?     'C6 H10 N3 O2 1' 156.162 
HOH non-polymer         . WATER                                                 ?     'H2 O'           18.015  
ILE 'L-peptide linking' y ISOLEUCINE                                            ?     'C6 H13 N O2'    131.173 
LEU 'L-peptide linking' y LEUCINE                                               ?     'C6 H13 N O2'    131.173 
LYS 'L-peptide linking' y LYSINE                                                ?     'C6 H15 N2 O2 1' 147.195 
MET 'L-peptide linking' y METHIONINE                                            ?     'C5 H11 N O2 S'  149.211 
PHE 'L-peptide linking' y PHENYLALANINE                                         ?     'C9 H11 N O2'    165.189 
PRO 'L-peptide linking' y PROLINE                                               ?     'C5 H9 N O2'     115.130 
SER 'L-peptide linking' y SERINE                                                ?     'C3 H7 N O3'     105.093 
THR 'L-peptide linking' y THREONINE                                             ?     'C4 H9 N O3'     119.119 
TRP 'L-peptide linking' y TRYPTOPHAN                                            ?     'C11 H12 N2 O2'  204.225 
TYR 'L-peptide linking' y TYROSINE                                              ?     'C9 H11 N O3'    181.189 
VAL 'L-peptide linking' y VALINE                                                ?     'C5 H11 N O2'    117.146 
# 
loop_
_pdbx_poly_seq_scheme.asym_id 
_pdbx_poly_seq_scheme.entity_id 
_pdbx_poly_seq_scheme.seq_id 
_pdbx_poly_seq_scheme.mon_id 
_pdbx_poly_seq_scheme.ndb_seq_num 
_pdbx_poly_seq_scheme.pdb_seq_num 
_pdbx_poly_seq_scheme.auth_seq_num 
_pdbx_poly_seq_scheme.pdb_mon_id 
_pdbx_poly_seq_scheme.auth_mon_id 
_pdbx_poly_seq_scheme.pdb_strand_id 
_pdbx_poly_seq_scheme.pdb_ins_code 
_pdbx_poly_seq_scheme.hetero 
A 1 1   MET 1   1   ?   ?   ?   A . n 
A 1 2   THR 2   2   ?   ?   ?   A . n 
A 1 3   ALA 3   3   ?   ?   ?   A . n 
A 1 4   PRO 4   4   ?   ?   ?   A . n 
A 1 5   SER 5   5   ?   ?   ?   A . n 
A 1 6   CYS 6   6   ?   ?   ?   A . n 
A 1 7   ALA 7   7   ?   ?   ?   A . n 
A 1 8   PHE 8   8   ?   ?   ?   A . n 
A 1 9   PRO 9   9   ?   ?   ?   A . n 
A 1 10  VAL 10  10  ?   ?   ?   A . n 
A 1 11  GLN 11  11  ?   ?   ?   A . n 
A 1 12  PHE 12  12  ?   ?   ?   A . n 
A 1 13  ARG 13  13  ?   ?   ?   A . n 
A 1 14  GLN 14  14  ?   ?   ?   A . n 
A 1 15  PRO 15  15  ?   ?   ?   A . n 
A 1 16  SER 16  16  ?   ?   ?   A . n 
A 1 17  VAL 17  17  ?   ?   ?   A . n 
A 1 18  SER 18  18  18  SER SER A . n 
A 1 19  GLY 19  19  19  GLY GLY A . n 
A 1 20  LEU 20  20  20  LEU LEU A . n 
A 1 21  SER 21  21  21  SER SER A . n 
A 1 22  GLN 22  22  22  GLN GLN A . n 
A 1 23  ILE 23  23  23  ILE ILE A . n 
A 1 24  THR 24  24  24  THR THR A . n 
A 1 25  LYS 25  25  25  LYS LYS A . n 
A 1 26  SER 26  26  26  SER SER A . n 
A 1 27  LEU 27  27  27  LEU LEU A . n 
A 1 28  TYR 28  28  28  TYR TYR A . n 
A 1 29  ILE 29  29  29  ILE ILE A . n 
A 1 30  SER 30  30  30  SER SER A . n 
A 1 31  ASN 31  31  31  ASN ASN A . n 
A 1 32  GLY 32  32  32  GLY GLY A . n 
A 1 33  VAL 33  33  33  VAL VAL A . n 
A 1 34  ALA 34  34  34  ALA ALA A . n 
A 1 35  ALA 35  35  35  ALA ALA A . n 
A 1 36  ASN 36  36  36  ASN ASN A . n 
A 1 37  ASN 37  37  37  ASN ASN A . n 
A 1 38  LYS 38  38  38  LYS LYS A . n 
A 1 39  LEU 39  39  39  LEU LEU A . n 
A 1 40  MET 40  40  40  MET MET A . n 
A 1 41  LEU 41  41  41  LEU LEU A . n 
A 1 42  SER 42  42  42  SER SER A . n 
A 1 43  SER 43  43  43  SER SER A . n 
A 1 44  ASN 44  44  44  ASN ASN A . n 
A 1 45  GLN 45  45  45  GLN GLN A . n 
A 1 46  ILE 46  46  46  ILE ILE A . n 
A 1 47  THR 47  47  47  THR THR A . n 
A 1 48  MET 48  48  48  MET MET A . n 
A 1 49  VAL 49  49  49  VAL VAL A . n 
A 1 50  ILE 50  50  50  ILE ILE A . n 
A 1 51  ASN 51  51  51  ASN ASN A . n 
A 1 52  VAL 52  52  52  VAL VAL A . n 
A 1 53  SER 53  53  53  SER SER A . n 
A 1 54  VAL 54  54  54  VAL VAL A . n 
A 1 55  GLU 55  55  55  GLU GLU A . n 
A 1 56  VAL 56  56  56  VAL VAL A . n 
A 1 57  VAL 57  57  57  VAL VAL A . n 
A 1 58  ASN 58  58  58  ASN ASN A . n 
A 1 59  THR 59  59  59  THR THR A . n 
A 1 60  LEU 60  60  60  LEU LEU A . n 
A 1 61  TYR 61  61  61  TYR TYR A . n 
A 1 62  GLU 62  62  62  GLU GLU A . n 
A 1 63  ASP 63  63  63  ASP ASP A . n 
A 1 64  ILE 64  64  64  ILE ILE A . n 
A 1 65  GLN 65  65  65  GLN GLN A . n 
A 1 66  TYR 66  66  66  TYR TYR A . n 
A 1 67  MET 67  67  67  MET MET A . n 
A 1 68  GLN 68  68  68  GLN GLN A . n 
A 1 69  VAL 69  69  69  VAL VAL A . n 
A 1 70  PRO 70  70  70  PRO PRO A . n 
A 1 71  VAL 71  71  71  VAL VAL A . n 
A 1 72  ALA 72  72  72  ALA ALA A . n 
A 1 73  ASP 73  73  73  ASP ASP A . n 
A 1 74  SER 74  74  74  SER SER A . n 
A 1 75  PRO 75  75  75  PRO PRO A . n 
A 1 76  ASN 76  76  76  ASN ASN A . n 
A 1 77  SER 77  77  77  SER SER A . n 
A 1 78  ARG 78  78  78  ARG ARG A . n 
A 1 79  LEU 79  79  79  LEU LEU A . n 
A 1 80  CYS 80  80  80  CYS CYS A . n 
A 1 81  ASP 81  81  81  ASP ASP A . n 
A 1 82  PHE 82  82  82  PHE PHE A . n 
A 1 83  PHE 83  83  83  PHE PHE A . n 
A 1 84  ASP 84  84  84  ASP ASP A . n 
A 1 85  PRO 85  85  85  PRO PRO A . n 
A 1 86  ILE 86  86  86  ILE ILE A . n 
A 1 87  ALA 87  87  87  ALA ALA A . n 
A 1 88  ASP 88  88  88  ASP ASP A . n 
A 1 89  HIS 89  89  89  HIS HIS A . n 
A 1 90  ILE 90  90  90  ILE ILE A . n 
A 1 91  HIS 91  91  91  HIS HIS A . n 
A 1 92  SER 92  92  92  SER SER A . n 
A 1 93  VAL 93  93  93  VAL VAL A . n 
A 1 94  GLU 94  94  94  GLU GLU A . n 
A 1 95  MET 95  95  95  MET MET A . n 
A 1 96  LYS 96  96  96  LYS LYS A . n 
A 1 97  GLN 97  97  97  GLN GLN A . n 
A 1 98  GLY 98  98  98  GLY GLY A . n 
A 1 99  ARG 99  99  99  ARG ARG A . n 
A 1 100 THR 100 100 100 THR THR A . n 
A 1 101 LEU 101 101 101 LEU LEU A . n 
A 1 102 LEU 102 102 102 LEU LEU A . n 
A 1 103 HIS 103 103 103 HIS HIS A . n 
A 1 104 CYS 104 104 104 CYS CYS A . n 
A 1 105 ALA 105 105 105 ALA ALA A . n 
A 1 106 ALA 106 106 106 ALA ALA A . n 
A 1 107 GLY 107 107 107 GLY GLY A . n 
A 1 108 VAL 108 108 108 VAL VAL A . n 
A 1 109 SER 109 109 109 SER SER A . n 
A 1 110 ARG 110 110 110 ARG ARG A . n 
A 1 111 SER 111 111 111 SER SER A . n 
A 1 112 ALA 112 112 112 ALA ALA A . n 
A 1 113 ALA 113 113 113 ALA ALA A . n 
A 1 114 LEU 114 114 114 LEU LEU A . n 
A 1 115 CYS 115 115 115 CYS CYS A . n 
A 1 116 LEU 116 116 116 LEU LEU A . n 
A 1 117 ALA 117 117 117 ALA ALA A . n 
A 1 118 TYR 118 118 118 TYR TYR A . n 
A 1 119 LEU 119 119 119 LEU LEU A . n 
A 1 120 MET 120 120 120 MET MET A . n 
A 1 121 LYS 121 121 121 LYS LYS A . n 
A 1 122 TYR 122 122 122 TYR TYR A . n 
A 1 123 HIS 123 123 123 HIS HIS A . n 
A 1 124 ALA 124 124 124 ALA ALA A . n 
A 1 125 MET 125 125 125 MET MET A . n 
A 1 126 SER 126 126 126 SER SER A . n 
A 1 127 LEU 127 127 127 LEU LEU A . n 
A 1 128 LEU 128 128 128 LEU LEU A . n 
A 1 129 ASP 129 129 129 ASP ASP A . n 
A 1 130 ALA 130 130 130 ALA ALA A . n 
A 1 131 HIS 131 131 131 HIS HIS A . n 
A 1 132 THR 132 132 132 THR THR A . n 
A 1 133 TRP 133 133 133 TRP TRP A . n 
A 1 134 THR 134 134 134 THR THR A . n 
A 1 135 LYS 135 135 135 LYS LYS A . n 
A 1 136 SER 136 136 136 SER SER A . n 
A 1 137 CYS 137 137 137 CYS CYS A . n 
A 1 138 ARG 138 138 138 ARG ARG A . n 
A 1 139 PRO 139 139 139 PRO PRO A . n 
A 1 140 ILE 140 140 140 ILE ILE A . n 
A 1 141 ILE 141 141 141 ILE ILE A . n 
A 1 142 ARG 142 142 142 ARG ARG A . n 
A 1 143 PRO 143 143 143 PRO PRO A . n 
A 1 144 ASN 144 144 144 ASN ASN A . n 
A 1 145 SER 145 145 145 SER SER A . n 
A 1 146 GLY 146 146 146 GLY GLY A . n 
A 1 147 PHE 147 147 147 PHE PHE A . n 
A 1 148 TRP 148 148 148 TRP TRP A . n 
A 1 149 GLU 149 149 149 GLU GLU A . n 
A 1 150 GLN 150 150 150 GLN GLN A . n 
A 1 151 LEU 151 151 151 LEU LEU A . n 
A 1 152 ILE 152 152 152 ILE ILE A . n 
A 1 153 HIS 153 153 153 HIS HIS A . n 
A 1 154 TYR 154 154 154 TYR TYR A . n 
A 1 155 GLU 155 155 155 GLU GLU A . n 
A 1 156 PHE 156 156 156 PHE PHE A . n 
A 1 157 GLN 157 157 157 GLN GLN A . n 
A 1 158 LEU 158 158 158 LEU LEU A . n 
A 1 159 PHE 159 159 159 PHE PHE A . n 
A 1 160 GLY 160 160 160 GLY GLY A . n 
A 1 161 LYS 161 161 161 LYS LYS A . n 
A 1 162 ASN 162 162 162 ASN ASN A . n 
A 1 163 THR 163 163 163 THR THR A . n 
A 1 164 VAL 164 164 164 VAL VAL A . n 
A 1 165 HIS 165 165 165 HIS HIS A . n 
A 1 166 MET 166 166 166 MET MET A . n 
A 1 167 VAL 167 167 167 VAL VAL A . n 
A 1 168 SER 168 168 168 SER SER A . n 
A 1 169 SER 169 169 169 SER SER A . n 
A 1 170 PRO 170 170 170 PRO PRO A . n 
A 1 171 VAL 171 171 171 VAL VAL A . n 
A 1 172 GLY 172 172 172 GLY GLY A . n 
A 1 173 MET 173 173 173 MET MET A . n 
A 1 174 ILE 174 174 174 ILE ILE A . n 
A 1 175 PRO 175 175 175 PRO PRO A . n 
A 1 176 ASP 176 176 176 ASP ASP A . n 
A 1 177 ILE 177 177 177 ILE ILE A . n 
A 1 178 TYR 178 178 178 TYR TYR A . n 
A 1 179 GLU 179 179 179 GLU GLU A . n 
A 1 180 LYS 180 180 ?   ?   ?   A . n 
A 1 181 GLU 181 181 ?   ?   ?   A . n 
A 1 182 VAL 182 182 ?   ?   ?   A . n 
A 1 183 ARG 183 183 ?   ?   ?   A . n 
A 1 184 LEU 184 184 ?   ?   ?   A . n 
A 1 185 MET 185 185 ?   ?   ?   A . n 
A 1 186 ILE 186 186 ?   ?   ?   A . n 
A 1 187 PRO 187 187 ?   ?   ?   A . n 
A 1 188 LEU 188 188 ?   ?   ?   A . n 
# 
loop_
_pdbx_nonpoly_scheme.asym_id 
_pdbx_nonpoly_scheme.entity_id 
_pdbx_nonpoly_scheme.mon_id 
_pdbx_nonpoly_scheme.ndb_seq_num 
_pdbx_nonpoly_scheme.pdb_seq_num 
_pdbx_nonpoly_scheme.auth_seq_num 
_pdbx_nonpoly_scheme.pdb_mon_id 
_pdbx_nonpoly_scheme.auth_mon_id 
_pdbx_nonpoly_scheme.pdb_strand_id 
_pdbx_nonpoly_scheme.pdb_ins_code 
B 2 ACT 1   1001 1001 ACT ACT A . 
C 3 EPE 1   1002 1002 EPE EPE A . 
D 4 HOH 1   1003 1    HOH HOH A . 
D 4 HOH 2   1004 2    HOH HOH A . 
D 4 HOH 3   1005 3    HOH HOH A . 
D 4 HOH 4   1006 4    HOH HOH A . 
D 4 HOH 5   1007 5    HOH HOH A . 
D 4 HOH 6   1008 6    HOH HOH A . 
D 4 HOH 7   1009 7    HOH HOH A . 
D 4 HOH 8   1010 8    HOH HOH A . 
D 4 HOH 9   1011 9    HOH HOH A . 
D 4 HOH 10  1012 10   HOH HOH A . 
D 4 HOH 11  1013 11   HOH HOH A . 
D 4 HOH 12  1014 12   HOH HOH A . 
D 4 HOH 13  1015 13   HOH HOH A . 
D 4 HOH 14  1016 14   HOH HOH A . 
D 4 HOH 15  1017 15   HOH HOH A . 
D 4 HOH 16  1018 16   HOH HOH A . 
D 4 HOH 17  1019 17   HOH HOH A . 
D 4 HOH 18  1020 18   HOH HOH A . 
D 4 HOH 19  1021 19   HOH HOH A . 
D 4 HOH 20  1022 20   HOH HOH A . 
D 4 HOH 21  1023 21   HOH HOH A . 
D 4 HOH 22  1024 22   HOH HOH A . 
D 4 HOH 23  1025 23   HOH HOH A . 
D 4 HOH 24  1026 24   HOH HOH A . 
D 4 HOH 25  1027 25   HOH HOH A . 
D 4 HOH 26  1028 26   HOH HOH A . 
D 4 HOH 27  1029 27   HOH HOH A . 
D 4 HOH 28  1030 28   HOH HOH A . 
D 4 HOH 29  1031 29   HOH HOH A . 
D 4 HOH 30  1032 30   HOH HOH A . 
D 4 HOH 31  1033 31   HOH HOH A . 
D 4 HOH 32  1034 32   HOH HOH A . 
D 4 HOH 33  1035 33   HOH HOH A . 
D 4 HOH 34  1036 34   HOH HOH A . 
D 4 HOH 35  1037 35   HOH HOH A . 
D 4 HOH 36  1038 36   HOH HOH A . 
D 4 HOH 37  1039 37   HOH HOH A . 
D 4 HOH 38  1040 38   HOH HOH A . 
D 4 HOH 39  1041 39   HOH HOH A . 
D 4 HOH 40  1042 40   HOH HOH A . 
D 4 HOH 41  1043 41   HOH HOH A . 
D 4 HOH 42  1044 42   HOH HOH A . 
D 4 HOH 43  1045 43   HOH HOH A . 
D 4 HOH 44  1046 44   HOH HOH A . 
D 4 HOH 45  1047 45   HOH HOH A . 
D 4 HOH 46  1048 46   HOH HOH A . 
D 4 HOH 47  1049 47   HOH HOH A . 
D 4 HOH 48  1050 48   HOH HOH A . 
D 4 HOH 49  1051 49   HOH HOH A . 
D 4 HOH 50  1052 50   HOH HOH A . 
D 4 HOH 51  1053 51   HOH HOH A . 
D 4 HOH 52  1054 52   HOH HOH A . 
D 4 HOH 53  1055 53   HOH HOH A . 
D 4 HOH 54  1056 54   HOH HOH A . 
D 4 HOH 55  1057 55   HOH HOH A . 
D 4 HOH 56  1058 56   HOH HOH A . 
D 4 HOH 57  1059 57   HOH HOH A . 
D 4 HOH 58  1060 58   HOH HOH A . 
D 4 HOH 59  1061 59   HOH HOH A . 
D 4 HOH 60  1062 60   HOH HOH A . 
D 4 HOH 61  1063 61   HOH HOH A . 
D 4 HOH 62  1064 62   HOH HOH A . 
D 4 HOH 63  1065 63   HOH HOH A . 
D 4 HOH 64  1066 64   HOH HOH A . 
D 4 HOH 65  1067 65   HOH HOH A . 
D 4 HOH 66  1068 66   HOH HOH A . 
D 4 HOH 67  1069 67   HOH HOH A . 
D 4 HOH 68  1070 68   HOH HOH A . 
D 4 HOH 69  1071 69   HOH HOH A . 
D 4 HOH 70  1072 70   HOH HOH A . 
D 4 HOH 71  1073 71   HOH HOH A . 
D 4 HOH 72  1074 72   HOH HOH A . 
D 4 HOH 73  1075 73   HOH HOH A . 
D 4 HOH 74  1076 74   HOH HOH A . 
D 4 HOH 75  1077 75   HOH HOH A . 
D 4 HOH 76  1078 76   HOH HOH A . 
D 4 HOH 77  1079 77   HOH HOH A . 
D 4 HOH 78  1080 78   HOH HOH A . 
D 4 HOH 79  1081 79   HOH HOH A . 
D 4 HOH 80  1082 80   HOH HOH A . 
D 4 HOH 81  1083 81   HOH HOH A . 
D 4 HOH 82  1084 82   HOH HOH A . 
D 4 HOH 83  1085 83   HOH HOH A . 
D 4 HOH 84  1086 84   HOH HOH A . 
D 4 HOH 85  1087 85   HOH HOH A . 
D 4 HOH 86  1088 86   HOH HOH A . 
D 4 HOH 87  1089 87   HOH HOH A . 
D 4 HOH 88  1090 88   HOH HOH A . 
D 4 HOH 89  1091 89   HOH HOH A . 
D 4 HOH 90  1092 90   HOH HOH A . 
D 4 HOH 91  1093 91   HOH HOH A . 
D 4 HOH 92  1094 92   HOH HOH A . 
D 4 HOH 93  1095 93   HOH HOH A . 
D 4 HOH 94  1096 94   HOH HOH A . 
D 4 HOH 95  1097 95   HOH HOH A . 
D 4 HOH 96  1098 96   HOH HOH A . 
D 4 HOH 97  1099 97   HOH HOH A . 
D 4 HOH 98  1100 98   HOH HOH A . 
D 4 HOH 99  1101 99   HOH HOH A . 
D 4 HOH 100 1102 100  HOH HOH A . 
D 4 HOH 101 1103 101  HOH HOH A . 
D 4 HOH 102 1104 102  HOH HOH A . 
D 4 HOH 103 1105 103  HOH HOH A . 
D 4 HOH 104 1106 104  HOH HOH A . 
D 4 HOH 105 1107 105  HOH HOH A . 
D 4 HOH 106 1108 106  HOH HOH A . 
D 4 HOH 107 1109 107  HOH HOH A . 
D 4 HOH 108 1110 108  HOH HOH A . 
D 4 HOH 109 1111 109  HOH HOH A . 
D 4 HOH 110 1112 110  HOH HOH A . 
D 4 HOH 111 1113 111  HOH HOH A . 
D 4 HOH 112 1114 112  HOH HOH A . 
D 4 HOH 113 1115 113  HOH HOH A . 
D 4 HOH 114 1116 114  HOH HOH A . 
D 4 HOH 115 1117 115  HOH HOH A . 
D 4 HOH 116 1118 116  HOH HOH A . 
D 4 HOH 117 1119 117  HOH HOH A . 
D 4 HOH 118 1120 118  HOH HOH A . 
D 4 HOH 119 1121 119  HOH HOH A . 
D 4 HOH 120 1122 120  HOH HOH A . 
D 4 HOH 121 1123 121  HOH HOH A . 
D 4 HOH 122 1124 122  HOH HOH A . 
D 4 HOH 123 1125 123  HOH HOH A . 
D 4 HOH 124 1126 124  HOH HOH A . 
D 4 HOH 125 1127 125  HOH HOH A . 
D 4 HOH 126 1128 126  HOH HOH A . 
D 4 HOH 127 1129 127  HOH HOH A . 
D 4 HOH 128 1130 128  HOH HOH A . 
D 4 HOH 129 1131 129  HOH HOH A . 
D 4 HOH 130 1132 130  HOH HOH A . 
D 4 HOH 131 1133 131  HOH HOH A . 
D 4 HOH 132 1134 132  HOH HOH A . 
D 4 HOH 133 1135 133  HOH HOH A . 
D 4 HOH 134 1136 134  HOH HOH A . 
D 4 HOH 135 1137 135  HOH HOH A . 
D 4 HOH 136 1138 136  HOH HOH A . 
D 4 HOH 137 1139 137  HOH HOH A . 
D 4 HOH 138 1140 138  HOH HOH A . 
D 4 HOH 139 1141 139  HOH HOH A . 
D 4 HOH 140 1142 140  HOH HOH A . 
D 4 HOH 141 1143 141  HOH HOH A . 
D 4 HOH 142 1144 142  HOH HOH A . 
D 4 HOH 143 1145 143  HOH HOH A . 
D 4 HOH 144 1146 144  HOH HOH A . 
D 4 HOH 145 1147 145  HOH HOH A . 
D 4 HOH 146 1148 146  HOH HOH A . 
D 4 HOH 147 1149 147  HOH HOH A . 
D 4 HOH 148 1150 148  HOH HOH A . 
D 4 HOH 149 1151 149  HOH HOH A . 
D 4 HOH 150 1152 150  HOH HOH A . 
D 4 HOH 151 1153 151  HOH HOH A . 
D 4 HOH 152 1154 152  HOH HOH A . 
D 4 HOH 153 1155 153  HOH HOH A . 
D 4 HOH 154 1156 154  HOH HOH A . 
D 4 HOH 155 1157 155  HOH HOH A . 
D 4 HOH 156 1158 156  HOH HOH A . 
D 4 HOH 157 1159 157  HOH HOH A . 
D 4 HOH 158 1160 158  HOH HOH A . 
D 4 HOH 159 1161 159  HOH HOH A . 
D 4 HOH 160 1162 160  HOH HOH A . 
D 4 HOH 161 1163 161  HOH HOH A . 
D 4 HOH 162 1164 162  HOH HOH A . 
D 4 HOH 163 1165 163  HOH HOH A . 
D 4 HOH 164 1166 164  HOH HOH A . 
D 4 HOH 165 1167 165  HOH HOH A . 
D 4 HOH 166 1168 166  HOH HOH A . 
D 4 HOH 167 1169 167  HOH HOH A . 
D 4 HOH 168 1170 168  HOH HOH A . 
D 4 HOH 169 1171 169  HOH HOH A . 
# 
loop_
_software.name 
_software.classification 
_software.version 
_software.citation_id 
_software.pdbx_ordinal 
HKL-2000  'data collection' .   ? 1 
SCALEPACK 'data scaling'    .   ? 2 
EPMR      phasing           .   ? 3 
CNS       refinement        0.9 ? 4 
HKL-2000  'data reduction'  .   ? 5 
# 
_cell.entry_id           2ESB 
_cell.length_a           35.740 
_cell.length_b           96.083 
_cell.length_c           116.654 
_cell.angle_alpha        90.00 
_cell.angle_beta         90.00 
_cell.angle_gamma        90.00 
_cell.Z_PDB              8 
_cell.pdbx_unique_axis   ? 
_cell.length_a_esd       ? 
_cell.length_b_esd       ? 
_cell.length_c_esd       ? 
_cell.angle_alpha_esd    ? 
_cell.angle_beta_esd     ? 
_cell.angle_gamma_esd    ? 
# 
_symmetry.entry_id                         2ESB 
_symmetry.space_group_name_H-M             'C 2 2 21' 
_symmetry.pdbx_full_space_group_name_H-M   ? 
_symmetry.cell_setting                     ? 
_symmetry.Int_Tables_number                20 
_symmetry.space_group_name_Hall            ? 
# 
_exptl.entry_id          2ESB 
_exptl.method            'X-RAY DIFFRACTION' 
_exptl.crystals_number   1 
# 
_exptl_crystal.id                    1 
_exptl_crystal.density_meas          ? 
_exptl_crystal.density_Matthews      2.37 
_exptl_crystal.density_percent_sol   48.17 
_exptl_crystal.description           ? 
_exptl_crystal.F_000                 ? 
_exptl_crystal.preparation           ? 
# 
_exptl_crystal_grow.crystal_id      1 
_exptl_crystal_grow.method          'VAPOR DIFFUSION, HANGING DROP' 
_exptl_crystal_grow.temp            293 
_exptl_crystal_grow.temp_details    ? 
_exptl_crystal_grow.pH              7.5 
_exptl_crystal_grow.pdbx_details    
'0.1M HEPES-NaOH, 10% isopropanol, 20% PEG 4000, pH 7.5, VAPOR DIFFUSION, HANGING DROP, temperature 293K' 
_exptl_crystal_grow.pdbx_pH_range   . 
# 
_diffrn.id                     1 
_diffrn.ambient_temp           100 
_diffrn.ambient_temp_details   ? 
_diffrn.crystal_id             1 
# 
_diffrn_detector.diffrn_id              1 
_diffrn_detector.detector               CCD 
_diffrn_detector.type                   'ADSC QUANTUM 4' 
_diffrn_detector.pdbx_collection_date   2005-03-20 
_diffrn_detector.details                ? 
# 
_diffrn_radiation.diffrn_id                        1 
_diffrn_radiation.wavelength_id                    1 
_diffrn_radiation.pdbx_monochromatic_or_laue_m_l   M 
_diffrn_radiation.monochromator                    mirror 
_diffrn_radiation.pdbx_diffrn_protocol             'SINGLE WAVELENGTH' 
_diffrn_radiation.pdbx_scattering_type             x-ray 
# 
_diffrn_radiation_wavelength.id           1 
_diffrn_radiation_wavelength.wavelength   1.0 
_diffrn_radiation_wavelength.wt           1.0 
# 
_diffrn_source.diffrn_id                   1 
_diffrn_source.source                      SYNCHROTRON 
_diffrn_source.type                        'PAL/PLS BEAMLINE 4A' 
_diffrn_source.pdbx_synchrotron_site       PAL/PLS 
_diffrn_source.pdbx_synchrotron_beamline   4A 
_diffrn_source.pdbx_wavelength             ? 
_diffrn_source.pdbx_wavelength_list        1.0 
# 
_reflns.entry_id                     2ESB 
_reflns.observed_criterion_sigma_I   1 
_reflns.observed_criterion_sigma_F   1 
_reflns.d_resolution_low             40 
_reflns.d_resolution_high            2.0 
_reflns.number_obs                   13478 
_reflns.number_all                   13478 
_reflns.percent_possible_obs         96.3 
_reflns.pdbx_Rmerge_I_obs            0.107 
_reflns.pdbx_Rsym_value              0.107 
_reflns.pdbx_netI_over_sigmaI        ? 
_reflns.B_iso_Wilson_estimate        ? 
_reflns.pdbx_redundancy              ? 
_reflns.R_free_details               ? 
_reflns.limit_h_max                  ? 
_reflns.limit_h_min                  ? 
_reflns.limit_k_max                  ? 
_reflns.limit_k_min                  ? 
_reflns.limit_l_max                  ? 
_reflns.limit_l_min                  ? 
_reflns.observed_criterion_F_max     ? 
_reflns.observed_criterion_F_min     ? 
_reflns.pdbx_chi_squared             ? 
_reflns.pdbx_scaling_rejects         ? 
_reflns.pdbx_diffrn_id               1 
_reflns.pdbx_ordinal                 1 
# 
_reflns_shell.d_res_high             2.0 
_reflns_shell.d_res_low              2.07 
_reflns_shell.percent_possible_all   93.6 
_reflns_shell.Rmerge_I_obs           0.196 
_reflns_shell.pdbx_Rsym_value        ? 
_reflns_shell.meanI_over_sigI_obs    ? 
_reflns_shell.pdbx_redundancy        ? 
_reflns_shell.percent_possible_obs   ? 
_reflns_shell.number_unique_all      ? 
_reflns_shell.number_measured_all    ? 
_reflns_shell.number_measured_obs    ? 
_reflns_shell.number_unique_obs      ? 
_reflns_shell.pdbx_chi_squared       ? 
_reflns_shell.pdbx_diffrn_id         ? 
_reflns_shell.pdbx_ordinal           1 
# 
_refine.entry_id                                 2ESB 
_refine.ls_number_reflns_obs                     13478 
_refine.ls_number_reflns_all                     13478 
_refine.pdbx_ls_sigma_I                          ? 
_refine.pdbx_ls_sigma_F                          0 
_refine.pdbx_data_cutoff_high_absF               ? 
_refine.pdbx_data_cutoff_low_absF                ? 
_refine.pdbx_data_cutoff_high_rms_absF           ? 
_refine.ls_d_res_low                             40 
_refine.ls_d_res_high                            2. 
_refine.ls_percent_reflns_obs                    ? 
_refine.ls_R_factor_obs                          0.161 
_refine.ls_R_factor_all                          0.161 
_refine.ls_R_factor_R_work                       0.159 
_refine.ls_R_factor_R_free                       0.189 
_refine.ls_R_factor_R_free_error                 ? 
_refine.ls_R_factor_R_free_error_details         ? 
_refine.ls_percent_reflns_R_free                 ? 
_refine.ls_number_reflns_R_free                  685 
_refine.ls_number_parameters                     ? 
_refine.ls_number_restraints                     ? 
_refine.occupancy_min                            ? 
_refine.occupancy_max                            ? 
_refine.correlation_coeff_Fo_to_Fc               ? 
_refine.correlation_coeff_Fo_to_Fc_free          ? 
_refine.B_iso_mean                               ? 
_refine.aniso_B[1][1]                            ? 
_refine.aniso_B[2][2]                            ? 
_refine.aniso_B[3][3]                            ? 
_refine.aniso_B[1][2]                            ? 
_refine.aniso_B[1][3]                            ? 
_refine.aniso_B[2][3]                            ? 
_refine.solvent_model_details                    ? 
_refine.solvent_model_param_ksol                 ? 
_refine.solvent_model_param_bsol                 ? 
_refine.pdbx_solvent_vdw_probe_radii             ? 
_refine.pdbx_solvent_ion_probe_radii             ? 
_refine.pdbx_solvent_shrinkage_radii             ? 
_refine.pdbx_ls_cross_valid_method               ? 
_refine.details                                  ? 
_refine.pdbx_starting_model                      ? 
_refine.pdbx_method_to_determine_struct          'MOLECULAR REPLACEMENT' 
_refine.pdbx_isotropic_thermal_model             ? 
_refine.pdbx_stereochemistry_target_values       'Engh & Huber' 
_refine.pdbx_stereochem_target_val_spec_case     ? 
_refine.pdbx_R_Free_selection_details            random 
_refine.pdbx_overall_ESU_R                       ? 
_refine.pdbx_overall_ESU_R_Free                  ? 
_refine.overall_SU_ML                            ? 
_refine.overall_SU_B                             ? 
_refine.ls_redundancy_reflns_obs                 ? 
_refine.B_iso_min                                ? 
_refine.B_iso_max                                ? 
_refine.overall_SU_R_Cruickshank_DPI             ? 
_refine.overall_SU_R_free                        ? 
_refine.ls_wR_factor_R_free                      ? 
_refine.ls_wR_factor_R_work                      ? 
_refine.overall_FOM_free_R_set                   ? 
_refine.overall_FOM_work_R_set                   ? 
_refine.pdbx_refine_id                           'X-RAY DIFFRACTION' 
_refine.pdbx_diffrn_id                           1 
_refine.pdbx_TLS_residual_ADP_flag               ? 
_refine.pdbx_overall_phase_error                 ? 
_refine.pdbx_overall_SU_R_free_Cruickshank_DPI   ? 
_refine.pdbx_overall_SU_R_Blow_DPI               ? 
_refine.pdbx_overall_SU_R_free_Blow_DPI          ? 
# 
_refine_hist.pdbx_refine_id                   'X-RAY DIFFRACTION' 
_refine_hist.cycle_id                         LAST 
_refine_hist.pdbx_number_atoms_protein        1269 
_refine_hist.pdbx_number_atoms_nucleic_acid   0 
_refine_hist.pdbx_number_atoms_ligand         19 
_refine_hist.number_atoms_solvent             169 
_refine_hist.number_atoms_total               1457 
_refine_hist.d_res_high                       2. 
_refine_hist.d_res_low                        40 
# 
loop_
_refine_ls_restr.type 
_refine_ls_restr.dev_ideal 
_refine_ls_restr.dev_ideal_target 
_refine_ls_restr.weight 
_refine_ls_restr.number 
_refine_ls_restr.pdbx_refine_id 
_refine_ls_restr.pdbx_restraint_function 
c_bond_d           0.008 ? ? ? 'X-RAY DIFFRACTION' ? 
c_angle_deg        1.4   ? ? ? 'X-RAY DIFFRACTION' ? 
c_improper_angle_d 0.8   ? ? ? 'X-RAY DIFFRACTION' ? 
c_dihedral_angle_d 22.7  ? ? ? 'X-RAY DIFFRACTION' ? 
# 
_struct.entry_id                  2ESB 
_struct.title                     'Crystal structure of human DUSP18' 
_struct.pdbx_model_details        ? 
_struct.pdbx_CASP_flag            ? 
_struct.pdbx_model_type_details   ? 
# 
_struct_keywords.entry_id        2ESB 
_struct_keywords.pdbx_keywords   HYDROLASE 
_struct_keywords.text            'alpha/beta structure, hydrolase' 
# 
loop_
_struct_asym.id 
_struct_asym.pdbx_blank_PDB_chainid_flag 
_struct_asym.pdbx_modified 
_struct_asym.entity_id 
_struct_asym.details 
A N N 1 ? 
B N N 2 ? 
C N N 3 ? 
D N N 4 ? 
# 
_struct_ref.id                         1 
_struct_ref.db_name                    UNP 
_struct_ref.db_code                    DUS18_HUMAN 
_struct_ref.pdbx_db_accession          Q8NEJ0 
_struct_ref.entity_id                  1 
_struct_ref.pdbx_align_begin           1 
_struct_ref.pdbx_db_isoform            ? 
_struct_ref.pdbx_seq_one_letter_code   ? 
# 
_struct_ref_seq.align_id                      1 
_struct_ref_seq.ref_id                        1 
_struct_ref_seq.pdbx_PDB_id_code              2ESB 
_struct_ref_seq.pdbx_strand_id                A 
_struct_ref_seq.seq_align_beg                 1 
_struct_ref_seq.pdbx_seq_align_beg_ins_code   ? 
_struct_ref_seq.seq_align_end                 188 
_struct_ref_seq.pdbx_seq_align_end_ins_code   ? 
_struct_ref_seq.pdbx_db_accession             Q8NEJ0 
_struct_ref_seq.db_align_beg                  1 
_struct_ref_seq.pdbx_db_align_beg_ins_code    ? 
_struct_ref_seq.db_align_end                  188 
_struct_ref_seq.pdbx_db_align_end_ins_code    ? 
_struct_ref_seq.pdbx_auth_seq_align_beg       1 
_struct_ref_seq.pdbx_auth_seq_align_end       188 
# 
_pdbx_struct_assembly.id                   1 
_pdbx_struct_assembly.details              author_defined_assembly 
_pdbx_struct_assembly.method_details       ? 
_pdbx_struct_assembly.oligomeric_details   monomeric 
_pdbx_struct_assembly.oligomeric_count     1 
# 
_pdbx_struct_assembly_gen.assembly_id       1 
_pdbx_struct_assembly_gen.oper_expression   1 
_pdbx_struct_assembly_gen.asym_id_list      A,B,C,D 
# 
_pdbx_struct_oper_list.id                   1 
_pdbx_struct_oper_list.type                 'identity operation' 
_pdbx_struct_oper_list.name                 1_555 
_pdbx_struct_oper_list.symmetry_operation   x,y,z 
_pdbx_struct_oper_list.matrix[1][1]         1.0000000000 
_pdbx_struct_oper_list.matrix[1][2]         0.0000000000 
_pdbx_struct_oper_list.matrix[1][3]         0.0000000000 
_pdbx_struct_oper_list.vector[1]            0.0000000000 
_pdbx_struct_oper_list.matrix[2][1]         0.0000000000 
_pdbx_struct_oper_list.matrix[2][2]         1.0000000000 
_pdbx_struct_oper_list.matrix[2][3]         0.0000000000 
_pdbx_struct_oper_list.vector[2]            0.0000000000 
_pdbx_struct_oper_list.matrix[3][1]         0.0000000000 
_pdbx_struct_oper_list.matrix[3][2]         0.0000000000 
_pdbx_struct_oper_list.matrix[3][3]         1.0000000000 
_pdbx_struct_oper_list.vector[3]            0.0000000000 
# 
loop_
_struct_conf.conf_type_id 
_struct_conf.id 
_struct_conf.pdbx_PDB_helix_id 
_struct_conf.beg_label_comp_id 
_struct_conf.beg_label_asym_id 
_struct_conf.beg_label_seq_id 
_struct_conf.pdbx_beg_PDB_ins_code 
_struct_conf.end_label_comp_id 
_struct_conf.end_label_asym_id 
_struct_conf.end_label_seq_id 
_struct_conf.pdbx_end_PDB_ins_code 
_struct_conf.beg_auth_comp_id 
_struct_conf.beg_auth_asym_id 
_struct_conf.beg_auth_seq_id 
_struct_conf.end_auth_comp_id 
_struct_conf.end_auth_asym_id 
_struct_conf.end_auth_seq_id 
_struct_conf.pdbx_PDB_helix_class 
_struct_conf.details 
_struct_conf.pdbx_PDB_helix_length 
HELX_P HELX_P1 1 VAL A 33  ? ASN A 36  ? VAL A 33  ASN A 36  5 ? 4  
HELX_P HELX_P2 2 ASN A 37  ? ASN A 44  ? ASN A 37  ASN A 44  1 ? 8  
HELX_P HELX_P3 3 ARG A 78  ? ASP A 81  ? ARG A 78  ASP A 81  5 ? 4  
HELX_P HELX_P4 4 PHE A 82  ? LYS A 96  ? PHE A 82  LYS A 96  1 ? 15 
HELX_P HELX_P5 5 SER A 109 ? HIS A 123 ? SER A 109 HIS A 123 1 ? 15 
HELX_P HELX_P6 6 SER A 126 ? ARG A 138 ? SER A 126 ARG A 138 1 ? 13 
HELX_P HELX_P7 7 ASN A 144 ? GLY A 160 ? ASN A 144 GLY A 160 1 ? 17 
HELX_P HELX_P8 8 ILE A 177 ? GLU A 179 ? ILE A 177 GLU A 179 5 ? 3  
# 
_struct_conf_type.id          HELX_P 
_struct_conf_type.criteria    ? 
_struct_conf_type.reference   ? 
# 
loop_
_struct_sheet.id 
_struct_sheet.type 
_struct_sheet.number_strands 
_struct_sheet.details 
A ? 5 ? 
B ? 2 ? 
# 
loop_
_struct_sheet_order.sheet_id 
_struct_sheet_order.range_id_1 
_struct_sheet_order.range_id_2 
_struct_sheet_order.offset 
_struct_sheet_order.sense 
A 1 2 ? anti-parallel 
A 2 3 ? parallel      
A 3 4 ? parallel      
A 4 5 ? parallel      
B 1 2 ? anti-parallel 
# 
loop_
_struct_sheet_range.sheet_id 
_struct_sheet_range.id 
_struct_sheet_range.beg_label_comp_id 
_struct_sheet_range.beg_label_asym_id 
_struct_sheet_range.beg_label_seq_id 
_struct_sheet_range.pdbx_beg_PDB_ins_code 
_struct_sheet_range.end_label_comp_id 
_struct_sheet_range.end_label_asym_id 
_struct_sheet_range.end_label_seq_id 
_struct_sheet_range.pdbx_end_PDB_ins_code 
_struct_sheet_range.beg_auth_comp_id 
_struct_sheet_range.beg_auth_asym_id 
_struct_sheet_range.beg_auth_seq_id 
_struct_sheet_range.end_auth_comp_id 
_struct_sheet_range.end_auth_asym_id 
_struct_sheet_range.end_auth_seq_id 
A 1 SER A 21  ? THR A 24  ? SER A 21  THR A 24  
A 2 LEU A 27  ? SER A 30  ? LEU A 27  SER A 30  
A 3 THR A 100 ? HIS A 103 ? THR A 100 HIS A 103 
A 4 MET A 48  ? ASN A 51  ? MET A 48  ASN A 51  
A 5 GLN A 65  ? GLN A 68  ? GLN A 65  GLN A 68  
B 1 MET A 166 ? VAL A 167 ? MET A 166 VAL A 167 
B 2 ILE A 174 ? PRO A 175 ? ILE A 174 PRO A 175 
# 
loop_
_pdbx_struct_sheet_hbond.sheet_id 
_pdbx_struct_sheet_hbond.range_id_1 
_pdbx_struct_sheet_hbond.range_id_2 
_pdbx_struct_sheet_hbond.range_1_label_atom_id 
_pdbx_struct_sheet_hbond.range_1_label_comp_id 
_pdbx_struct_sheet_hbond.range_1_label_asym_id 
_pdbx_struct_sheet_hbond.range_1_label_seq_id 
_pdbx_struct_sheet_hbond.range_1_PDB_ins_code 
_pdbx_struct_sheet_hbond.range_1_auth_atom_id 
_pdbx_struct_sheet_hbond.range_1_auth_comp_id 
_pdbx_struct_sheet_hbond.range_1_auth_asym_id 
_pdbx_struct_sheet_hbond.range_1_auth_seq_id 
_pdbx_struct_sheet_hbond.range_2_label_atom_id 
_pdbx_struct_sheet_hbond.range_2_label_comp_id 
_pdbx_struct_sheet_hbond.range_2_label_asym_id 
_pdbx_struct_sheet_hbond.range_2_label_seq_id 
_pdbx_struct_sheet_hbond.range_2_PDB_ins_code 
_pdbx_struct_sheet_hbond.range_2_auth_atom_id 
_pdbx_struct_sheet_hbond.range_2_auth_comp_id 
_pdbx_struct_sheet_hbond.range_2_auth_asym_id 
_pdbx_struct_sheet_hbond.range_2_auth_seq_id 
A 1 2 N SER A 21  ? N SER A 21  O ILE A 29  ? O ILE A 29  
A 2 3 N TYR A 28  ? N TYR A 28  O LEU A 102 ? O LEU A 102 
A 3 4 O LEU A 101 ? O LEU A 101 N ILE A 50  ? N ILE A 50  
A 4 5 N VAL A 49  ? N VAL A 49  O GLN A 65  ? O GLN A 65  
B 1 2 N VAL A 167 ? N VAL A 167 O ILE A 174 ? O ILE A 174 
# 
loop_
_struct_site.id 
_struct_site.pdbx_evidence_code 
_struct_site.pdbx_auth_asym_id 
_struct_site.pdbx_auth_comp_id 
_struct_site.pdbx_auth_seq_id 
_struct_site.pdbx_auth_ins_code 
_struct_site.pdbx_num_residues 
_struct_site.details 
AC1 Software A ACT 1001 ? 3  'BINDING SITE FOR RESIDUE ACT A 1001' 
AC2 Software A EPE 1002 ? 10 'BINDING SITE FOR RESIDUE EPE A 1002' 
# 
loop_
_struct_site_gen.id 
_struct_site_gen.site_id 
_struct_site_gen.pdbx_num_res 
_struct_site_gen.label_comp_id 
_struct_site_gen.label_asym_id 
_struct_site_gen.label_seq_id 
_struct_site_gen.pdbx_auth_ins_code 
_struct_site_gen.auth_comp_id 
_struct_site_gen.auth_asym_id 
_struct_site_gen.auth_seq_id 
_struct_site_gen.label_atom_id 
_struct_site_gen.label_alt_id 
_struct_site_gen.symmetry 
_struct_site_gen.details 
1  AC1 3  THR A 24  ? THR A 24   . ? 1_555 ? 
2  AC1 3  LYS A 25  ? LYS A 25   . ? 1_555 ? 
3  AC1 3  HIS A 123 ? HIS A 123  . ? 4_565 ? 
4  AC2 10 ASP A 73  ? ASP A 73   . ? 1_555 ? 
5  AC2 10 CYS A 104 ? CYS A 104  . ? 1_555 ? 
6  AC2 10 ALA A 105 ? ALA A 105  . ? 1_555 ? 
7  AC2 10 ALA A 106 ? ALA A 106  . ? 1_555 ? 
8  AC2 10 GLY A 107 ? GLY A 107  . ? 1_555 ? 
9  AC2 10 VAL A 108 ? VAL A 108  . ? 1_555 ? 
10 AC2 10 SER A 109 ? SER A 109  . ? 1_555 ? 
11 AC2 10 ARG A 110 ? ARG A 110  . ? 1_555 ? 
12 AC2 10 HOH D .   ? HOH A 1063 . ? 1_555 ? 
13 AC2 10 HOH D .   ? HOH A 1152 . ? 1_555 ? 
# 
loop_
_pdbx_validate_torsion.id 
_pdbx_validate_torsion.PDB_model_num 
_pdbx_validate_torsion.auth_comp_id 
_pdbx_validate_torsion.auth_asym_id 
_pdbx_validate_torsion.auth_seq_id 
_pdbx_validate_torsion.PDB_ins_code 
_pdbx_validate_torsion.label_alt_id 
_pdbx_validate_torsion.phi 
_pdbx_validate_torsion.psi 
1 1 CYS A 104 ? ? -138.24 -143.28 
2 1 SER A 109 ? ? -106.53 -64.76  
3 1 ARG A 142 ? ? -161.93 84.77   
# 
_pdbx_struct_special_symmetry.id              1 
_pdbx_struct_special_symmetry.PDB_model_num   1 
_pdbx_struct_special_symmetry.auth_asym_id    A 
_pdbx_struct_special_symmetry.auth_comp_id    HOH 
_pdbx_struct_special_symmetry.auth_seq_id     1160 
_pdbx_struct_special_symmetry.PDB_ins_code    ? 
_pdbx_struct_special_symmetry.label_asym_id   D 
_pdbx_struct_special_symmetry.label_comp_id   HOH 
_pdbx_struct_special_symmetry.label_seq_id    . 
# 
loop_
_pdbx_unobs_or_zero_occ_residues.id 
_pdbx_unobs_or_zero_occ_residues.PDB_model_num 
_pdbx_unobs_or_zero_occ_residues.polymer_flag 
_pdbx_unobs_or_zero_occ_residues.occupancy_flag 
_pdbx_unobs_or_zero_occ_residues.auth_asym_id 
_pdbx_unobs_or_zero_occ_residues.auth_comp_id 
_pdbx_unobs_or_zero_occ_residues.auth_seq_id 
_pdbx_unobs_or_zero_occ_residues.PDB_ins_code 
_pdbx_unobs_or_zero_occ_residues.label_asym_id 
_pdbx_unobs_or_zero_occ_residues.label_comp_id 
_pdbx_unobs_or_zero_occ_residues.label_seq_id 
1  1 Y 1 A MET 1   ? A MET 1   
2  1 Y 1 A THR 2   ? A THR 2   
3  1 Y 1 A ALA 3   ? A ALA 3   
4  1 Y 1 A PRO 4   ? A PRO 4   
5  1 Y 1 A SER 5   ? A SER 5   
6  1 Y 1 A CYS 6   ? A CYS 6   
7  1 Y 1 A ALA 7   ? A ALA 7   
8  1 Y 1 A PHE 8   ? A PHE 8   
9  1 Y 1 A PRO 9   ? A PRO 9   
10 1 Y 1 A VAL 10  ? A VAL 10  
11 1 Y 1 A GLN 11  ? A GLN 11  
12 1 Y 1 A PHE 12  ? A PHE 12  
13 1 Y 1 A ARG 13  ? A ARG 13  
14 1 Y 1 A GLN 14  ? A GLN 14  
15 1 Y 1 A PRO 15  ? A PRO 15  
16 1 Y 1 A SER 16  ? A SER 16  
17 1 Y 1 A VAL 17  ? A VAL 17  
18 1 Y 1 A LYS 180 ? A LYS 180 
19 1 Y 1 A GLU 181 ? A GLU 181 
20 1 Y 1 A VAL 182 ? A VAL 182 
21 1 Y 1 A ARG 183 ? A ARG 183 
22 1 Y 1 A LEU 184 ? A LEU 184 
23 1 Y 1 A MET 185 ? A MET 185 
24 1 Y 1 A ILE 186 ? A ILE 186 
25 1 Y 1 A PRO 187 ? A PRO 187 
26 1 Y 1 A LEU 188 ? A LEU 188 
# 
loop_
_chem_comp_atom.comp_id 
_chem_comp_atom.atom_id 
_chem_comp_atom.type_symbol 
_chem_comp_atom.pdbx_aromatic_flag 
_chem_comp_atom.pdbx_stereo_config 
_chem_comp_atom.pdbx_ordinal 
ACT C    C N N 1   
ACT O    O N N 2   
ACT OXT  O N N 3   
ACT CH3  C N N 4   
ACT H1   H N N 5   
ACT H2   H N N 6   
ACT H3   H N N 7   
ALA N    N N N 8   
ALA CA   C N S 9   
ALA C    C N N 10  
ALA O    O N N 11  
ALA CB   C N N 12  
ALA OXT  O N N 13  
ALA H    H N N 14  
ALA H2   H N N 15  
ALA HA   H N N 16  
ALA HB1  H N N 17  
ALA HB2  H N N 18  
ALA HB3  H N N 19  
ALA HXT  H N N 20  
ARG N    N N N 21  
ARG CA   C N S 22  
ARG C    C N N 23  
ARG O    O N N 24  
ARG CB   C N N 25  
ARG CG   C N N 26  
ARG CD   C N N 27  
ARG NE   N N N 28  
ARG CZ   C N N 29  
ARG NH1  N N N 30  
ARG NH2  N N N 31  
ARG OXT  O N N 32  
ARG H    H N N 33  
ARG H2   H N N 34  
ARG HA   H N N 35  
ARG HB2  H N N 36  
ARG HB3  H N N 37  
ARG HG2  H N N 38  
ARG HG3  H N N 39  
ARG HD2  H N N 40  
ARG HD3  H N N 41  
ARG HE   H N N 42  
ARG HH11 H N N 43  
ARG HH12 H N N 44  
ARG HH21 H N N 45  
ARG HH22 H N N 46  
ARG HXT  H N N 47  
ASN N    N N N 48  
ASN CA   C N S 49  
ASN C    C N N 50  
ASN O    O N N 51  
ASN CB   C N N 52  
ASN CG   C N N 53  
ASN OD1  O N N 54  
ASN ND2  N N N 55  
ASN OXT  O N N 56  
ASN H    H N N 57  
ASN H2   H N N 58  
ASN HA   H N N 59  
ASN HB2  H N N 60  
ASN HB3  H N N 61  
ASN HD21 H N N 62  
ASN HD22 H N N 63  
ASN HXT  H N N 64  
ASP N    N N N 65  
ASP CA   C N S 66  
ASP C    C N N 67  
ASP O    O N N 68  
ASP CB   C N N 69  
ASP CG   C N N 70  
ASP OD1  O N N 71  
ASP OD2  O N N 72  
ASP OXT  O N N 73  
ASP H    H N N 74  
ASP H2   H N N 75  
ASP HA   H N N 76  
ASP HB2  H N N 77  
ASP HB3  H N N 78  
ASP HD2  H N N 79  
ASP HXT  H N N 80  
CYS N    N N N 81  
CYS CA   C N R 82  
CYS C    C N N 83  
CYS O    O N N 84  
CYS CB   C N N 85  
CYS SG   S N N 86  
CYS OXT  O N N 87  
CYS H    H N N 88  
CYS H2   H N N 89  
CYS HA   H N N 90  
CYS HB2  H N N 91  
CYS HB3  H N N 92  
CYS HG   H N N 93  
CYS HXT  H N N 94  
EPE N1   N N N 95  
EPE C2   C N N 96  
EPE C3   C N N 97  
EPE N4   N N N 98  
EPE C5   C N N 99  
EPE C6   C N N 100 
EPE C7   C N N 101 
EPE C8   C N N 102 
EPE O8   O N N 103 
EPE C9   C N N 104 
EPE C10  C N N 105 
EPE S    S N N 106 
EPE O1S  O N N 107 
EPE O2S  O N N 108 
EPE O3S  O N N 109 
EPE H21  H N N 110 
EPE H22  H N N 111 
EPE H31  H N N 112 
EPE H32  H N N 113 
EPE H51  H N N 114 
EPE H52  H N N 115 
EPE H61  H N N 116 
EPE H62  H N N 117 
EPE H71  H N N 118 
EPE H72  H N N 119 
EPE H81  H N N 120 
EPE H82  H N N 121 
EPE HO8  H N N 122 
EPE H91  H N N 123 
EPE H92  H N N 124 
EPE H101 H N N 125 
EPE H102 H N N 126 
EPE HOS3 H N N 127 
GLN N    N N N 128 
GLN CA   C N S 129 
GLN C    C N N 130 
GLN O    O N N 131 
GLN CB   C N N 132 
GLN CG   C N N 133 
GLN CD   C N N 134 
GLN OE1  O N N 135 
GLN NE2  N N N 136 
GLN OXT  O N N 137 
GLN H    H N N 138 
GLN H2   H N N 139 
GLN HA   H N N 140 
GLN HB2  H N N 141 
GLN HB3  H N N 142 
GLN HG2  H N N 143 
GLN HG3  H N N 144 
GLN HE21 H N N 145 
GLN HE22 H N N 146 
GLN HXT  H N N 147 
GLU N    N N N 148 
GLU CA   C N S 149 
GLU C    C N N 150 
GLU O    O N N 151 
GLU CB   C N N 152 
GLU CG   C N N 153 
GLU CD   C N N 154 
GLU OE1  O N N 155 
GLU OE2  O N N 156 
GLU OXT  O N N 157 
GLU H    H N N 158 
GLU H2   H N N 159 
GLU HA   H N N 160 
GLU HB2  H N N 161 
GLU HB3  H N N 162 
GLU HG2  H N N 163 
GLU HG3  H N N 164 
GLU HE2  H N N 165 
GLU HXT  H N N 166 
GLY N    N N N 167 
GLY CA   C N N 168 
GLY C    C N N 169 
GLY O    O N N 170 
GLY OXT  O N N 171 
GLY H    H N N 172 
GLY H2   H N N 173 
GLY HA2  H N N 174 
GLY HA3  H N N 175 
GLY HXT  H N N 176 
HIS N    N N N 177 
HIS CA   C N S 178 
HIS C    C N N 179 
HIS O    O N N 180 
HIS CB   C N N 181 
HIS CG   C Y N 182 
HIS ND1  N Y N 183 
HIS CD2  C Y N 184 
HIS CE1  C Y N 185 
HIS NE2  N Y N 186 
HIS OXT  O N N 187 
HIS H    H N N 188 
HIS H2   H N N 189 
HIS HA   H N N 190 
HIS HB2  H N N 191 
HIS HB3  H N N 192 
HIS HD1  H N N 193 
HIS HD2  H N N 194 
HIS HE1  H N N 195 
HIS HE2  H N N 196 
HIS HXT  H N N 197 
HOH O    O N N 198 
HOH H1   H N N 199 
HOH H2   H N N 200 
ILE N    N N N 201 
ILE CA   C N S 202 
ILE C    C N N 203 
ILE O    O N N 204 
ILE CB   C N S 205 
ILE CG1  C N N 206 
ILE CG2  C N N 207 
ILE CD1  C N N 208 
ILE OXT  O N N 209 
ILE H    H N N 210 
ILE H2   H N N 211 
ILE HA   H N N 212 
ILE HB   H N N 213 
ILE HG12 H N N 214 
ILE HG13 H N N 215 
ILE HG21 H N N 216 
ILE HG22 H N N 217 
ILE HG23 H N N 218 
ILE HD11 H N N 219 
ILE HD12 H N N 220 
ILE HD13 H N N 221 
ILE HXT  H N N 222 
LEU N    N N N 223 
LEU CA   C N S 224 
LEU C    C N N 225 
LEU O    O N N 226 
LEU CB   C N N 227 
LEU CG   C N N 228 
LEU CD1  C N N 229 
LEU CD2  C N N 230 
LEU OXT  O N N 231 
LEU H    H N N 232 
LEU H2   H N N 233 
LEU HA   H N N 234 
LEU HB2  H N N 235 
LEU HB3  H N N 236 
LEU HG   H N N 237 
LEU HD11 H N N 238 
LEU HD12 H N N 239 
LEU HD13 H N N 240 
LEU HD21 H N N 241 
LEU HD22 H N N 242 
LEU HD23 H N N 243 
LEU HXT  H N N 244 
LYS N    N N N 245 
LYS CA   C N S 246 
LYS C    C N N 247 
LYS O    O N N 248 
LYS CB   C N N 249 
LYS CG   C N N 250 
LYS CD   C N N 251 
LYS CE   C N N 252 
LYS NZ   N N N 253 
LYS OXT  O N N 254 
LYS H    H N N 255 
LYS H2   H N N 256 
LYS HA   H N N 257 
LYS HB2  H N N 258 
LYS HB3  H N N 259 
LYS HG2  H N N 260 
LYS HG3  H N N 261 
LYS HD2  H N N 262 
LYS HD3  H N N 263 
LYS HE2  H N N 264 
LYS HE3  H N N 265 
LYS HZ1  H N N 266 
LYS HZ2  H N N 267 
LYS HZ3  H N N 268 
LYS HXT  H N N 269 
MET N    N N N 270 
MET CA   C N S 271 
MET C    C N N 272 
MET O    O N N 273 
MET CB   C N N 274 
MET CG   C N N 275 
MET SD   S N N 276 
MET CE   C N N 277 
MET OXT  O N N 278 
MET H    H N N 279 
MET H2   H N N 280 
MET HA   H N N 281 
MET HB2  H N N 282 
MET HB3  H N N 283 
MET HG2  H N N 284 
MET HG3  H N N 285 
MET HE1  H N N 286 
MET HE2  H N N 287 
MET HE3  H N N 288 
MET HXT  H N N 289 
PHE N    N N N 290 
PHE CA   C N S 291 
PHE C    C N N 292 
PHE O    O N N 293 
PHE CB   C N N 294 
PHE CG   C Y N 295 
PHE CD1  C Y N 296 
PHE CD2  C Y N 297 
PHE CE1  C Y N 298 
PHE CE2  C Y N 299 
PHE CZ   C Y N 300 
PHE OXT  O N N 301 
PHE H    H N N 302 
PHE H2   H N N 303 
PHE HA   H N N 304 
PHE HB2  H N N 305 
PHE HB3  H N N 306 
PHE HD1  H N N 307 
PHE HD2  H N N 308 
PHE HE1  H N N 309 
PHE HE2  H N N 310 
PHE HZ   H N N 311 
PHE HXT  H N N 312 
PRO N    N N N 313 
PRO CA   C N S 314 
PRO C    C N N 315 
PRO O    O N N 316 
PRO CB   C N N 317 
PRO CG   C N N 318 
PRO CD   C N N 319 
PRO OXT  O N N 320 
PRO H    H N N 321 
PRO HA   H N N 322 
PRO HB2  H N N 323 
PRO HB3  H N N 324 
PRO HG2  H N N 325 
PRO HG3  H N N 326 
PRO HD2  H N N 327 
PRO HD3  H N N 328 
PRO HXT  H N N 329 
SER N    N N N 330 
SER CA   C N S 331 
SER C    C N N 332 
SER O    O N N 333 
SER CB   C N N 334 
SER OG   O N N 335 
SER OXT  O N N 336 
SER H    H N N 337 
SER H2   H N N 338 
SER HA   H N N 339 
SER HB2  H N N 340 
SER HB3  H N N 341 
SER HG   H N N 342 
SER HXT  H N N 343 
THR N    N N N 344 
THR CA   C N S 345 
THR C    C N N 346 
THR O    O N N 347 
THR CB   C N R 348 
THR OG1  O N N 349 
THR CG2  C N N 350 
THR OXT  O N N 351 
THR H    H N N 352 
THR H2   H N N 353 
THR HA   H N N 354 
THR HB   H N N 355 
THR HG1  H N N 356 
THR HG21 H N N 357 
THR HG22 H N N 358 
THR HG23 H N N 359 
THR HXT  H N N 360 
TRP N    N N N 361 
TRP CA   C N S 362 
TRP C    C N N 363 
TRP O    O N N 364 
TRP CB   C N N 365 
TRP CG   C Y N 366 
TRP CD1  C Y N 367 
TRP CD2  C Y N 368 
TRP NE1  N Y N 369 
TRP CE2  C Y N 370 
TRP CE3  C Y N 371 
TRP CZ2  C Y N 372 
TRP CZ3  C Y N 373 
TRP CH2  C Y N 374 
TRP OXT  O N N 375 
TRP H    H N N 376 
TRP H2   H N N 377 
TRP HA   H N N 378 
TRP HB2  H N N 379 
TRP HB3  H N N 380 
TRP HD1  H N N 381 
TRP HE1  H N N 382 
TRP HE3  H N N 383 
TRP HZ2  H N N 384 
TRP HZ3  H N N 385 
TRP HH2  H N N 386 
TRP HXT  H N N 387 
TYR N    N N N 388 
TYR CA   C N S 389 
TYR C    C N N 390 
TYR O    O N N 391 
TYR CB   C N N 392 
TYR CG   C Y N 393 
TYR CD1  C Y N 394 
TYR CD2  C Y N 395 
TYR CE1  C Y N 396 
TYR CE2  C Y N 397 
TYR CZ   C Y N 398 
TYR OH   O N N 399 
TYR OXT  O N N 400 
TYR H    H N N 401 
TYR H2   H N N 402 
TYR HA   H N N 403 
TYR HB2  H N N 404 
TYR HB3  H N N 405 
TYR HD1  H N N 406 
TYR HD2  H N N 407 
TYR HE1  H N N 408 
TYR HE2  H N N 409 
TYR HH   H N N 410 
TYR HXT  H N N 411 
VAL N    N N N 412 
VAL CA   C N S 413 
VAL C    C N N 414 
VAL O    O N N 415 
VAL CB   C N N 416 
VAL CG1  C N N 417 
VAL CG2  C N N 418 
VAL OXT  O N N 419 
VAL H    H N N 420 
VAL H2   H N N 421 
VAL HA   H N N 422 
VAL HB   H N N 423 
VAL HG11 H N N 424 
VAL HG12 H N N 425 
VAL HG13 H N N 426 
VAL HG21 H N N 427 
VAL HG22 H N N 428 
VAL HG23 H N N 429 
VAL HXT  H N N 430 
# 
loop_
_chem_comp_bond.comp_id 
_chem_comp_bond.atom_id_1 
_chem_comp_bond.atom_id_2 
_chem_comp_bond.value_order 
_chem_comp_bond.pdbx_aromatic_flag 
_chem_comp_bond.pdbx_stereo_config 
_chem_comp_bond.pdbx_ordinal 
ACT C   O    doub N N 1   
ACT C   OXT  sing N N 2   
ACT C   CH3  sing N N 3   
ACT CH3 H1   sing N N 4   
ACT CH3 H2   sing N N 5   
ACT CH3 H3   sing N N 6   
ALA N   CA   sing N N 7   
ALA N   H    sing N N 8   
ALA N   H2   sing N N 9   
ALA CA  C    sing N N 10  
ALA CA  CB   sing N N 11  
ALA CA  HA   sing N N 12  
ALA C   O    doub N N 13  
ALA C   OXT  sing N N 14  
ALA CB  HB1  sing N N 15  
ALA CB  HB2  sing N N 16  
ALA CB  HB3  sing N N 17  
ALA OXT HXT  sing N N 18  
ARG N   CA   sing N N 19  
ARG N   H    sing N N 20  
ARG N   H2   sing N N 21  
ARG CA  C    sing N N 22  
ARG CA  CB   sing N N 23  
ARG CA  HA   sing N N 24  
ARG C   O    doub N N 25  
ARG C   OXT  sing N N 26  
ARG CB  CG   sing N N 27  
ARG CB  HB2  sing N N 28  
ARG CB  HB3  sing N N 29  
ARG CG  CD   sing N N 30  
ARG CG  HG2  sing N N 31  
ARG CG  HG3  sing N N 32  
ARG CD  NE   sing N N 33  
ARG CD  HD2  sing N N 34  
ARG CD  HD3  sing N N 35  
ARG NE  CZ   sing N N 36  
ARG NE  HE   sing N N 37  
ARG CZ  NH1  sing N N 38  
ARG CZ  NH2  doub N N 39  
ARG NH1 HH11 sing N N 40  
ARG NH1 HH12 sing N N 41  
ARG NH2 HH21 sing N N 42  
ARG NH2 HH22 sing N N 43  
ARG OXT HXT  sing N N 44  
ASN N   CA   sing N N 45  
ASN N   H    sing N N 46  
ASN N   H2   sing N N 47  
ASN CA  C    sing N N 48  
ASN CA  CB   sing N N 49  
ASN CA  HA   sing N N 50  
ASN C   O    doub N N 51  
ASN C   OXT  sing N N 52  
ASN CB  CG   sing N N 53  
ASN CB  HB2  sing N N 54  
ASN CB  HB3  sing N N 55  
ASN CG  OD1  doub N N 56  
ASN CG  ND2  sing N N 57  
ASN ND2 HD21 sing N N 58  
ASN ND2 HD22 sing N N 59  
ASN OXT HXT  sing N N 60  
ASP N   CA   sing N N 61  
ASP N   H    sing N N 62  
ASP N   H2   sing N N 63  
ASP CA  C    sing N N 64  
ASP CA  CB   sing N N 65  
ASP CA  HA   sing N N 66  
ASP C   O    doub N N 67  
ASP C   OXT  sing N N 68  
ASP CB  CG   sing N N 69  
ASP CB  HB2  sing N N 70  
ASP CB  HB3  sing N N 71  
ASP CG  OD1  doub N N 72  
ASP CG  OD2  sing N N 73  
ASP OD2 HD2  sing N N 74  
ASP OXT HXT  sing N N 75  
CYS N   CA   sing N N 76  
CYS N   H    sing N N 77  
CYS N   H2   sing N N 78  
CYS CA  C    sing N N 79  
CYS CA  CB   sing N N 80  
CYS CA  HA   sing N N 81  
CYS C   O    doub N N 82  
CYS C   OXT  sing N N 83  
CYS CB  SG   sing N N 84  
CYS CB  HB2  sing N N 85  
CYS CB  HB3  sing N N 86  
CYS SG  HG   sing N N 87  
CYS OXT HXT  sing N N 88  
EPE N1  C2   sing N N 89  
EPE N1  C6   sing N N 90  
EPE N1  C9   sing N N 91  
EPE C2  C3   sing N N 92  
EPE C2  H21  sing N N 93  
EPE C2  H22  sing N N 94  
EPE C3  N4   sing N N 95  
EPE C3  H31  sing N N 96  
EPE C3  H32  sing N N 97  
EPE N4  C5   sing N N 98  
EPE N4  C7   sing N N 99  
EPE C5  C6   sing N N 100 
EPE C5  H51  sing N N 101 
EPE C5  H52  sing N N 102 
EPE C6  H61  sing N N 103 
EPE C6  H62  sing N N 104 
EPE C7  C8   sing N N 105 
EPE C7  H71  sing N N 106 
EPE C7  H72  sing N N 107 
EPE C8  O8   sing N N 108 
EPE C8  H81  sing N N 109 
EPE C8  H82  sing N N 110 
EPE O8  HO8  sing N N 111 
EPE C9  C10  sing N N 112 
EPE C9  H91  sing N N 113 
EPE C9  H92  sing N N 114 
EPE C10 S    sing N N 115 
EPE C10 H101 sing N N 116 
EPE C10 H102 sing N N 117 
EPE S   O1S  doub N N 118 
EPE S   O2S  doub N N 119 
EPE S   O3S  sing N N 120 
EPE O3S HOS3 sing N N 121 
GLN N   CA   sing N N 122 
GLN N   H    sing N N 123 
GLN N   H2   sing N N 124 
GLN CA  C    sing N N 125 
GLN CA  CB   sing N N 126 
GLN CA  HA   sing N N 127 
GLN C   O    doub N N 128 
GLN C   OXT  sing N N 129 
GLN CB  CG   sing N N 130 
GLN CB  HB2  sing N N 131 
GLN CB  HB3  sing N N 132 
GLN CG  CD   sing N N 133 
GLN CG  HG2  sing N N 134 
GLN CG  HG3  sing N N 135 
GLN CD  OE1  doub N N 136 
GLN CD  NE2  sing N N 137 
GLN NE2 HE21 sing N N 138 
GLN NE2 HE22 sing N N 139 
GLN OXT HXT  sing N N 140 
GLU N   CA   sing N N 141 
GLU N   H    sing N N 142 
GLU N   H2   sing N N 143 
GLU CA  C    sing N N 144 
GLU CA  CB   sing N N 145 
GLU CA  HA   sing N N 146 
GLU C   O    doub N N 147 
GLU C   OXT  sing N N 148 
GLU CB  CG   sing N N 149 
GLU CB  HB2  sing N N 150 
GLU CB  HB3  sing N N 151 
GLU CG  CD   sing N N 152 
GLU CG  HG2  sing N N 153 
GLU CG  HG3  sing N N 154 
GLU CD  OE1  doub N N 155 
GLU CD  OE2  sing N N 156 
GLU OE2 HE2  sing N N 157 
GLU OXT HXT  sing N N 158 
GLY N   CA   sing N N 159 
GLY N   H    sing N N 160 
GLY N   H2   sing N N 161 
GLY CA  C    sing N N 162 
GLY CA  HA2  sing N N 163 
GLY CA  HA3  sing N N 164 
GLY C   O    doub N N 165 
GLY C   OXT  sing N N 166 
GLY OXT HXT  sing N N 167 
HIS N   CA   sing N N 168 
HIS N   H    sing N N 169 
HIS N   H2   sing N N 170 
HIS CA  C    sing N N 171 
HIS CA  CB   sing N N 172 
HIS CA  HA   sing N N 173 
HIS C   O    doub N N 174 
HIS C   OXT  sing N N 175 
HIS CB  CG   sing N N 176 
HIS CB  HB2  sing N N 177 
HIS CB  HB3  sing N N 178 
HIS CG  ND1  sing Y N 179 
HIS CG  CD2  doub Y N 180 
HIS ND1 CE1  doub Y N 181 
HIS ND1 HD1  sing N N 182 
HIS CD2 NE2  sing Y N 183 
HIS CD2 HD2  sing N N 184 
HIS CE1 NE2  sing Y N 185 
HIS CE1 HE1  sing N N 186 
HIS NE2 HE2  sing N N 187 
HIS OXT HXT  sing N N 188 
HOH O   H1   sing N N 189 
HOH O   H2   sing N N 190 
ILE N   CA   sing N N 191 
ILE N   H    sing N N 192 
ILE N   H2   sing N N 193 
ILE CA  C    sing N N 194 
ILE CA  CB   sing N N 195 
ILE CA  HA   sing N N 196 
ILE C   O    doub N N 197 
ILE C   OXT  sing N N 198 
ILE CB  CG1  sing N N 199 
ILE CB  CG2  sing N N 200 
ILE CB  HB   sing N N 201 
ILE CG1 CD1  sing N N 202 
ILE CG1 HG12 sing N N 203 
ILE CG1 HG13 sing N N 204 
ILE CG2 HG21 sing N N 205 
ILE CG2 HG22 sing N N 206 
ILE CG2 HG23 sing N N 207 
ILE CD1 HD11 sing N N 208 
ILE CD1 HD12 sing N N 209 
ILE CD1 HD13 sing N N 210 
ILE OXT HXT  sing N N 211 
LEU N   CA   sing N N 212 
LEU N   H    sing N N 213 
LEU N   H2   sing N N 214 
LEU CA  C    sing N N 215 
LEU CA  CB   sing N N 216 
LEU CA  HA   sing N N 217 
LEU C   O    doub N N 218 
LEU C   OXT  sing N N 219 
LEU CB  CG   sing N N 220 
LEU CB  HB2  sing N N 221 
LEU CB  HB3  sing N N 222 
LEU CG  CD1  sing N N 223 
LEU CG  CD2  sing N N 224 
LEU CG  HG   sing N N 225 
LEU CD1 HD11 sing N N 226 
LEU CD1 HD12 sing N N 227 
LEU CD1 HD13 sing N N 228 
LEU CD2 HD21 sing N N 229 
LEU CD2 HD22 sing N N 230 
LEU CD2 HD23 sing N N 231 
LEU OXT HXT  sing N N 232 
LYS N   CA   sing N N 233 
LYS N   H    sing N N 234 
LYS N   H2   sing N N 235 
LYS CA  C    sing N N 236 
LYS CA  CB   sing N N 237 
LYS CA  HA   sing N N 238 
LYS C   O    doub N N 239 
LYS C   OXT  sing N N 240 
LYS CB  CG   sing N N 241 
LYS CB  HB2  sing N N 242 
LYS CB  HB3  sing N N 243 
LYS CG  CD   sing N N 244 
LYS CG  HG2  sing N N 245 
LYS CG  HG3  sing N N 246 
LYS CD  CE   sing N N 247 
LYS CD  HD2  sing N N 248 
LYS CD  HD3  sing N N 249 
LYS CE  NZ   sing N N 250 
LYS CE  HE2  sing N N 251 
LYS CE  HE3  sing N N 252 
LYS NZ  HZ1  sing N N 253 
LYS NZ  HZ2  sing N N 254 
LYS NZ  HZ3  sing N N 255 
LYS OXT HXT  sing N N 256 
MET N   CA   sing N N 257 
MET N   H    sing N N 258 
MET N   H2   sing N N 259 
MET CA  C    sing N N 260 
MET CA  CB   sing N N 261 
MET CA  HA   sing N N 262 
MET C   O    doub N N 263 
MET C   OXT  sing N N 264 
MET CB  CG   sing N N 265 
MET CB  HB2  sing N N 266 
MET CB  HB3  sing N N 267 
MET CG  SD   sing N N 268 
MET CG  HG2  sing N N 269 
MET CG  HG3  sing N N 270 
MET SD  CE   sing N N 271 
MET CE  HE1  sing N N 272 
MET CE  HE2  sing N N 273 
MET CE  HE3  sing N N 274 
MET OXT HXT  sing N N 275 
PHE N   CA   sing N N 276 
PHE N   H    sing N N 277 
PHE N   H2   sing N N 278 
PHE CA  C    sing N N 279 
PHE CA  CB   sing N N 280 
PHE CA  HA   sing N N 281 
PHE C   O    doub N N 282 
PHE C   OXT  sing N N 283 
PHE CB  CG   sing N N 284 
PHE CB  HB2  sing N N 285 
PHE CB  HB3  sing N N 286 
PHE CG  CD1  doub Y N 287 
PHE CG  CD2  sing Y N 288 
PHE CD1 CE1  sing Y N 289 
PHE CD1 HD1  sing N N 290 
PHE CD2 CE2  doub Y N 291 
PHE CD2 HD2  sing N N 292 
PHE CE1 CZ   doub Y N 293 
PHE CE1 HE1  sing N N 294 
PHE CE2 CZ   sing Y N 295 
PHE CE2 HE2  sing N N 296 
PHE CZ  HZ   sing N N 297 
PHE OXT HXT  sing N N 298 
PRO N   CA   sing N N 299 
PRO N   CD   sing N N 300 
PRO N   H    sing N N 301 
PRO CA  C    sing N N 302 
PRO CA  CB   sing N N 303 
PRO CA  HA   sing N N 304 
PRO C   O    doub N N 305 
PRO C   OXT  sing N N 306 
PRO CB  CG   sing N N 307 
PRO CB  HB2  sing N N 308 
PRO CB  HB3  sing N N 309 
PRO CG  CD   sing N N 310 
PRO CG  HG2  sing N N 311 
PRO CG  HG3  sing N N 312 
PRO CD  HD2  sing N N 313 
PRO CD  HD3  sing N N 314 
PRO OXT HXT  sing N N 315 
SER N   CA   sing N N 316 
SER N   H    sing N N 317 
SER N   H2   sing N N 318 
SER CA  C    sing N N 319 
SER CA  CB   sing N N 320 
SER CA  HA   sing N N 321 
SER C   O    doub N N 322 
SER C   OXT  sing N N 323 
SER CB  OG   sing N N 324 
SER CB  HB2  sing N N 325 
SER CB  HB3  sing N N 326 
SER OG  HG   sing N N 327 
SER OXT HXT  sing N N 328 
THR N   CA   sing N N 329 
THR N   H    sing N N 330 
THR N   H2   sing N N 331 
THR CA  C    sing N N 332 
THR CA  CB   sing N N 333 
THR CA  HA   sing N N 334 
THR C   O    doub N N 335 
THR C   OXT  sing N N 336 
THR CB  OG1  sing N N 337 
THR CB  CG2  sing N N 338 
THR CB  HB   sing N N 339 
THR OG1 HG1  sing N N 340 
THR CG2 HG21 sing N N 341 
THR CG2 HG22 sing N N 342 
THR CG2 HG23 sing N N 343 
THR OXT HXT  sing N N 344 
TRP N   CA   sing N N 345 
TRP N   H    sing N N 346 
TRP N   H2   sing N N 347 
TRP CA  C    sing N N 348 
TRP CA  CB   sing N N 349 
TRP CA  HA   sing N N 350 
TRP C   O    doub N N 351 
TRP C   OXT  sing N N 352 
TRP CB  CG   sing N N 353 
TRP CB  HB2  sing N N 354 
TRP CB  HB3  sing N N 355 
TRP CG  CD1  doub Y N 356 
TRP CG  CD2  sing Y N 357 
TRP CD1 NE1  sing Y N 358 
TRP CD1 HD1  sing N N 359 
TRP CD2 CE2  doub Y N 360 
TRP CD2 CE3  sing Y N 361 
TRP NE1 CE2  sing Y N 362 
TRP NE1 HE1  sing N N 363 
TRP CE2 CZ2  sing Y N 364 
TRP CE3 CZ3  doub Y N 365 
TRP CE3 HE3  sing N N 366 
TRP CZ2 CH2  doub Y N 367 
TRP CZ2 HZ2  sing N N 368 
TRP CZ3 CH2  sing Y N 369 
TRP CZ3 HZ3  sing N N 370 
TRP CH2 HH2  sing N N 371 
TRP OXT HXT  sing N N 372 
TYR N   CA   sing N N 373 
TYR N   H    sing N N 374 
TYR N   H2   sing N N 375 
TYR CA  C    sing N N 376 
TYR CA  CB   sing N N 377 
TYR CA  HA   sing N N 378 
TYR C   O    doub N N 379 
TYR C   OXT  sing N N 380 
TYR CB  CG   sing N N 381 
TYR CB  HB2  sing N N 382 
TYR CB  HB3  sing N N 383 
TYR CG  CD1  doub Y N 384 
TYR CG  CD2  sing Y N 385 
TYR CD1 CE1  sing Y N 386 
TYR CD1 HD1  sing N N 387 
TYR CD2 CE2  doub Y N 388 
TYR CD2 HD2  sing N N 389 
TYR CE1 CZ   doub Y N 390 
TYR CE1 HE1  sing N N 391 
TYR CE2 CZ   sing Y N 392 
TYR CE2 HE2  sing N N 393 
TYR CZ  OH   sing N N 394 
TYR OH  HH   sing N N 395 
TYR OXT HXT  sing N N 396 
VAL N   CA   sing N N 397 
VAL N   H    sing N N 398 
VAL N   H2   sing N N 399 
VAL CA  C    sing N N 400 
VAL CA  CB   sing N N 401 
VAL CA  HA   sing N N 402 
VAL C   O    doub N N 403 
VAL C   OXT  sing N N 404 
VAL CB  CG1  sing N N 405 
VAL CB  CG2  sing N N 406 
VAL CB  HB   sing N N 407 
VAL CG1 HG11 sing N N 408 
VAL CG1 HG12 sing N N 409 
VAL CG1 HG13 sing N N 410 
VAL CG2 HG21 sing N N 411 
VAL CG2 HG22 sing N N 412 
VAL CG2 HG23 sing N N 413 
VAL OXT HXT  sing N N 414 
# 
_atom_sites.entry_id                    2ESB 
_atom_sites.fract_transf_matrix[1][1]   0.02683995 
_atom_sites.fract_transf_matrix[1][2]   -0.00311454 
_atom_sites.fract_transf_matrix[1][3]   0.00726615 
_atom_sites.fract_transf_matrix[2][1]   -0.00229500 
_atom_sites.fract_transf_matrix[2][2]   0.00291154 
_atom_sites.fract_transf_matrix[2][3]   0.00972535 
_atom_sites.fract_transf_matrix[3][1]   -0.00151431 
_atom_sites.fract_transf_matrix[3][2]   -0.00817427 
_atom_sites.fract_transf_matrix[3][3]   0.00208983 
_atom_sites.fract_transf_vector[1]      0.937869 
_atom_sites.fract_transf_vector[2]      0.373541 
_atom_sites.fract_transf_vector[3]      0.071032 
# 
loop_
_atom_type.symbol 
C 
N 
O 
S 
# 
loop_
_atom_site.group_PDB 
_atom_site.id 
_atom_site.type_symbol 
_atom_site.label_atom_id 
_atom_site.label_alt_id 
_atom_site.label_comp_id 
_atom_site.label_asym_id 
_atom_site.label_entity_id 
_atom_site.label_seq_id 
_atom_site.pdbx_PDB_ins_code 
_atom_site.Cartn_x 
_atom_site.Cartn_y 
_atom_site.Cartn_z 
_atom_site.occupancy 
_atom_site.B_iso_or_equiv 
_atom_site.pdbx_formal_charge 
_atom_site.auth_seq_id 
_atom_site.auth_comp_id 
_atom_site.auth_asym_id 
_atom_site.auth_atom_id 
_atom_site.pdbx_PDB_model_num 
ATOM   1    N N   . SER A 1 18  ? -12.988 9.062   -7.159  1.00 52.25 ? 18   SER A N   1 
ATOM   2    C CA  . SER A 1 18  ? -11.617 8.783   -7.684  1.00 44.21 ? 18   SER A CA  1 
ATOM   3    C C   . SER A 1 18  ? -10.624 9.859   -7.267  1.00 39.52 ? 18   SER A C   1 
ATOM   4    O O   . SER A 1 18  ? -10.118 10.608  -8.101  1.00 43.32 ? 18   SER A O   1 
ATOM   5    C CB  . SER A 1 18  ? -11.647 8.667   -9.212  1.00 42.16 ? 18   SER A CB  1 
ATOM   6    O OG  . SER A 1 18  ? -12.355 7.507   -9.620  1.00 27.76 ? 18   SER A OG  1 
ATOM   7    N N   . GLY A 1 19  ? -10.350 9.926   -5.968  1.00 35.82 ? 19   GLY A N   1 
ATOM   8    C CA  . GLY A 1 19  ? -9.408  10.908  -5.463  1.00 34.22 ? 19   GLY A CA  1 
ATOM   9    C C   . GLY A 1 19  ? -8.204  10.259  -4.802  1.00 29.13 ? 19   GLY A C   1 
ATOM   10   O O   . GLY A 1 19  ? -8.067  9.036   -4.791  1.00 30.54 ? 19   GLY A O   1 
ATOM   11   N N   . LEU A 1 20  ? -7.324  11.082  -4.248  1.00 16.85 ? 20   LEU A N   1 
ATOM   12   C CA  . LEU A 1 20  ? -6.135  10.583  -3.575  1.00 23.12 ? 20   LEU A CA  1 
ATOM   13   C C   . LEU A 1 20  ? -6.337  10.577  -2.069  1.00 24.80 ? 20   LEU A C   1 
ATOM   14   O O   . LEU A 1 20  ? -6.686  11.599  -1.482  1.00 27.25 ? 20   LEU A O   1 
ATOM   15   C CB  . LEU A 1 20  ? -4.927  11.459  -3.905  1.00 21.15 ? 20   LEU A CB  1 
ATOM   16   C CG  . LEU A 1 20  ? -4.067  11.121  -5.122  1.00 34.05 ? 20   LEU A CG  1 
ATOM   17   C CD1 . LEU A 1 20  ? -4.925  10.801  -6.332  1.00 19.44 ? 20   LEU A CD1 1 
ATOM   18   C CD2 . LEU A 1 20  ? -3.141  12.300  -5.395  1.00 34.79 ? 20   LEU A CD2 1 
ATOM   19   N N   . SER A 1 21  ? -6.129  9.423   -1.449  1.00 14.30 ? 21   SER A N   1 
ATOM   20   C CA  . SER A 1 21  ? -6.244  9.315   -0.003  1.00 11.10 ? 21   SER A CA  1 
ATOM   21   C C   . SER A 1 21  ? -4.859  9.564   0.590   1.00 15.48 ? 21   SER A C   1 
ATOM   22   O O   . SER A 1 21  ? -3.937  8.770   0.400   1.00 12.81 ? 21   SER A O   1 
ATOM   23   C CB  . SER A 1 21  ? -6.737  7.924   0.394   1.00 16.41 ? 21   SER A CB  1 
ATOM   24   O OG  . SER A 1 21  ? -7.979  7.622   -0.232  1.00 13.77 ? 21   SER A OG  1 
ATOM   25   N N   . GLN A 1 22  ? -4.699  10.670  1.308   1.00 14.32 ? 22   GLN A N   1 
ATOM   26   C CA  . GLN A 1 22  ? -3.404  10.959  1.892   1.00 13.88 ? 22   GLN A CA  1 
ATOM   27   C C   . GLN A 1 22  ? -3.169  10.107  3.139   1.00 15.44 ? 22   GLN A C   1 
ATOM   28   O O   . GLN A 1 22  ? -4.009  10.059  4.035   1.00 12.56 ? 22   GLN A O   1 
ATOM   29   C CB  . GLN A 1 22  ? -3.281  12.447  2.231   1.00 10.87 ? 22   GLN A CB  1 
ATOM   30   C CG  . GLN A 1 22  ? -1.893  12.786  2.778   1.00 15.60 ? 22   GLN A CG  1 
ATOM   31   C CD  . GLN A 1 22  ? -1.588  14.278  2.780   1.00 16.81 ? 22   GLN A CD  1 
ATOM   32   O OE1 . GLN A 1 22  ? -2.481  15.109  2.851   1.00 17.67 ? 22   GLN A OE1 1 
ATOM   33   N NE2 . GLN A 1 22  ? -0.311  14.612  2.722   1.00 16.49 ? 22   GLN A NE2 1 
ATOM   34   N N   . ILE A 1 23  ? -2.026  9.427   3.197   1.00 12.46 ? 23   ILE A N   1 
ATOM   35   C CA  . ILE A 1 23  ? -1.729  8.579   4.346   1.00 7.74  ? 23   ILE A CA  1 
ATOM   36   C C   . ILE A 1 23  ? -0.726  9.250   5.279   1.00 16.77 ? 23   ILE A C   1 
ATOM   37   O O   . ILE A 1 23  ? -0.882  9.198   6.497   1.00 14.12 ? 23   ILE A O   1 
ATOM   38   C CB  . ILE A 1 23  ? -1.177  7.207   3.917   1.00 9.80  ? 23   ILE A CB  1 
ATOM   39   C CG1 . ILE A 1 23  ? -2.053  6.597   2.816   1.00 10.56 ? 23   ILE A CG1 1 
ATOM   40   C CG2 . ILE A 1 23  ? -1.115  6.274   5.127   1.00 11.60 ? 23   ILE A CG2 1 
ATOM   41   C CD1 . ILE A 1 23  ? -3.543  6.527   3.145   1.00 17.36 ? 23   ILE A CD1 1 
ATOM   42   N N   . THR A 1 24  ? 0.309   9.867   4.713   1.00 12.34 ? 24   THR A N   1 
ATOM   43   C CA  . THR A 1 24  ? 1.309   10.562  5.519   1.00 10.03 ? 24   THR A CA  1 
ATOM   44   C C   . THR A 1 24  ? 1.624   11.847  4.780   1.00 19.14 ? 24   THR A C   1 
ATOM   45   O O   . THR A 1 24  ? 1.016   12.134  3.757   1.00 14.29 ? 24   THR A O   1 
ATOM   46   C CB  . THR A 1 24  ? 2.619   9.765   5.655   1.00 11.83 ? 24   THR A CB  1 
ATOM   47   O OG1 . THR A 1 24  ? 3.299   9.770   4.396   1.00 14.47 ? 24   THR A OG1 1 
ATOM   48   C CG2 . THR A 1 24  ? 2.335   8.306   6.092   1.00 7.67  ? 24   THR A CG2 1 
ATOM   49   N N   . LYS A 1 25  ? 2.580   12.616  5.283   1.00 11.91 ? 25   LYS A N   1 
ATOM   50   C CA  . LYS A 1 25  ? 2.936   13.865  4.624   1.00 14.85 ? 25   LYS A CA  1 
ATOM   51   C C   . LYS A 1 25  ? 3.476   13.628  3.217   1.00 17.30 ? 25   LYS A C   1 
ATOM   52   O O   . LYS A 1 25  ? 3.415   14.520  2.376   1.00 15.49 ? 25   LYS A O   1 
ATOM   53   C CB  . LYS A 1 25  ? 3.978   14.624  5.451   1.00 20.33 ? 25   LYS A CB  1 
ATOM   54   C CG  . LYS A 1 25  ? 5.313   13.901  5.614   1.00 16.59 ? 25   LYS A CG  1 
ATOM   55   C CD  . LYS A 1 25  ? 6.279   14.773  6.387   1.00 21.15 ? 25   LYS A CD  1 
ATOM   56   C CE  . LYS A 1 25  ? 7.703   14.261  6.316   1.00 26.61 ? 25   LYS A CE  1 
ATOM   57   N NZ  . LYS A 1 25  ? 8.636   15.250  6.936   1.00 29.99 ? 25   LYS A NZ  1 
ATOM   58   N N   . SER A 1 26  ? 3.979   12.427  2.943   1.00 13.36 ? 26   SER A N   1 
ATOM   59   C CA  . SER A 1 26  ? 4.538   12.152  1.617   1.00 16.38 ? 26   SER A CA  1 
ATOM   60   C C   . SER A 1 26  ? 4.029   10.880  0.939   1.00 16.25 ? 26   SER A C   1 
ATOM   61   O O   . SER A 1 26  ? 4.633   10.400  -0.031  1.00 20.57 ? 26   SER A O   1 
ATOM   62   C CB  . SER A 1 26  ? 6.059   12.060  1.705   1.00 15.16 ? 26   SER A CB  1 
ATOM   63   O OG  . SER A 1 26  ? 6.441   10.862  2.354   1.00 19.24 ? 26   SER A OG  1 
ATOM   64   N N   . LEU A 1 27  ? 2.946   10.312  1.449   1.00 10.57 ? 27   LEU A N   1 
ATOM   65   C CA  . LEU A 1 27  ? 2.412   9.099   0.846   1.00 10.27 ? 27   LEU A CA  1 
ATOM   66   C C   . LEU A 1 27  ? 0.910   9.175   0.680   1.00 11.09 ? 27   LEU A C   1 
ATOM   67   O O   . LEU A 1 27  ? 0.203   9.633   1.582   1.00 11.90 ? 27   LEU A O   1 
ATOM   68   C CB  . LEU A 1 27  ? 2.762   7.883   1.697   1.00 12.07 ? 27   LEU A CB  1 
ATOM   69   C CG  . LEU A 1 27  ? 2.243   6.543   1.159   1.00 12.86 ? 27   LEU A CG  1 
ATOM   70   C CD1 . LEU A 1 27  ? 2.935   6.214   -0.164  1.00 8.10  ? 27   LEU A CD1 1 
ATOM   71   C CD2 . LEU A 1 27  ? 2.512   5.446   2.203   1.00 10.31 ? 27   LEU A CD2 1 
ATOM   72   N N   . TYR A 1 28  ? 0.439   8.725   -0.482  1.00 7.90  ? 28   TYR A N   1 
ATOM   73   C CA  . TYR A 1 28  ? -0.983  8.703   -0.825  1.00 9.94  ? 28   TYR A CA  1 
ATOM   74   C C   . TYR A 1 28  ? -1.346  7.352   -1.446  1.00 14.09 ? 28   TYR A C   1 
ATOM   75   O O   . TYR A 1 28  ? -0.481  6.643   -1.966  1.00 12.38 ? 28   TYR A O   1 
ATOM   76   C CB  . TYR A 1 28  ? -1.307  9.779   -1.865  1.00 10.02 ? 28   TYR A CB  1 
ATOM   77   C CG  . TYR A 1 28  ? -0.989  11.206  -1.467  1.00 10.71 ? 28   TYR A CG  1 
ATOM   78   C CD1 . TYR A 1 28  ? 0.330   11.645  -1.379  1.00 12.66 ? 28   TYR A CD1 1 
ATOM   79   C CD2 . TYR A 1 28  ? -2.014  12.126  -1.224  1.00 15.08 ? 28   TYR A CD2 1 
ATOM   80   C CE1 . TYR A 1 28  ? 0.630   12.969  -1.068  1.00 14.64 ? 28   TYR A CE1 1 
ATOM   81   C CE2 . TYR A 1 28  ? -1.726  13.464  -0.906  1.00 12.66 ? 28   TYR A CE2 1 
ATOM   82   C CZ  . TYR A 1 28  ? -0.402  13.870  -0.832  1.00 14.18 ? 28   TYR A CZ  1 
ATOM   83   O OH  . TYR A 1 28  ? -0.091  15.168  -0.522  1.00 16.13 ? 28   TYR A OH  1 
ATOM   84   N N   . ILE A 1 29  ? -2.629  7.007   -1.405  1.00 11.13 ? 29   ILE A N   1 
ATOM   85   C CA  . ILE A 1 29  ? -3.118  5.772   -2.023  1.00 12.32 ? 29   ILE A CA  1 
ATOM   86   C C   . ILE A 1 29  ? -4.314  6.141   -2.902  1.00 12.81 ? 29   ILE A C   1 
ATOM   87   O O   . ILE A 1 29  ? -5.108  7.012   -2.537  1.00 15.15 ? 29   ILE A O   1 
ATOM   88   C CB  . ILE A 1 29  ? -3.643  4.743   -0.999  1.00 14.10 ? 29   ILE A CB  1 
ATOM   89   C CG1 . ILE A 1 29  ? -2.518  4.244   -0.092  1.00 18.88 ? 29   ILE A CG1 1 
ATOM   90   C CG2 . ILE A 1 29  ? -4.256  3.565   -1.747  1.00 12.74 ? 29   ILE A CG2 1 
ATOM   91   C CD1 . ILE A 1 29  ? -3.031  3.332   1.036   1.00 17.01 ? 29   ILE A CD1 1 
ATOM   92   N N   . SER A 1 30  ? -4.461  5.490   -4.049  1.00 10.18 ? 30   SER A N   1 
ATOM   93   C CA  . SER A 1 30  ? -5.608  5.794   -4.909  1.00 13.76 ? 30   SER A CA  1 
ATOM   94   C C   . SER A 1 30  ? -5.938  4.639   -5.832  1.00 15.22 ? 30   SER A C   1 
ATOM   95   O O   . SER A 1 30  ? -5.239  3.618   -5.853  1.00 14.18 ? 30   SER A O   1 
ATOM   96   C CB  . SER A 1 30  ? -5.334  7.040   -5.770  1.00 12.29 ? 30   SER A CB  1 
ATOM   97   O OG  . SER A 1 30  ? -4.584  6.699   -6.933  1.00 13.91 ? 30   SER A OG  1 
ATOM   98   N N   . ASN A 1 31  ? -7.017  4.791   -6.594  1.00 16.36 ? 31   ASN A N   1 
ATOM   99   C CA  . ASN A 1 31  ? -7.387  3.766   -7.554  1.00 14.01 ? 31   ASN A CA  1 
ATOM   100  C C   . ASN A 1 31  ? -6.684  4.123   -8.871  1.00 16.51 ? 31   ASN A C   1 
ATOM   101  O O   . ASN A 1 31  ? -5.926  5.101   -8.934  1.00 13.19 ? 31   ASN A O   1 
ATOM   102  C CB  . ASN A 1 31  ? -8.909  3.712   -7.737  1.00 10.27 ? 31   ASN A CB  1 
ATOM   103  C CG  . ASN A 1 31  ? -9.463  4.967   -8.360  1.00 17.31 ? 31   ASN A CG  1 
ATOM   104  O OD1 . ASN A 1 31  ? -8.734  5.930   -8.597  1.00 13.50 ? 31   ASN A OD1 1 
ATOM   105  N ND2 . ASN A 1 31  ? -10.764 4.968   -8.633  1.00 18.23 ? 31   ASN A ND2 1 
ATOM   106  N N   . GLY A 1 32  ? -6.925  3.335   -9.916  1.00 12.71 ? 32   GLY A N   1 
ATOM   107  C CA  . GLY A 1 32  ? -6.278  3.584   -11.192 1.00 15.78 ? 32   GLY A CA  1 
ATOM   108  C C   . GLY A 1 32  ? -6.715  4.833   -11.930 1.00 19.59 ? 32   GLY A C   1 
ATOM   109  O O   . GLY A 1 32  ? -5.943  5.403   -12.703 1.00 17.22 ? 32   GLY A O   1 
ATOM   110  N N   . VAL A 1 33  ? -7.953  5.263   -11.714 1.00 14.93 ? 33   VAL A N   1 
ATOM   111  C CA  . VAL A 1 33  ? -8.443  6.457   -12.383 1.00 13.34 ? 33   VAL A CA  1 
ATOM   112  C C   . VAL A 1 33  ? -7.681  7.703   -11.934 1.00 14.76 ? 33   VAL A C   1 
ATOM   113  O O   . VAL A 1 33  ? -7.170  8.479   -12.750 1.00 15.22 ? 33   VAL A O   1 
ATOM   114  C CB  . VAL A 1 33  ? -9.933  6.690   -12.086 1.00 16.87 ? 33   VAL A CB  1 
ATOM   115  C CG1 . VAL A 1 33  ? -10.416 7.922   -12.835 1.00 18.88 ? 33   VAL A CG1 1 
ATOM   116  C CG2 . VAL A 1 33  ? -10.740 5.462   -12.474 1.00 15.89 ? 33   VAL A CG2 1 
ATOM   117  N N   . ALA A 1 34  ? -7.615  7.885   -10.625 1.00 16.46 ? 34   ALA A N   1 
ATOM   118  C CA  . ALA A 1 34  ? -6.953  9.036   -10.041 1.00 16.75 ? 34   ALA A CA  1 
ATOM   119  C C   . ALA A 1 34  ? -5.483  9.085   -10.404 1.00 16.24 ? 34   ALA A C   1 
ATOM   120  O O   . ALA A 1 34  ? -4.924  10.162  -10.602 1.00 15.40 ? 34   ALA A O   1 
ATOM   121  C CB  . ALA A 1 34  ? -7.120  9.005   -8.527  1.00 15.95 ? 34   ALA A CB  1 
ATOM   122  N N   . ALA A 1 35  ? -4.873  7.909   -10.504 1.00 8.78  ? 35   ALA A N   1 
ATOM   123  C CA  . ALA A 1 35  ? -3.455  7.783   -10.807 1.00 15.71 ? 35   ALA A CA  1 
ATOM   124  C C   . ALA A 1 35  ? -3.043  8.365   -12.159 1.00 13.22 ? 35   ALA A C   1 
ATOM   125  O O   . ALA A 1 35  ? -1.868  8.617   -12.389 1.00 16.62 ? 35   ALA A O   1 
ATOM   126  C CB  . ALA A 1 35  ? -3.046  6.316   -10.723 1.00 15.92 ? 35   ALA A CB  1 
ATOM   127  N N   . ASN A 1 36  ? -4.003  8.556   -13.059 1.00 14.25 ? 36   ASN A N   1 
ATOM   128  C CA  . ASN A 1 36  ? -3.701  9.130   -14.369 1.00 15.96 ? 36   ASN A CA  1 
ATOM   129  C C   . ASN A 1 36  ? -4.367  10.498  -14.538 1.00 14.56 ? 36   ASN A C   1 
ATOM   130  O O   . ASN A 1 36  ? -4.488  11.011  -15.652 1.00 17.37 ? 36   ASN A O   1 
ATOM   131  C CB  . ASN A 1 36  ? -4.154  8.189   -15.486 1.00 12.27 ? 36   ASN A CB  1 
ATOM   132  C CG  . ASN A 1 36  ? -3.290  6.946   -15.590 1.00 20.07 ? 36   ASN A CG  1 
ATOM   133  O OD1 . ASN A 1 36  ? -3.779  5.865   -15.913 1.00 18.87 ? 36   ASN A OD1 1 
ATOM   134  N ND2 . ASN A 1 36  ? -1.998  7.096   -15.324 1.00 9.60  ? 36   ASN A ND2 1 
ATOM   135  N N   . ASN A 1 37  ? -4.802  11.074  -13.422 1.00 15.53 ? 37   ASN A N   1 
ATOM   136  C CA  . ASN A 1 37  ? -5.432  12.396  -13.410 1.00 15.92 ? 37   ASN A CA  1 
ATOM   137  C C   . ASN A 1 37  ? -4.300  13.404  -13.205 1.00 15.31 ? 37   ASN A C   1 
ATOM   138  O O   . ASN A 1 37  ? -3.851  13.637  -12.077 1.00 15.44 ? 37   ASN A O   1 
ATOM   139  C CB  . ASN A 1 37  ? -6.415  12.496  -12.248 1.00 13.09 ? 37   ASN A CB  1 
ATOM   140  C CG  . ASN A 1 37  ? -7.157  13.820  -12.224 1.00 21.56 ? 37   ASN A CG  1 
ATOM   141  O OD1 . ASN A 1 37  ? -6.608  14.866  -12.563 1.00 16.37 ? 37   ASN A OD1 1 
ATOM   142  N ND2 . ASN A 1 37  ? -8.410  13.778  -11.799 1.00 21.32 ? 37   ASN A ND2 1 
ATOM   143  N N   . LYS A 1 38  ? -3.839  14.004  -14.296 1.00 12.65 ? 38   LYS A N   1 
ATOM   144  C CA  . LYS A 1 38  ? -2.732  14.950  -14.232 1.00 17.15 ? 38   LYS A CA  1 
ATOM   145  C C   . LYS A 1 38  ? -2.917  16.074  -13.206 1.00 22.09 ? 38   LYS A C   1 
ATOM   146  O O   . LYS A 1 38  ? -2.023  16.340  -12.402 1.00 17.69 ? 38   LYS A O   1 
ATOM   147  C CB  . LYS A 1 38  ? -2.482  15.542  -15.620 1.00 16.31 ? 38   LYS A CB  1 
ATOM   148  C CG  . LYS A 1 38  ? -1.216  16.375  -15.738 1.00 16.27 ? 38   LYS A CG  1 
ATOM   149  C CD  . LYS A 1 38  ? -1.089  16.907  -17.163 1.00 24.37 ? 38   LYS A CD  1 
ATOM   150  C CE  . LYS A 1 38  ? 0.181   17.716  -17.384 1.00 25.60 ? 38   LYS A CE  1 
ATOM   151  N NZ  . LYS A 1 38  ? 0.217   18.207  -18.787 1.00 20.87 ? 38   LYS A NZ  1 
ATOM   152  N N   . LEU A 1 39  ? -4.074  16.727  -13.222 1.00 18.07 ? 39   LEU A N   1 
ATOM   153  C CA  . LEU A 1 39  ? -4.321  17.825  -12.291 1.00 22.00 ? 39   LEU A CA  1 
ATOM   154  C C   . LEU A 1 39  ? -4.222  17.406  -10.838 1.00 20.42 ? 39   LEU A C   1 
ATOM   155  O O   . LEU A 1 39  ? -3.679  18.131  -10.005 1.00 18.95 ? 39   LEU A O   1 
ATOM   156  C CB  . LEU A 1 39  ? -5.704  18.435  -12.534 1.00 21.95 ? 39   LEU A CB  1 
ATOM   157  C CG  . LEU A 1 39  ? -5.823  19.337  -13.760 1.00 40.73 ? 39   LEU A CG  1 
ATOM   158  C CD1 . LEU A 1 39  ? -7.247  19.871  -13.861 1.00 50.90 ? 39   LEU A CD1 1 
ATOM   159  C CD2 . LEU A 1 39  ? -4.828  20.478  -13.650 1.00 46.70 ? 39   LEU A CD2 1 
ATOM   160  N N   . MET A 1 40  ? -4.758  16.229  -10.541 1.00 21.56 ? 40   MET A N   1 
ATOM   161  C CA  . MET A 1 40  ? -4.745  15.712  -9.192  1.00 23.50 ? 40   MET A CA  1 
ATOM   162  C C   . MET A 1 40  ? -3.325  15.399  -8.743  1.00 18.94 ? 40   MET A C   1 
ATOM   163  O O   . MET A 1 40  ? -2.972  15.600  -7.582  1.00 19.34 ? 40   MET A O   1 
ATOM   164  C CB  . MET A 1 40  ? -5.605  14.456  -9.116  1.00 23.08 ? 40   MET A CB  1 
ATOM   165  C CG  . MET A 1 40  ? -5.992  14.089  -7.702  1.00 37.33 ? 40   MET A CG  1 
ATOM   166  S SD  . MET A 1 40  ? -7.335  12.914  -7.709  1.00 42.49 ? 40   MET A SD  1 
ATOM   167  C CE  . MET A 1 40  ? -8.680  13.992  -8.099  1.00 36.04 ? 40   MET A CE  1 
ATOM   168  N N   . LEU A 1 41  ? -2.514  14.890  -9.661  1.00 15.87 ? 41   LEU A N   1 
ATOM   169  C CA  . LEU A 1 41  ? -1.130  14.576  -9.332  1.00 13.05 ? 41   LEU A CA  1 
ATOM   170  C C   . LEU A 1 41  ? -0.364  15.870  -9.049  1.00 16.82 ? 41   LEU A C   1 
ATOM   171  O O   . LEU A 1 41  ? 0.328   15.995  -8.033  1.00 18.56 ? 41   LEU A O   1 
ATOM   172  C CB  . LEU A 1 41  ? -0.461  13.827  -10.489 1.00 12.65 ? 41   LEU A CB  1 
ATOM   173  C CG  . LEU A 1 41  ? -1.031  12.437  -10.790 1.00 10.66 ? 41   LEU A CG  1 
ATOM   174  C CD1 . LEU A 1 41  ? -0.369  11.883  -12.034 1.00 14.23 ? 41   LEU A CD1 1 
ATOM   175  C CD2 . LEU A 1 41  ? -0.820  11.506  -9.594  1.00 17.76 ? 41   LEU A CD2 1 
ATOM   176  N N   . SER A 1 42  ? -0.484  16.847  -9.939  1.00 13.96 ? 42   SER A N   1 
ATOM   177  C CA  . SER A 1 42  ? 0.249   18.087  -9.724  1.00 19.10 ? 42   SER A CA  1 
ATOM   178  C C   . SER A 1 42  ? -0.252  18.873  -8.510  1.00 19.47 ? 42   SER A C   1 
ATOM   179  O O   . SER A 1 42  ? 0.550   19.424  -7.750  1.00 18.63 ? 42   SER A O   1 
ATOM   180  C CB  . SER A 1 42  ? 0.208   18.960  -10.989 1.00 21.48 ? 42   SER A CB  1 
ATOM   181  O OG  . SER A 1 42  ? -1.116  19.223  -11.388 1.00 28.33 ? 42   SER A OG  1 
ATOM   182  N N   . SER A 1 43  ? -1.565  18.900  -8.303  1.00 17.09 ? 43   SER A N   1 
ATOM   183  C CA  . SER A 1 43  ? -2.129  19.644  -7.182  1.00 21.12 ? 43   SER A CA  1 
ATOM   184  C C   . SER A 1 43  ? -1.744  19.046  -5.822  1.00 27.38 ? 43   SER A C   1 
ATOM   185  O O   . SER A 1 43  ? -1.699  19.752  -4.819  1.00 23.37 ? 43   SER A O   1 
ATOM   186  C CB  . SER A 1 43  ? -3.652  19.716  -7.303  1.00 25.44 ? 43   SER A CB  1 
ATOM   187  O OG  . SER A 1 43  ? -4.241  18.495  -6.901  1.00 49.48 ? 43   SER A OG  1 
ATOM   188  N N   . ASN A 1 44  ? -1.485  17.744  -5.782  1.00 19.03 ? 44   ASN A N   1 
ATOM   189  C CA  . ASN A 1 44  ? -1.078  17.102  -4.543  1.00 13.29 ? 44   ASN A CA  1 
ATOM   190  C C   . ASN A 1 44  ? 0.438   16.944  -4.540  1.00 20.12 ? 44   ASN A C   1 
ATOM   191  O O   . ASN A 1 44  ? 1.004   16.241  -3.702  1.00 16.85 ? 44   ASN A O   1 
ATOM   192  C CB  . ASN A 1 44  ? -1.759  15.742  -4.400  1.00 17.10 ? 44   ASN A CB  1 
ATOM   193  C CG  . ASN A 1 44  ? -3.221  15.867  -4.035  1.00 20.79 ? 44   ASN A CG  1 
ATOM   194  O OD1 . ASN A 1 44  ? -3.564  16.035  -2.872  1.00 18.59 ? 44   ASN A OD1 1 
ATOM   195  N ND2 . ASN A 1 44  ? -4.090  15.809  -5.036  1.00 15.35 ? 44   ASN A ND2 1 
ATOM   196  N N   . GLN A 1 45  ? 1.086   17.590  -5.502  1.00 16.97 ? 45   GLN A N   1 
ATOM   197  C CA  . GLN A 1 45  ? 2.537   17.551  -5.608  1.00 20.27 ? 45   GLN A CA  1 
ATOM   198  C C   . GLN A 1 45  ? 3.140   16.145  -5.634  1.00 15.72 ? 45   GLN A C   1 
ATOM   199  O O   . GLN A 1 45  ? 4.164   15.892  -5.000  1.00 15.51 ? 45   GLN A O   1 
ATOM   200  C CB  . GLN A 1 45  ? 3.153   18.357  -4.462  1.00 24.75 ? 45   GLN A CB  1 
ATOM   201  C CG  . GLN A 1 45  ? 2.929   19.855  -4.590  1.00 28.60 ? 45   GLN A CG  1 
ATOM   202  C CD  . GLN A 1 45  ? 3.469   20.623  -3.399  1.00 36.79 ? 45   GLN A CD  1 
ATOM   203  O OE1 . GLN A 1 45  ? 2.801   20.759  -2.372  1.00 38.16 ? 45   GLN A OE1 1 
ATOM   204  N NE2 . GLN A 1 45  ? 4.690   21.113  -3.524  1.00 29.70 ? 45   GLN A NE2 1 
ATOM   205  N N   . ILE A 1 46  ? 2.513   15.234  -6.374  1.00 16.16 ? 46   ILE A N   1 
ATOM   206  C CA  . ILE A 1 46  ? 3.040   13.875  -6.483  1.00 15.63 ? 46   ILE A CA  1 
ATOM   207  C C   . ILE A 1 46  ? 4.259   13.853  -7.420  1.00 14.04 ? 46   ILE A C   1 
ATOM   208  O O   . ILE A 1 46  ? 4.193   14.355  -8.545  1.00 15.47 ? 46   ILE A O   1 
ATOM   209  C CB  . ILE A 1 46  ? 1.982   12.903  -7.048  1.00 11.80 ? 46   ILE A CB  1 
ATOM   210  C CG1 . ILE A 1 46  ? 0.708   12.933  -6.195  1.00 11.26 ? 46   ILE A CG1 1 
ATOM   211  C CG2 . ILE A 1 46  ? 2.555   11.492  -7.083  1.00 18.15 ? 46   ILE A CG2 1 
ATOM   212  C CD1 . ILE A 1 46  ? 0.936   12.625  -4.726  1.00 15.77 ? 46   ILE A CD1 1 
ATOM   213  N N   . THR A 1 47  ? 5.359   13.251  -6.976  1.00 12.88 ? 47   THR A N   1 
ATOM   214  C CA  . THR A 1 47  ? 6.576   13.186  -7.795  1.00 10.61 ? 47   THR A CA  1 
ATOM   215  C C   . THR A 1 47  ? 6.968   11.769  -8.156  1.00 14.24 ? 47   THR A C   1 
ATOM   216  O O   . THR A 1 47  ? 7.808   11.551  -9.037  1.00 11.21 ? 47   THR A O   1 
ATOM   217  C CB  . THR A 1 47  ? 7.785   13.830  -7.077  1.00 11.61 ? 47   THR A CB  1 
ATOM   218  O OG1 . THR A 1 47  ? 8.010   13.175  -5.824  1.00 12.22 ? 47   THR A OG1 1 
ATOM   219  C CG2 . THR A 1 47  ? 7.543   15.304  -6.835  1.00 18.29 ? 47   THR A CG2 1 
ATOM   220  N N   . MET A 1 48  ? 6.353   10.811  -7.468  1.00 14.19 ? 48   MET A N   1 
ATOM   221  C CA  . MET A 1 48  ? 6.623   9.397   -7.683  1.00 15.02 ? 48   MET A CA  1 
ATOM   222  C C   . MET A 1 48  ? 5.312   8.611   -7.692  1.00 12.34 ? 48   MET A C   1 
ATOM   223  O O   . MET A 1 48  ? 4.495   8.749   -6.783  1.00 10.64 ? 48   MET A O   1 
ATOM   224  C CB  . MET A 1 48  ? 7.515   8.854   -6.557  1.00 11.83 ? 48   MET A CB  1 
ATOM   225  C CG  . MET A 1 48  ? 7.910   7.383   -6.729  1.00 8.13  ? 48   MET A CG  1 
ATOM   226  S SD  . MET A 1 48  ? 9.122   7.166   -8.059  1.00 12.62 ? 48   MET A SD  1 
ATOM   227  C CE  . MET A 1 48  ? 8.608   5.598   -8.747  1.00 9.17  ? 48   MET A CE  1 
ATOM   228  N N   . VAL A 1 49  ? 5.119   7.798   -8.724  1.00 10.46 ? 49   VAL A N   1 
ATOM   229  C CA  . VAL A 1 49  ? 3.923   6.973   -8.840  1.00 9.07  ? 49   VAL A CA  1 
ATOM   230  C C   . VAL A 1 49  ? 4.333   5.503   -8.885  1.00 13.04 ? 49   VAL A C   1 
ATOM   231  O O   . VAL A 1 49  ? 5.103   5.082   -9.756  1.00 12.95 ? 49   VAL A O   1 
ATOM   232  C CB  . VAL A 1 49  ? 3.119   7.308   -10.119 1.00 8.96  ? 49   VAL A CB  1 
ATOM   233  C CG1 . VAL A 1 49  ? 1.962   6.323   -10.272 1.00 13.56 ? 49   VAL A CG1 1 
ATOM   234  C CG2 . VAL A 1 49  ? 2.576   8.748   -10.042 1.00 7.25  ? 49   VAL A CG2 1 
ATOM   235  N N   . ILE A 1 50  ? 3.827   4.727   -7.935  1.00 8.33  ? 50   ILE A N   1 
ATOM   236  C CA  . ILE A 1 50  ? 4.132   3.305   -7.864  1.00 9.92  ? 50   ILE A CA  1 
ATOM   237  C C   . ILE A 1 50  ? 2.856   2.523   -8.151  1.00 12.28 ? 50   ILE A C   1 
ATOM   238  O O   . ILE A 1 50  ? 1.928   2.497   -7.348  1.00 13.09 ? 50   ILE A O   1 
ATOM   239  C CB  . ILE A 1 50  ? 4.674   2.909   -6.478  1.00 10.50 ? 50   ILE A CB  1 
ATOM   240  C CG1 . ILE A 1 50  ? 5.930   3.732   -6.156  1.00 12.82 ? 50   ILE A CG1 1 
ATOM   241  C CG2 . ILE A 1 50  ? 5.015   1.425   -6.476  1.00 8.75  ? 50   ILE A CG2 1 
ATOM   242  C CD1 . ILE A 1 50  ? 6.615   3.374   -4.821  1.00 12.52 ? 50   ILE A CD1 1 
ATOM   243  N N   . ASN A 1 51  ? 2.827   1.899   -9.319  1.00 10.96 ? 51   ASN A N   1 
ATOM   244  C CA  . ASN A 1 51  ? 1.690   1.137   -9.803  1.00 12.88 ? 51   ASN A CA  1 
ATOM   245  C C   . ASN A 1 51  ? 1.851   -0.310  -9.360  1.00 14.23 ? 51   ASN A C   1 
ATOM   246  O O   . ASN A 1 51  ? 2.677   -1.054  -9.891  1.00 13.43 ? 51   ASN A O   1 
ATOM   247  C CB  . ASN A 1 51  ? 1.651   1.285   -11.337 1.00 11.71 ? 51   ASN A CB  1 
ATOM   248  C CG  . ASN A 1 51  ? 0.562   0.459   -12.009 1.00 11.73 ? 51   ASN A CG  1 
ATOM   249  O OD1 . ASN A 1 51  ? -0.066  -0.412  -11.408 1.00 11.42 ? 51   ASN A OD1 1 
ATOM   250  N ND2 . ASN A 1 51  ? 0.361   0.722   -13.291 1.00 13.20 ? 51   ASN A ND2 1 
ATOM   251  N N   . VAL A 1 52  ? 1.059   -0.706  -8.367  1.00 15.05 ? 52   VAL A N   1 
ATOM   252  C CA  . VAL A 1 52  ? 1.130   -2.061  -7.852  1.00 12.04 ? 52   VAL A CA  1 
ATOM   253  C C   . VAL A 1 52  ? 0.089   -2.944  -8.542  1.00 12.62 ? 52   VAL A C   1 
ATOM   254  O O   . VAL A 1 52  ? -0.907  -3.347  -7.944  1.00 15.42 ? 52   VAL A O   1 
ATOM   255  C CB  . VAL A 1 52  ? 0.910   -2.084  -6.311  1.00 14.19 ? 52   VAL A CB  1 
ATOM   256  C CG1 . VAL A 1 52  ? 1.389   -3.403  -5.744  1.00 10.29 ? 52   VAL A CG1 1 
ATOM   257  C CG2 . VAL A 1 52  ? 1.658   -0.926  -5.655  1.00 12.58 ? 52   VAL A CG2 1 
ATOM   258  N N   . SER A 1 53  ? 0.315   -3.231  -9.815  1.00 15.93 ? 53   SER A N   1 
ATOM   259  C CA  . SER A 1 53  ? -0.617  -4.072  -10.568 1.00 16.93 ? 53   SER A CA  1 
ATOM   260  C C   . SER A 1 53  ? 0.048   -4.586  -11.830 1.00 19.95 ? 53   SER A C   1 
ATOM   261  O O   . SER A 1 53  ? 1.053   -4.047  -12.287 1.00 14.93 ? 53   SER A O   1 
ATOM   262  C CB  . SER A 1 53  ? -1.845  -3.274  -10.999 1.00 14.65 ? 53   SER A CB  1 
ATOM   263  O OG  . SER A 1 53  ? -1.529  -2.524  -12.165 1.00 13.96 ? 53   SER A OG  1 
ATOM   264  N N   . VAL A 1 54  ? -0.542  -5.622  -12.402 1.00 13.69 ? 54   VAL A N   1 
ATOM   265  C CA  . VAL A 1 54  ? -0.039  -6.183  -13.633 1.00 20.43 ? 54   VAL A CA  1 
ATOM   266  C C   . VAL A 1 54  ? -0.778  -5.507  -14.778 1.00 16.53 ? 54   VAL A C   1 
ATOM   267  O O   . VAL A 1 54  ? -0.195  -5.170  -15.804 1.00 17.38 ? 54   VAL A O   1 
ATOM   268  C CB  . VAL A 1 54  ? -0.350  -7.699  -13.722 1.00 23.78 ? 54   VAL A CB  1 
ATOM   269  C CG1 . VAL A 1 54  ? 0.102   -8.249  -15.062 1.00 29.79 ? 54   VAL A CG1 1 
ATOM   270  C CG2 . VAL A 1 54  ? 0.344   -8.439  -12.595 1.00 35.36 ? 54   VAL A CG2 1 
ATOM   271  N N   . GLU A 1 55  ? -2.065  -5.273  -14.554 1.00 21.11 ? 55   GLU A N   1 
ATOM   272  C CA  . GLU A 1 55  ? -2.962  -4.766  -15.583 1.00 18.15 ? 55   GLU A CA  1 
ATOM   273  C C   . GLU A 1 55  ? -3.206  -3.275  -15.809 1.00 19.69 ? 55   GLU A C   1 
ATOM   274  O O   . GLU A 1 55  ? -3.634  -2.894  -16.895 1.00 19.28 ? 55   GLU A O   1 
ATOM   275  C CB  . GLU A 1 55  ? -4.320  -5.465  -15.409 1.00 20.02 ? 55   GLU A CB  1 
ATOM   276  C CG  . GLU A 1 55  ? -5.228  -4.862  -14.325 1.00 13.61 ? 55   GLU A CG  1 
ATOM   277  C CD  . GLU A 1 55  ? -4.895  -5.320  -12.906 1.00 23.42 ? 55   GLU A CD  1 
ATOM   278  O OE1 . GLU A 1 55  ? -3.818  -5.914  -12.681 1.00 16.89 ? 55   GLU A OE1 1 
ATOM   279  O OE2 . GLU A 1 55  ? -5.728  -5.081  -12.008 1.00 22.38 ? 55   GLU A OE2 1 
ATOM   280  N N   . VAL A 1 56  ? -2.957  -2.431  -14.815 1.00 9.28  ? 56   VAL A N   1 
ATOM   281  C CA  . VAL A 1 56  ? -3.199  -1.000  -14.986 1.00 10.70 ? 56   VAL A CA  1 
ATOM   282  C C   . VAL A 1 56  ? -2.077  -0.303  -15.746 1.00 16.57 ? 56   VAL A C   1 
ATOM   283  O O   . VAL A 1 56  ? -0.895  -0.469  -15.431 1.00 12.79 ? 56   VAL A O   1 
ATOM   284  C CB  . VAL A 1 56  ? -3.388  -0.304  -13.612 1.00 15.16 ? 56   VAL A CB  1 
ATOM   285  C CG1 . VAL A 1 56  ? -3.747  1.171   -13.805 1.00 13.84 ? 56   VAL A CG1 1 
ATOM   286  C CG2 . VAL A 1 56  ? -4.473  -1.025  -12.816 1.00 19.05 ? 56   VAL A CG2 1 
ATOM   287  N N   . VAL A 1 57  ? -2.452  0.473   -16.755 1.00 12.59 ? 57   VAL A N   1 
ATOM   288  C CA  . VAL A 1 57  ? -1.479  1.214   -17.546 1.00 10.19 ? 57   VAL A CA  1 
ATOM   289  C C   . VAL A 1 57  ? -1.436  2.675   -17.085 1.00 19.83 ? 57   VAL A C   1 
ATOM   290  O O   . VAL A 1 57  ? -2.480  3.301   -16.902 1.00 11.16 ? 57   VAL A O   1 
ATOM   291  C CB  . VAL A 1 57  ? -1.847  1.189   -19.042 1.00 11.47 ? 57   VAL A CB  1 
ATOM   292  C CG1 . VAL A 1 57  ? -0.994  2.223   -19.802 1.00 14.29 ? 57   VAL A CG1 1 
ATOM   293  C CG2 . VAL A 1 57  ? -1.655  -0.226  -19.598 1.00 13.00 ? 57   VAL A CG2 1 
ATOM   294  N N   . ASN A 1 58  ? -0.235  3.210   -16.885 1.00 14.80 ? 58   ASN A N   1 
ATOM   295  C CA  . ASN A 1 58  ? -0.081  4.612   -16.485 1.00 16.16 ? 58   ASN A CA  1 
ATOM   296  C C   . ASN A 1 58  ? 0.154   5.523   -17.689 1.00 17.33 ? 58   ASN A C   1 
ATOM   297  O O   . ASN A 1 58  ? 0.843   5.141   -18.641 1.00 15.33 ? 58   ASN A O   1 
ATOM   298  C CB  . ASN A 1 58  ? 1.147   4.807   -15.578 1.00 14.06 ? 58   ASN A CB  1 
ATOM   299  C CG  . ASN A 1 58  ? 0.931   4.322   -14.167 1.00 18.08 ? 58   ASN A CG  1 
ATOM   300  O OD1 . ASN A 1 58  ? 1.602   3.406   -13.709 1.00 15.59 ? 58   ASN A OD1 1 
ATOM   301  N ND2 . ASN A 1 58  ? -0.012  4.948   -13.463 1.00 15.76 ? 58   ASN A ND2 1 
ATOM   302  N N   . THR A 1 59  ? -0.403  6.730   -17.621 1.00 16.01 ? 59   THR A N   1 
ATOM   303  C CA  . THR A 1 59  ? -0.163  7.754   -18.628 1.00 14.39 ? 59   THR A CA  1 
ATOM   304  C C   . THR A 1 59  ? 1.080   8.385   -17.987 1.00 17.96 ? 59   THR A C   1 
ATOM   305  O O   . THR A 1 59  ? 1.066   8.680   -16.796 1.00 13.73 ? 59   THR A O   1 
ATOM   306  C CB  . THR A 1 59  ? -1.288  8.809   -18.661 1.00 13.68 ? 59   THR A CB  1 
ATOM   307  O OG1 . THR A 1 59  ? -2.543  8.174   -18.942 1.00 15.85 ? 59   THR A OG1 1 
ATOM   308  C CG2 . THR A 1 59  ? -1.008  9.858   -19.742 1.00 10.43 ? 59   THR A CG2 1 
ATOM   309  N N   . LEU A 1 60  ? 2.147   8.582   -18.749 1.00 15.28 ? 60   LEU A N   1 
ATOM   310  C CA  . LEU A 1 60  ? 3.370   9.131   -18.166 1.00 17.82 ? 60   LEU A CA  1 
ATOM   311  C C   . LEU A 1 60  ? 3.477   10.638  -18.326 1.00 19.83 ? 60   LEU A C   1 
ATOM   312  O O   . LEU A 1 60  ? 3.885   11.129  -19.380 1.00 19.53 ? 60   LEU A O   1 
ATOM   313  C CB  . LEU A 1 60  ? 4.593   8.460   -18.805 1.00 17.33 ? 60   LEU A CB  1 
ATOM   314  C CG  . LEU A 1 60  ? 4.550   6.930   -18.891 1.00 25.68 ? 60   LEU A CG  1 
ATOM   315  C CD1 . LEU A 1 60  ? 5.865   6.420   -19.495 1.00 21.99 ? 60   LEU A CD1 1 
ATOM   316  C CD2 . LEU A 1 60  ? 4.334   6.335   -17.503 1.00 15.51 ? 60   LEU A CD2 1 
ATOM   317  N N   . TYR A 1 61  ? 3.120   11.377  -17.280 1.00 13.55 ? 61   TYR A N   1 
ATOM   318  C CA  . TYR A 1 61  ? 3.191   12.827  -17.346 1.00 14.98 ? 61   TYR A CA  1 
ATOM   319  C C   . TYR A 1 61  ? 4.589   13.342  -17.046 1.00 23.95 ? 61   TYR A C   1 
ATOM   320  O O   . TYR A 1 61  ? 5.400   12.667  -16.409 1.00 17.22 ? 61   TYR A O   1 
ATOM   321  C CB  . TYR A 1 61  ? 2.175   13.453  -16.392 1.00 18.71 ? 61   TYR A CB  1 
ATOM   322  C CG  . TYR A 1 61  ? 0.743   13.086  -16.737 1.00 19.06 ? 61   TYR A CG  1 
ATOM   323  C CD1 . TYR A 1 61  ? -0.050  12.364  -15.844 1.00 17.43 ? 61   TYR A CD1 1 
ATOM   324  C CD2 . TYR A 1 61  ? 0.187   13.461  -17.960 1.00 16.72 ? 61   TYR A CD2 1 
ATOM   325  C CE1 . TYR A 1 61  ? -1.365  12.024  -16.158 1.00 13.98 ? 61   TYR A CE1 1 
ATOM   326  C CE2 . TYR A 1 61  ? -1.118  13.134  -18.284 1.00 18.26 ? 61   TYR A CE2 1 
ATOM   327  C CZ  . TYR A 1 61  ? -1.893  12.418  -17.384 1.00 27.47 ? 61   TYR A CZ  1 
ATOM   328  O OH  . TYR A 1 61  ? -3.201  12.129  -17.704 1.00 18.28 ? 61   TYR A OH  1 
ATOM   329  N N   . GLU A 1 62  ? 4.855   14.549  -17.522 1.00 19.89 ? 62   GLU A N   1 
ATOM   330  C CA  . GLU A 1 62  ? 6.145   15.197  -17.355 1.00 21.09 ? 62   GLU A CA  1 
ATOM   331  C C   . GLU A 1 62  ? 6.489   15.481  -15.898 1.00 17.84 ? 62   GLU A C   1 
ATOM   332  O O   . GLU A 1 62  ? 5.625   15.841  -15.102 1.00 20.06 ? 62   GLU A O   1 
ATOM   333  C CB  . GLU A 1 62  ? 6.148   16.513  -18.139 1.00 30.75 ? 62   GLU A CB  1 
ATOM   334  C CG  . GLU A 1 62  ? 7.391   16.746  -18.981 1.00 54.82 ? 62   GLU A CG  1 
ATOM   335  C CD  . GLU A 1 62  ? 7.703   15.566  -19.878 1.00 65.36 ? 62   GLU A CD  1 
ATOM   336  O OE1 . GLU A 1 62  ? 8.287   14.578  -19.380 1.00 70.00 ? 62   GLU A OE1 1 
ATOM   337  O OE2 . GLU A 1 62  ? 7.357   15.619  -21.078 1.00 70.00 ? 62   GLU A OE2 1 
ATOM   338  N N   . ASP A 1 63  ? 7.762   15.300  -15.560 1.00 19.78 ? 63   ASP A N   1 
ATOM   339  C CA  . ASP A 1 63  ? 8.257   15.572  -14.215 1.00 13.18 ? 63   ASP A CA  1 
ATOM   340  C C   . ASP A 1 63  ? 7.701   14.690  -13.098 1.00 14.02 ? 63   ASP A C   1 
ATOM   341  O O   . ASP A 1 63  ? 7.723   15.057  -11.923 1.00 19.96 ? 63   ASP A O   1 
ATOM   342  C CB  . ASP A 1 63  ? 8.032   17.043  -13.896 1.00 17.92 ? 63   ASP A CB  1 
ATOM   343  C CG  . ASP A 1 63  ? 8.824   17.955  -14.822 1.00 30.34 ? 63   ASP A CG  1 
ATOM   344  O OD1 . ASP A 1 63  ? 8.324   19.047  -15.149 1.00 28.80 ? 63   ASP A OD1 1 
ATOM   345  O OD2 . ASP A 1 63  ? 9.951   17.573  -15.218 1.00 30.30 ? 63   ASP A OD2 1 
ATOM   346  N N   . ILE A 1 64  ? 7.189   13.531  -13.471 1.00 15.32 ? 64   ILE A N   1 
ATOM   347  C CA  . ILE A 1 64  ? 6.713   12.579  -12.482 1.00 12.42 ? 64   ILE A CA  1 
ATOM   348  C C   . ILE A 1 64  ? 7.428   11.281  -12.819 1.00 11.54 ? 64   ILE A C   1 
ATOM   349  O O   . ILE A 1 64  ? 7.573   10.939  -13.995 1.00 12.42 ? 64   ILE A O   1 
ATOM   350  C CB  . ILE A 1 64  ? 5.187   12.381  -12.558 1.00 14.22 ? 64   ILE A CB  1 
ATOM   351  C CG1 . ILE A 1 64  ? 4.491   13.699  -12.189 1.00 18.52 ? 64   ILE A CG1 1 
ATOM   352  C CG2 . ILE A 1 64  ? 4.767   11.257  -11.611 1.00 9.09  ? 64   ILE A CG2 1 
ATOM   353  C CD1 . ILE A 1 64  ? 2.978   13.652  -12.249 1.00 20.16 ? 64   ILE A CD1 1 
ATOM   354  N N   . GLN A 1 65  ? 7.913   10.587  -11.796 1.00 7.62  ? 65   GLN A N   1 
ATOM   355  C CA  . GLN A 1 65  ? 8.612   9.318   -11.993 1.00 13.00 ? 65   GLN A CA  1 
ATOM   356  C C   . GLN A 1 65  ? 7.630   8.175   -11.777 1.00 13.06 ? 65   GLN A C   1 
ATOM   357  O O   . GLN A 1 65  ? 6.815   8.233   -10.860 1.00 12.61 ? 65   GLN A O   1 
ATOM   358  C CB  . GLN A 1 65  ? 9.776   9.197   -10.997 1.00 11.02 ? 65   GLN A CB  1 
ATOM   359  C CG  . GLN A 1 65  ? 10.693  8.020   -11.283 1.00 12.89 ? 65   GLN A CG  1 
ATOM   360  C CD  . GLN A 1 65  ? 11.696  7.776   -10.159 1.00 15.59 ? 65   GLN A CD  1 
ATOM   361  O OE1 . GLN A 1 65  ? 12.219  8.722   -9.565  1.00 15.65 ? 65   GLN A OE1 1 
ATOM   362  N NE2 . GLN A 1 65  ? 11.971  6.504   -9.871  1.00 15.41 ? 65   GLN A NE2 1 
ATOM   363  N N   . TYR A 1 66  ? 7.704   7.143   -12.619 1.00 10.55 ? 66   TYR A N   1 
ATOM   364  C CA  . TYR A 1 66  ? 6.796   5.998   -12.521 1.00 13.55 ? 66   TYR A CA  1 
ATOM   365  C C   . TYR A 1 66  ? 7.528   4.662   -12.451 1.00 16.98 ? 66   TYR A C   1 
ATOM   366  O O   . TYR A 1 66  ? 8.643   4.526   -12.948 1.00 13.14 ? 66   TYR A O   1 
ATOM   367  C CB  . TYR A 1 66  ? 5.863   5.931   -13.749 1.00 15.67 ? 66   TYR A CB  1 
ATOM   368  C CG  . TYR A 1 66  ? 4.938   7.116   -13.936 1.00 12.60 ? 66   TYR A CG  1 
ATOM   369  C CD1 . TYR A 1 66  ? 5.402   8.311   -14.483 1.00 11.65 ? 66   TYR A CD1 1 
ATOM   370  C CD2 . TYR A 1 66  ? 3.600   7.038   -13.561 1.00 7.52  ? 66   TYR A CD2 1 
ATOM   371  C CE1 . TYR A 1 66  ? 4.555   9.404   -14.658 1.00 16.86 ? 66   TYR A CE1 1 
ATOM   372  C CE2 . TYR A 1 66  ? 2.732   8.136   -13.730 1.00 9.02  ? 66   TYR A CE2 1 
ATOM   373  C CZ  . TYR A 1 66  ? 3.219   9.312   -14.279 1.00 15.26 ? 66   TYR A CZ  1 
ATOM   374  O OH  . TYR A 1 66  ? 2.377   10.390  -14.461 1.00 10.81 ? 66   TYR A OH  1 
ATOM   375  N N   . MET A 1 67  ? 6.887   3.678   -11.832 1.00 15.84 ? 67   MET A N   1 
ATOM   376  C CA  . MET A 1 67  ? 7.437   2.332   -11.773 1.00 18.16 ? 67   MET A CA  1 
ATOM   377  C C   . MET A 1 67  ? 6.265   1.384   -11.567 1.00 18.73 ? 67   MET A C   1 
ATOM   378  O O   . MET A 1 67  ? 5.166   1.803   -11.194 1.00 12.84 ? 67   MET A O   1 
ATOM   379  C CB  . MET A 1 67  ? 8.452   2.170   -10.638 1.00 14.90 ? 67   MET A CB  1 
ATOM   380  C CG  . MET A 1 67  ? 7.845   2.045   -9.258  1.00 14.34 ? 67   MET A CG  1 
ATOM   381  S SD  . MET A 1 67  ? 9.147   1.724   -8.050  1.00 20.69 ? 67   MET A SD  1 
ATOM   382  C CE  . MET A 1 67  ? 9.305   -0.062  -8.290  1.00 22.43 ? 67   MET A CE  1 
ATOM   383  N N   . GLN A 1 68  ? 6.492   0.102   -11.805 1.00 11.19 ? 68   GLN A N   1 
ATOM   384  C CA  . GLN A 1 68  ? 5.422   -0.863  -11.656 1.00 13.51 ? 68   GLN A CA  1 
ATOM   385  C C   . GLN A 1 68  ? 5.884   -2.121  -10.955 1.00 18.61 ? 68   GLN A C   1 
ATOM   386  O O   . GLN A 1 68  ? 6.987   -2.622  -11.210 1.00 21.53 ? 68   GLN A O   1 
ATOM   387  C CB  . GLN A 1 68  ? 4.860   -1.210  -13.036 1.00 17.47 ? 68   GLN A CB  1 
ATOM   388  C CG  . GLN A 1 68  ? 3.604   -2.066  -13.023 1.00 20.94 ? 68   GLN A CG  1 
ATOM   389  C CD  . GLN A 1 68  ? 2.800   -1.900  -14.298 1.00 38.18 ? 68   GLN A CD  1 
ATOM   390  O OE1 . GLN A 1 68  ? 3.153   -1.097  -15.167 1.00 30.44 ? 68   GLN A OE1 1 
ATOM   391  N NE2 . GLN A 1 68  ? 1.711   -2.645  -14.413 1.00 29.63 ? 68   GLN A NE2 1 
ATOM   392  N N   . VAL A 1 69  ? 5.035   -2.601  -10.049 1.00 14.41 ? 69   VAL A N   1 
ATOM   393  C CA  . VAL A 1 69  ? 5.258   -3.828  -9.282  1.00 14.20 ? 69   VAL A CA  1 
ATOM   394  C C   . VAL A 1 69  ? 4.136   -4.696  -9.834  1.00 13.69 ? 69   VAL A C   1 
ATOM   395  O O   . VAL A 1 69  ? 2.993   -4.612  -9.377  1.00 17.62 ? 69   VAL A O   1 
ATOM   396  C CB  . VAL A 1 69  ? 5.048   -3.583  -7.781  1.00 9.08  ? 69   VAL A CB  1 
ATOM   397  C CG1 . VAL A 1 69  ? 5.301   -4.876  -6.988  1.00 16.54 ? 69   VAL A CG1 1 
ATOM   398  C CG2 . VAL A 1 69  ? 5.976   -2.483  -7.326  1.00 15.72 ? 69   VAL A CG2 1 
ATOM   399  N N   . PRO A 1 70  ? 4.453   -5.540  -10.829 1.00 19.79 ? 70   PRO A N   1 
ATOM   400  C CA  . PRO A 1 70  ? 3.492   -6.424  -11.494 1.00 17.48 ? 70   PRO A CA  1 
ATOM   401  C C   . PRO A 1 70  ? 2.950   -7.616  -10.718 1.00 22.24 ? 70   PRO A C   1 
ATOM   402  O O   . PRO A 1 70  ? 3.412   -8.739  -10.907 1.00 21.39 ? 70   PRO A O   1 
ATOM   403  C CB  . PRO A 1 70  ? 4.252   -6.849  -12.750 1.00 21.95 ? 70   PRO A CB  1 
ATOM   404  C CG  . PRO A 1 70  ? 5.638   -7.030  -12.211 1.00 17.76 ? 70   PRO A CG  1 
ATOM   405  C CD  . PRO A 1 70  ? 5.821   -5.794  -11.333 1.00 19.94 ? 70   PRO A CD  1 
ATOM   406  N N   . VAL A 1 71  ? 1.970   -7.373  -9.851  1.00 17.30 ? 71   VAL A N   1 
ATOM   407  C CA  . VAL A 1 71  ? 1.352   -8.460  -9.098  1.00 13.97 ? 71   VAL A CA  1 
ATOM   408  C C   . VAL A 1 71  ? -0.149  -8.425  -9.295  1.00 16.54 ? 71   VAL A C   1 
ATOM   409  O O   . VAL A 1 71  ? -0.745  -7.358  -9.447  1.00 13.21 ? 71   VAL A O   1 
ATOM   410  C CB  . VAL A 1 71  ? 1.643   -8.378  -7.585  1.00 19.91 ? 71   VAL A CB  1 
ATOM   411  C CG1 . VAL A 1 71  ? 3.149   -8.507  -7.334  1.00 24.95 ? 71   VAL A CG1 1 
ATOM   412  C CG2 . VAL A 1 71  ? 1.119   -7.079  -7.030  1.00 17.27 ? 71   VAL A CG2 1 
ATOM   413  N N   . ALA A 1 72  ? -0.749  -9.608  -9.339  1.00 17.00 ? 72   ALA A N   1 
ATOM   414  C CA  . ALA A 1 72  ? -2.183  -9.731  -9.482  1.00 17.15 ? 72   ALA A CA  1 
ATOM   415  C C   . ALA A 1 72  ? -2.715  -9.683  -8.057  1.00 19.18 ? 72   ALA A C   1 
ATOM   416  O O   . ALA A 1 72  ? -1.966  -9.920  -7.104  1.00 19.04 ? 72   ALA A O   1 
ATOM   417  C CB  . ALA A 1 72  ? -2.533  -11.073 -10.133 1.00 22.70 ? 72   ALA A CB  1 
ATOM   418  N N   . ASP A 1 73  ? -3.993  -9.360  -7.891  1.00 16.87 ? 73   ASP A N   1 
ATOM   419  C CA  . ASP A 1 73  ? -4.548  -9.338  -6.548  1.00 18.38 ? 73   ASP A CA  1 
ATOM   420  C C   . ASP A 1 73  ? -4.999  -10.752 -6.198  1.00 21.45 ? 73   ASP A C   1 
ATOM   421  O O   . ASP A 1 73  ? -6.188  -11.066 -6.206  1.00 22.62 ? 73   ASP A O   1 
ATOM   422  C CB  . ASP A 1 73  ? -5.724  -8.372  -6.437  1.00 11.23 ? 73   ASP A CB  1 
ATOM   423  C CG  . ASP A 1 73  ? -6.340  -8.384  -5.044  1.00 19.61 ? 73   ASP A CG  1 
ATOM   424  O OD1 . ASP A 1 73  ? -5.577  -8.526  -4.058  1.00 16.03 ? 73   ASP A OD1 1 
ATOM   425  O OD2 . ASP A 1 73  ? -7.575  -8.247  -4.930  1.00 18.87 ? 73   ASP A OD2 1 
ATOM   426  N N   . SER A 1 74  ? -4.021  -11.599 -5.908  1.00 19.75 ? 74   SER A N   1 
ATOM   427  C CA  . SER A 1 74  ? -4.258  -12.988 -5.566  1.00 22.36 ? 74   SER A CA  1 
ATOM   428  C C   . SER A 1 74  ? -3.530  -13.327 -4.282  1.00 17.52 ? 74   SER A C   1 
ATOM   429  O O   . SER A 1 74  ? -2.430  -12.841 -4.036  1.00 17.42 ? 74   SER A O   1 
ATOM   430  C CB  . SER A 1 74  ? -3.752  -13.897 -6.690  1.00 21.38 ? 74   SER A CB  1 
ATOM   431  O OG  . SER A 1 74  ? -3.519  -15.209 -6.215  1.00 26.15 ? 74   SER A OG  1 
ATOM   432  N N   . PRO A 1 75  ? -4.135  -14.181 -3.444  1.00 16.79 ? 75   PRO A N   1 
ATOM   433  C CA  . PRO A 1 75  ? -3.486  -14.557 -2.188  1.00 21.45 ? 75   PRO A CA  1 
ATOM   434  C C   . PRO A 1 75  ? -2.141  -15.251 -2.421  1.00 19.75 ? 75   PRO A C   1 
ATOM   435  O O   . PRO A 1 75  ? -1.300  -15.317 -1.525  1.00 23.06 ? 75   PRO A O   1 
ATOM   436  C CB  . PRO A 1 75  ? -4.521  -15.468 -1.523  1.00 29.54 ? 75   PRO A CB  1 
ATOM   437  C CG  . PRO A 1 75  ? -5.257  -16.065 -2.696  1.00 30.77 ? 75   PRO A CG  1 
ATOM   438  C CD  . PRO A 1 75  ? -5.428  -14.870 -3.604  1.00 19.72 ? 75   PRO A CD  1 
ATOM   439  N N   . ASN A 1 76  ? -1.930  -15.737 -3.640  1.00 20.90 ? 76   ASN A N   1 
ATOM   440  C CA  . ASN A 1 76  ? -0.691  -16.424 -3.986  1.00 26.93 ? 76   ASN A CA  1 
ATOM   441  C C   . ASN A 1 76  ? 0.420   -15.488 -4.456  1.00 26.90 ? 76   ASN A C   1 
ATOM   442  O O   . ASN A 1 76  ? 1.594   -15.854 -4.440  1.00 30.11 ? 76   ASN A O   1 
ATOM   443  C CB  . ASN A 1 76  ? -0.961  -17.472 -5.071  1.00 33.12 ? 76   ASN A CB  1 
ATOM   444  C CG  . ASN A 1 76  ? -2.042  -18.452 -4.671  1.00 46.12 ? 76   ASN A CG  1 
ATOM   445  O OD1 . ASN A 1 76  ? -1.947  -19.113 -3.630  1.00 38.60 ? 76   ASN A OD1 1 
ATOM   446  N ND2 . ASN A 1 76  ? -3.081  -18.550 -5.492  1.00 49.28 ? 76   ASN A ND2 1 
ATOM   447  N N   . SER A 1 77  ? 0.057   -14.282 -4.879  1.00 19.44 ? 77   SER A N   1 
ATOM   448  C CA  . SER A 1 77  ? 1.055   -13.328 -5.348  1.00 21.35 ? 77   SER A CA  1 
ATOM   449  C C   . SER A 1 77  ? 2.033   -12.938 -4.241  1.00 21.35 ? 77   SER A C   1 
ATOM   450  O O   . SER A 1 77  ? 1.626   -12.560 -3.141  1.00 19.65 ? 77   SER A O   1 
ATOM   451  C CB  . SER A 1 77  ? 0.366   -12.077 -5.902  1.00 23.01 ? 77   SER A CB  1 
ATOM   452  O OG  . SER A 1 77  ? -0.369  -12.399 -7.064  1.00 33.67 ? 77   SER A OG  1 
ATOM   453  N N   . ARG A 1 78  ? 3.323   -13.013 -4.546  1.00 19.37 ? 78   ARG A N   1 
ATOM   454  C CA  . ARG A 1 78  ? 4.360   -12.683 -3.578  1.00 20.45 ? 78   ARG A CA  1 
ATOM   455  C C   . ARG A 1 78  ? 4.633   -11.183 -3.436  1.00 19.49 ? 78   ARG A C   1 
ATOM   456  O O   . ARG A 1 78  ? 5.747   -10.721 -3.699  1.00 17.57 ? 78   ARG A O   1 
ATOM   457  C CB  . ARG A 1 78  ? 5.661   -13.401 -3.952  1.00 23.86 ? 78   ARG A CB  1 
ATOM   458  C CG  . ARG A 1 78  ? 5.551   -14.919 -3.965  1.00 27.00 ? 78   ARG A CG  1 
ATOM   459  C CD  . ARG A 1 78  ? 6.888   -15.550 -4.352  1.00 42.20 ? 78   ARG A CD  1 
ATOM   460  N NE  . ARG A 1 78  ? 7.953   -15.191 -3.415  1.00 36.30 ? 78   ARG A NE  1 
ATOM   461  C CZ  . ARG A 1 78  ? 7.925   -15.476 -2.116  1.00 37.60 ? 78   ARG A CZ  1 
ATOM   462  N NH1 . ARG A 1 78  ? 6.889   -16.126 -1.598  1.00 48.98 ? 78   ARG A NH1 1 
ATOM   463  N NH2 . ARG A 1 78  ? 8.926   -15.108 -1.326  1.00 34.27 ? 78   ARG A NH2 1 
ATOM   464  N N   . LEU A 1 79  ? 3.629   -10.422 -3.010  1.00 17.88 ? 79   LEU A N   1 
ATOM   465  C CA  . LEU A 1 79  ? 3.810   -8.988  -2.833  1.00 19.05 ? 79   LEU A CA  1 
ATOM   466  C C   . LEU A 1 79  ? 4.893   -8.781  -1.793  1.00 14.24 ? 79   LEU A C   1 
ATOM   467  O O   . LEU A 1 79  ? 5.616   -7.783  -1.825  1.00 17.84 ? 79   LEU A O   1 
ATOM   468  C CB  . LEU A 1 79  ? 2.530   -8.325  -2.328  1.00 20.45 ? 79   LEU A CB  1 
ATOM   469  C CG  . LEU A 1 79  ? 1.907   -7.178  -3.121  1.00 30.70 ? 79   LEU A CG  1 
ATOM   470  C CD1 . LEU A 1 79  ? 0.911   -6.483  -2.206  1.00 17.22 ? 79   LEU A CD1 1 
ATOM   471  C CD2 . LEU A 1 79  ? 2.960   -6.188  -3.620  1.00 16.66 ? 79   LEU A CD2 1 
ATOM   472  N N   . CYS A 1 80  ? 4.991   -9.730  -0.864  1.00 13.74 ? 80   CYS A N   1 
ATOM   473  C CA  . CYS A 1 80  ? 5.987   -9.672  0.206   1.00 17.46 ? 80   CYS A CA  1 
ATOM   474  C C   . CYS A 1 80  ? 7.409   -9.433  -0.295  1.00 15.91 ? 80   CYS A C   1 
ATOM   475  O O   . CYS A 1 80  ? 8.209   -8.811  0.409   1.00 18.87 ? 80   CYS A O   1 
ATOM   476  C CB  . CYS A 1 80  ? 5.949   -10.950 1.051   1.00 19.11 ? 80   CYS A CB  1 
ATOM   477  S SG  . CYS A 1 80  ? 6.156   -12.469 0.106   1.00 22.05 ? 80   CYS A SG  1 
ATOM   478  N N   . ASP A 1 81  ? 7.739   -9.904  -1.498  1.00 13.76 ? 81   ASP A N   1 
ATOM   479  C CA  . ASP A 1 81  ? 9.098   -9.675  -2.013  1.00 13.89 ? 81   ASP A CA  1 
ATOM   480  C C   . ASP A 1 81  ? 9.373   -8.195  -2.244  1.00 10.36 ? 81   ASP A C   1 
ATOM   481  O O   . ASP A 1 81  ? 10.525  -7.773  -2.368  1.00 14.31 ? 81   ASP A O   1 
ATOM   482  C CB  . ASP A 1 81  ? 9.340   -10.440 -3.312  1.00 17.02 ? 81   ASP A CB  1 
ATOM   483  C CG  . ASP A 1 81  ? 9.217   -11.940 -3.133  1.00 22.99 ? 81   ASP A CG  1 
ATOM   484  O OD1 . ASP A 1 81  ? 9.417   -12.422 -2.000  1.00 20.31 ? 81   ASP A OD1 1 
ATOM   485  O OD2 . ASP A 1 81  ? 8.929   -12.633 -4.127  1.00 24.45 ? 81   ASP A OD2 1 
ATOM   486  N N   . PHE A 1 82  ? 8.317   -7.392  -2.282  1.00 12.52 ? 82   PHE A N   1 
ATOM   487  C CA  . PHE A 1 82  ? 8.494   -5.967  -2.494  1.00 13.64 ? 82   PHE A CA  1 
ATOM   488  C C   . PHE A 1 82  ? 8.324   -5.109  -1.241  1.00 13.77 ? 82   PHE A C   1 
ATOM   489  O O   . PHE A 1 82  ? 8.538   -3.903  -1.302  1.00 9.94  ? 82   PHE A O   1 
ATOM   490  C CB  . PHE A 1 82  ? 7.537   -5.469  -3.584  1.00 14.45 ? 82   PHE A CB  1 
ATOM   491  C CG  . PHE A 1 82  ? 7.801   -6.069  -4.929  1.00 12.90 ? 82   PHE A CG  1 
ATOM   492  C CD1 . PHE A 1 82  ? 7.210   -7.270  -5.297  1.00 15.86 ? 82   PHE A CD1 1 
ATOM   493  C CD2 . PHE A 1 82  ? 8.663   -5.442  -5.823  1.00 15.86 ? 82   PHE A CD2 1 
ATOM   494  C CE1 . PHE A 1 82  ? 7.474   -7.841  -6.541  1.00 25.35 ? 82   PHE A CE1 1 
ATOM   495  C CE2 . PHE A 1 82  ? 8.936   -6.004  -7.073  1.00 16.93 ? 82   PHE A CE2 1 
ATOM   496  C CZ  . PHE A 1 82  ? 8.340   -7.207  -7.430  1.00 19.06 ? 82   PHE A CZ  1 
ATOM   497  N N   . PHE A 1 83  ? 7.951   -5.717  -0.118  1.00 12.66 ? 83   PHE A N   1 
ATOM   498  C CA  . PHE A 1 83  ? 7.747   -4.966  1.127   1.00 13.29 ? 83   PHE A CA  1 
ATOM   499  C C   . PHE A 1 83  ? 8.915   -4.042  1.492   1.00 15.25 ? 83   PHE A C   1 
ATOM   500  O O   . PHE A 1 83  ? 8.732   -2.842  1.655   1.00 12.50 ? 83   PHE A O   1 
ATOM   501  C CB  . PHE A 1 83  ? 7.492   -5.920  2.307   1.00 11.76 ? 83   PHE A CB  1 
ATOM   502  C CG  . PHE A 1 83  ? 6.119   -6.555  2.316   1.00 13.11 ? 83   PHE A CG  1 
ATOM   503  C CD1 . PHE A 1 83  ? 5.818   -7.555  3.242   1.00 13.54 ? 83   PHE A CD1 1 
ATOM   504  C CD2 . PHE A 1 83  ? 5.132   -6.157  1.419   1.00 12.03 ? 83   PHE A CD2 1 
ATOM   505  C CE1 . PHE A 1 83  ? 4.549   -8.154  3.278   1.00 14.27 ? 83   PHE A CE1 1 
ATOM   506  C CE2 . PHE A 1 83  ? 3.855   -6.750  1.446   1.00 14.97 ? 83   PHE A CE2 1 
ATOM   507  C CZ  . PHE A 1 83  ? 3.570   -7.751  2.381   1.00 12.21 ? 83   PHE A CZ  1 
ATOM   508  N N   . ASP A 1 84  ? 10.110  -4.606  1.631   1.00 13.71 ? 84   ASP A N   1 
ATOM   509  C CA  . ASP A 1 84  ? 11.286  -3.814  2.002   1.00 18.23 ? 84   ASP A CA  1 
ATOM   510  C C   . ASP A 1 84  ? 11.780  -2.868  0.925   1.00 18.18 ? 84   ASP A C   1 
ATOM   511  O O   . ASP A 1 84  ? 12.049  -1.697  1.193   1.00 18.89 ? 84   ASP A O   1 
ATOM   512  C CB  . ASP A 1 84  ? 12.439  -4.731  2.413   1.00 22.74 ? 84   ASP A CB  1 
ATOM   513  C CG  . ASP A 1 84  ? 12.369  -5.123  3.862   1.00 32.99 ? 84   ASP A CG  1 
ATOM   514  O OD1 . ASP A 1 84  ? 12.485  -6.328  4.161   1.00 35.46 ? 84   ASP A OD1 1 
ATOM   515  O OD2 . ASP A 1 84  ? 12.198  -4.215  4.701   1.00 21.29 ? 84   ASP A OD2 1 
ATOM   516  N N   . PRO A 1 85  ? 11.928  -3.364  -0.309  1.00 16.75 ? 85   PRO A N   1 
ATOM   517  C CA  . PRO A 1 85  ? 12.405  -2.473  -1.361  1.00 13.34 ? 85   PRO A CA  1 
ATOM   518  C C   . PRO A 1 85  ? 11.483  -1.293  -1.664  1.00 17.22 ? 85   PRO A C   1 
ATOM   519  O O   . PRO A 1 85  ? 11.963  -0.183  -1.891  1.00 14.24 ? 85   PRO A O   1 
ATOM   520  C CB  . PRO A 1 85  ? 12.613  -3.415  -2.545  1.00 20.14 ? 85   PRO A CB  1 
ATOM   521  C CG  . PRO A 1 85  ? 11.684  -4.559  -2.257  1.00 29.77 ? 85   PRO A CG  1 
ATOM   522  C CD  . PRO A 1 85  ? 11.844  -4.754  -0.789  1.00 12.59 ? 85   PRO A CD  1 
ATOM   523  N N   . ILE A 1 86  ? 10.172  -1.509  -1.657  1.00 12.96 ? 86   ILE A N   1 
ATOM   524  C CA  . ILE A 1 86  ? 9.263   -0.405  -1.922  1.00 12.52 ? 86   ILE A CA  1 
ATOM   525  C C   . ILE A 1 86  ? 9.168   0.532   -0.714  1.00 12.89 ? 86   ILE A C   1 
ATOM   526  O O   . ILE A 1 86  ? 9.052   1.744   -0.882  1.00 13.12 ? 86   ILE A O   1 
ATOM   527  C CB  . ILE A 1 86  ? 7.862   -0.897  -2.306  1.00 12.49 ? 86   ILE A CB  1 
ATOM   528  C CG1 . ILE A 1 86  ? 7.926   -1.617  -3.657  1.00 12.94 ? 86   ILE A CG1 1 
ATOM   529  C CG2 . ILE A 1 86  ? 6.898   0.290   -2.378  1.00 12.05 ? 86   ILE A CG2 1 
ATOM   530  C CD1 . ILE A 1 86  ? 8.404   -0.745  -4.803  1.00 23.91 ? 86   ILE A CD1 1 
ATOM   531  N N   . ALA A 1 87  ? 9.214   -0.020  0.501   1.00 11.93 ? 87   ALA A N   1 
ATOM   532  C CA  . ALA A 1 87  ? 9.169   0.821   1.703   1.00 13.71 ? 87   ALA A CA  1 
ATOM   533  C C   . ALA A 1 87  ? 10.370  1.781   1.694   1.00 15.78 ? 87   ALA A C   1 
ATOM   534  O O   . ALA A 1 87  ? 10.244  2.981   1.982   1.00 10.50 ? 87   ALA A O   1 
ATOM   535  C CB  . ALA A 1 87  ? 9.211   -0.045  2.960   1.00 11.15 ? 87   ALA A CB  1 
ATOM   536  N N   . ASP A 1 88  ? 11.541  1.253   1.362   1.00 13.71 ? 88   ASP A N   1 
ATOM   537  C CA  . ASP A 1 88  ? 12.742  2.086   1.319   1.00 13.53 ? 88   ASP A CA  1 
ATOM   538  C C   . ASP A 1 88  ? 12.631  3.132   0.200   1.00 11.43 ? 88   ASP A C   1 
ATOM   539  O O   . ASP A 1 88  ? 13.134  4.252   0.327   1.00 13.25 ? 88   ASP A O   1 
ATOM   540  C CB  . ASP A 1 88  ? 13.983  1.224   1.091   1.00 13.63 ? 88   ASP A CB  1 
ATOM   541  C CG  . ASP A 1 88  ? 14.243  0.240   2.231   1.00 20.03 ? 88   ASP A CG  1 
ATOM   542  O OD1 . ASP A 1 88  ? 13.715  0.424   3.349   1.00 17.93 ? 88   ASP A OD1 1 
ATOM   543  O OD2 . ASP A 1 88  ? 14.997  -0.722  2.004   1.00 19.15 ? 88   ASP A OD2 1 
ATOM   544  N N   . HIS A 1 89  ? 11.954  2.774   -0.886  1.00 11.80 ? 89   HIS A N   1 
ATOM   545  C CA  . HIS A 1 89  ? 11.792  3.694   -2.010  1.00 13.44 ? 89   HIS A CA  1 
ATOM   546  C C   . HIS A 1 89  ? 10.914  4.868   -1.566  1.00 10.16 ? 89   HIS A C   1 
ATOM   547  O O   . HIS A 1 89  ? 11.234  6.021   -1.817  1.00 10.91 ? 89   HIS A O   1 
ATOM   548  C CB  . HIS A 1 89  ? 11.154  2.958   -3.197  1.00 13.07 ? 89   HIS A CB  1 
ATOM   549  C CG  . HIS A 1 89  ? 11.234  3.697   -4.501  1.00 14.43 ? 89   HIS A CG  1 
ATOM   550  N ND1 . HIS A 1 89  ? 10.688  4.949   -4.694  1.00 18.01 ? 89   HIS A ND1 1 
ATOM   551  C CD2 . HIS A 1 89  ? 11.738  3.321   -5.701  1.00 13.17 ? 89   HIS A CD2 1 
ATOM   552  C CE1 . HIS A 1 89  ? 10.844  5.308   -5.958  1.00 5.09  ? 89   HIS A CE1 1 
ATOM   553  N NE2 . HIS A 1 89  ? 11.477  4.337   -6.591  1.00 16.53 ? 89   HIS A NE2 1 
ATOM   554  N N   . ILE A 1 90  ? 9.806   4.569   -0.900  1.00 10.54 ? 90   ILE A N   1 
ATOM   555  C CA  . ILE A 1 90  ? 8.907   5.618   -0.420  1.00 10.85 ? 90   ILE A CA  1 
ATOM   556  C C   . ILE A 1 90  ? 9.669   6.555   0.516   1.00 14.92 ? 90   ILE A C   1 
ATOM   557  O O   . ILE A 1 90  ? 9.552   7.776   0.435   1.00 14.52 ? 90   ILE A O   1 
ATOM   558  C CB  . ILE A 1 90  ? 7.701   4.994   0.316   1.00 12.04 ? 90   ILE A CB  1 
ATOM   559  C CG1 . ILE A 1 90  ? 6.874   4.177   -0.685  1.00 11.92 ? 90   ILE A CG1 1 
ATOM   560  C CG2 . ILE A 1 90  ? 6.853   6.080   0.969   1.00 12.32 ? 90   ILE A CG2 1 
ATOM   561  C CD1 . ILE A 1 90  ? 5.854   3.262   -0.024  1.00 13.83 ? 90   ILE A CD1 1 
ATOM   562  N N   . HIS A 1 91  ? 10.456  5.969   1.404   1.00 8.87  ? 91   HIS A N   1 
ATOM   563  C CA  . HIS A 1 91  ? 11.248  6.746   2.346   1.00 13.59 ? 91   HIS A CA  1 
ATOM   564  C C   . HIS A 1 91  ? 12.255  7.645   1.628   1.00 11.04 ? 91   HIS A C   1 
ATOM   565  O O   . HIS A 1 91  ? 12.399  8.816   1.978   1.00 13.44 ? 91   HIS A O   1 
ATOM   566  C CB  . HIS A 1 91  ? 11.988  5.810   3.302   1.00 12.95 ? 91   HIS A CB  1 
ATOM   567  C CG  . HIS A 1 91  ? 12.861  6.528   4.282   1.00 14.37 ? 91   HIS A CG  1 
ATOM   568  N ND1 . HIS A 1 91  ? 12.357  7.384   5.239   1.00 20.01 ? 91   HIS A ND1 1 
ATOM   569  C CD2 . HIS A 1 91  ? 14.206  6.549   4.427   1.00 15.60 ? 91   HIS A CD2 1 
ATOM   570  C CE1 . HIS A 1 91  ? 13.356  7.904   5.929   1.00 20.51 ? 91   HIS A CE1 1 
ATOM   571  N NE2 . HIS A 1 91  ? 14.487  7.415   5.456   1.00 25.45 ? 91   HIS A NE2 1 
ATOM   572  N N   . SER A 1 92  ? 12.948  7.112   0.620   1.00 15.51 ? 92   SER A N   1 
ATOM   573  C CA  . SER A 1 92  ? 13.934  7.916   -0.113  1.00 11.97 ? 92   SER A CA  1 
ATOM   574  C C   . SER A 1 92  ? 13.290  9.103   -0.812  1.00 15.23 ? 92   SER A C   1 
ATOM   575  O O   . SER A 1 92  ? 13.863  10.193  -0.840  1.00 16.24 ? 92   SER A O   1 
ATOM   576  C CB  . SER A 1 92  ? 14.672  7.071   -1.147  1.00 13.66 ? 92   SER A CB  1 
ATOM   577  O OG  . SER A 1 92  ? 15.399  6.038   -0.514  1.00 27.05 ? 92   SER A OG  1 
ATOM   578  N N   . VAL A 1 93  ? 12.111  8.887   -1.393  1.00 12.18 ? 93   VAL A N   1 
ATOM   579  C CA  . VAL A 1 93  ? 11.384  9.965   -2.062  1.00 11.26 ? 93   VAL A CA  1 
ATOM   580  C C   . VAL A 1 93  ? 11.077  11.041  -1.037  1.00 12.06 ? 93   VAL A C   1 
ATOM   581  O O   . VAL A 1 93  ? 11.239  12.234  -1.304  1.00 16.17 ? 93   VAL A O   1 
ATOM   582  C CB  . VAL A 1 93  ? 10.055  9.457   -2.681  1.00 12.26 ? 93   VAL A CB  1 
ATOM   583  C CG1 . VAL A 1 93  ? 9.203   10.630  -3.167  1.00 7.83  ? 93   VAL A CG1 1 
ATOM   584  C CG2 . VAL A 1 93  ? 10.358  8.532   -3.846  1.00 9.89  ? 93   VAL A CG2 1 
ATOM   585  N N   . GLU A 1 94  ? 10.644  10.627  0.147   1.00 12.22 ? 94   GLU A N   1 
ATOM   586  C CA  . GLU A 1 94  ? 10.329  11.600  1.182   1.00 12.03 ? 94   GLU A CA  1 
ATOM   587  C C   . GLU A 1 94  ? 11.582  12.378  1.573   1.00 17.17 ? 94   GLU A C   1 
ATOM   588  O O   . GLU A 1 94  ? 11.549  13.598  1.706   1.00 15.80 ? 94   GLU A O   1 
ATOM   589  C CB  . GLU A 1 94  ? 9.752   10.909  2.421   1.00 14.54 ? 94   GLU A CB  1 
ATOM   590  C CG  . GLU A 1 94  ? 9.455   11.883  3.569   1.00 13.76 ? 94   GLU A CG  1 
ATOM   591  C CD  . GLU A 1 94  ? 8.766   11.212  4.743   1.00 21.29 ? 94   GLU A CD  1 
ATOM   592  O OE1 . GLU A 1 94  ? 7.540   10.988  4.674   1.00 20.31 ? 94   GLU A OE1 1 
ATOM   593  O OE2 . GLU A 1 94  ? 9.458   10.900  5.732   1.00 27.25 ? 94   GLU A OE2 1 
ATOM   594  N N   . MET A 1 95  ? 12.690  11.665  1.748   1.00 16.58 ? 95   MET A N   1 
ATOM   595  C CA  . MET A 1 95  ? 13.946  12.304  2.121   1.00 21.82 ? 95   MET A CA  1 
ATOM   596  C C   . MET A 1 95  ? 14.364  13.336  1.092   1.00 24.80 ? 95   MET A C   1 
ATOM   597  O O   . MET A 1 95  ? 15.012  14.330  1.424   1.00 20.95 ? 95   MET A O   1 
ATOM   598  C CB  . MET A 1 95  ? 15.050  11.261  2.286   1.00 19.68 ? 95   MET A CB  1 
ATOM   599  C CG  . MET A 1 95  ? 14.777  10.279  3.421   1.00 21.47 ? 95   MET A CG  1 
ATOM   600  S SD  . MET A 1 95  ? 14.263  11.155  4.919   1.00 45.68 ? 95   MET A SD  1 
ATOM   601  C CE  . MET A 1 95  ? 15.863  11.530  5.620   1.00 39.90 ? 95   MET A CE  1 
ATOM   602  N N   . LYS A 1 96  ? 13.977  13.110  -0.155  1.00 18.01 ? 96   LYS A N   1 
ATOM   603  C CA  . LYS A 1 96  ? 14.315  14.033  -1.227  1.00 18.38 ? 96   LYS A CA  1 
ATOM   604  C C   . LYS A 1 96  ? 13.231  15.081  -1.423  1.00 21.12 ? 96   LYS A C   1 
ATOM   605  O O   . LYS A 1 96  ? 13.177  15.730  -2.466  1.00 18.51 ? 96   LYS A O   1 
ATOM   606  C CB  . LYS A 1 96  ? 14.547  13.254  -2.529  1.00 23.97 ? 96   LYS A CB  1 
ATOM   607  C CG  . LYS A 1 96  ? 15.636  12.197  -2.388  1.00 30.11 ? 96   LYS A CG  1 
ATOM   608  C CD  . LYS A 1 96  ? 16.416  11.988  -3.667  1.00 42.37 ? 96   LYS A CD  1 
ATOM   609  C CE  . LYS A 1 96  ? 17.695  11.213  -3.377  1.00 42.99 ? 96   LYS A CE  1 
ATOM   610  N NZ  . LYS A 1 96  ? 18.636  11.240  -4.528  1.00 57.92 ? 96   LYS A NZ  1 
ATOM   611  N N   . GLN A 1 97  ? 12.357  15.229  -0.427  1.00 15.53 ? 97   GLN A N   1 
ATOM   612  C CA  . GLN A 1 97  ? 11.283  16.219  -0.478  1.00 21.01 ? 97   GLN A CA  1 
ATOM   613  C C   . GLN A 1 97  ? 10.246  15.982  -1.569  1.00 19.94 ? 97   GLN A C   1 
ATOM   614  O O   . GLN A 1 97  ? 9.634   16.929  -2.070  1.00 16.72 ? 97   GLN A O   1 
ATOM   615  C CB  . GLN A 1 97  ? 11.865  17.631  -0.657  1.00 21.62 ? 97   GLN A CB  1 
ATOM   616  C CG  . GLN A 1 97  ? 12.857  18.037  0.418   1.00 42.84 ? 97   GLN A CG  1 
ATOM   617  C CD  . GLN A 1 97  ? 12.258  17.965  1.805   1.00 55.25 ? 97   GLN A CD  1 
ATOM   618  O OE1 . GLN A 1 97  ? 11.255  18.620  2.099   1.00 69.36 ? 97   GLN A OE1 1 
ATOM   619  N NE2 . GLN A 1 97  ? 12.870  17.162  2.670   1.00 64.76 ? 97   GLN A NE2 1 
ATOM   620  N N   . GLY A 1 98  ? 10.045  14.726  -1.945  1.00 14.32 ? 98   GLY A N   1 
ATOM   621  C CA  . GLY A 1 98  ? 9.055   14.426  -2.958  1.00 17.16 ? 98   GLY A CA  1 
ATOM   622  C C   . GLY A 1 98  ? 7.882   13.763  -2.269  1.00 16.10 ? 98   GLY A C   1 
ATOM   623  O O   . GLY A 1 98  ? 7.872   13.658  -1.043  1.00 9.99  ? 98   GLY A O   1 
ATOM   624  N N   . ARG A 1 99  ? 6.899   13.324  -3.049  1.00 12.26 ? 99   ARG A N   1 
ATOM   625  C CA  . ARG A 1 99  ? 5.720   12.652  -2.506  1.00 13.09 ? 99   ARG A CA  1 
ATOM   626  C C   . ARG A 1 99  ? 5.379   11.460  -3.397  1.00 13.97 ? 99   ARG A C   1 
ATOM   627  O O   . ARG A 1 99  ? 5.469   11.534  -4.624  1.00 10.17 ? 99   ARG A O   1 
ATOM   628  C CB  . ARG A 1 99  ? 4.529   13.610  -2.440  1.00 12.48 ? 99   ARG A CB  1 
ATOM   629  C CG  . ARG A 1 99  ? 4.764   14.801  -1.532  1.00 16.70 ? 99   ARG A CG  1 
ATOM   630  C CD  . ARG A 1 99  ? 3.487   15.600  -1.316  1.00 20.71 ? 99   ARG A CD  1 
ATOM   631  N NE  . ARG A 1 99  ? 3.794   16.887  -0.694  1.00 17.67 ? 99   ARG A NE  1 
ATOM   632  C CZ  . ARG A 1 99  ? 2.890   17.729  -0.209  1.00 29.79 ? 99   ARG A CZ  1 
ATOM   633  N NH1 . ARG A 1 99  ? 1.601   17.425  -0.263  1.00 33.11 ? 99   ARG A NH1 1 
ATOM   634  N NH2 . ARG A 1 99  ? 3.279   18.883  0.324   1.00 22.69 ? 99   ARG A NH2 1 
ATOM   635  N N   . THR A 1 100 ? 4.963   10.371  -2.770  1.00 13.27 ? 100  THR A N   1 
ATOM   636  C CA  . THR A 1 100 ? 4.654   9.157   -3.503  1.00 11.74 ? 100  THR A CA  1 
ATOM   637  C C   . THR A 1 100 ? 3.182   8.775   -3.510  1.00 15.68 ? 100  THR A C   1 
ATOM   638  O O   . THR A 1 100 ? 2.501   8.877   -2.488  1.00 11.68 ? 100  THR A O   1 
ATOM   639  C CB  . THR A 1 100 ? 5.443   7.966   -2.899  1.00 12.51 ? 100  THR A CB  1 
ATOM   640  O OG1 . THR A 1 100 ? 6.849   8.263   -2.905  1.00 12.67 ? 100  THR A OG1 1 
ATOM   641  C CG2 . THR A 1 100 ? 5.194   6.691   -3.684  1.00 14.59 ? 100  THR A CG2 1 
ATOM   642  N N   . LEU A 1 101 ? 2.701   8.343   -4.679  1.00 12.80 ? 101  LEU A N   1 
ATOM   643  C CA  . LEU A 1 101 ? 1.345   7.832   -4.820  1.00 9.86  ? 101  LEU A CA  1 
ATOM   644  C C   . LEU A 1 101 ? 1.476   6.342   -5.094  1.00 13.16 ? 101  LEU A C   1 
ATOM   645  O O   . LEU A 1 101 ? 2.125   5.923   -6.069  1.00 10.46 ? 101  LEU A O   1 
ATOM   646  C CB  . LEU A 1 101 ? 0.573   8.460   -6.001  1.00 9.77  ? 101  LEU A CB  1 
ATOM   647  C CG  . LEU A 1 101 ? -0.733  7.719   -6.372  1.00 16.34 ? 101  LEU A CG  1 
ATOM   648  C CD1 . LEU A 1 101 ? -1.765  7.818   -5.225  1.00 9.32  ? 101  LEU A CD1 1 
ATOM   649  C CD2 . LEU A 1 101 ? -1.330  8.304   -7.655  1.00 12.95 ? 101  LEU A CD2 1 
ATOM   650  N N   . LEU A 1 102 ? 0.897   5.543   -4.211  1.00 10.76 ? 102  LEU A N   1 
ATOM   651  C CA  . LEU A 1 102 ? 0.858   4.101   -4.390  1.00 9.12  ? 102  LEU A CA  1 
ATOM   652  C C   . LEU A 1 102 ? -0.548  3.856   -4.921  1.00 13.04 ? 102  LEU A C   1 
ATOM   653  O O   . LEU A 1 102 ? -1.499  4.336   -4.322  1.00 15.87 ? 102  LEU A O   1 
ATOM   654  C CB  . LEU A 1 102 ? 0.955   3.371   -3.049  1.00 11.38 ? 102  LEU A CB  1 
ATOM   655  C CG  . LEU A 1 102 ? 2.296   2.957   -2.472  1.00 15.58 ? 102  LEU A CG  1 
ATOM   656  C CD1 . LEU A 1 102 ? 2.071   2.416   -1.055  1.00 16.13 ? 102  LEU A CD1 1 
ATOM   657  C CD2 . LEU A 1 102 ? 2.937   1.902   -3.388  1.00 9.08  ? 102  LEU A CD2 1 
ATOM   658  N N   . HIS A 1 103 ? -0.692  3.120   -6.022  1.00 9.06  ? 103  HIS A N   1 
ATOM   659  C CA  . HIS A 1 103 ? -2.023  2.806   -6.535  1.00 12.28 ? 103  HIS A CA  1 
ATOM   660  C C   . HIS A 1 103 ? -2.042  1.421   -7.171  1.00 13.46 ? 103  HIS A C   1 
ATOM   661  O O   . HIS A 1 103 ? -1.002  0.843   -7.489  1.00 10.22 ? 103  HIS A O   1 
ATOM   662  C CB  . HIS A 1 103 ? -2.481  3.838   -7.576  1.00 11.56 ? 103  HIS A CB  1 
ATOM   663  C CG  . HIS A 1 103 ? -1.906  3.621   -8.946  1.00 15.43 ? 103  HIS A CG  1 
ATOM   664  N ND1 . HIS A 1 103 ? -2.500  2.802   -9.883  1.00 15.13 ? 103  HIS A ND1 1 
ATOM   665  C CD2 . HIS A 1 103 ? -0.800  4.134   -9.542  1.00 11.77 ? 103  HIS A CD2 1 
ATOM   666  C CE1 . HIS A 1 103 ? -1.790  2.824   -10.998 1.00 9.31  ? 103  HIS A CE1 1 
ATOM   667  N NE2 . HIS A 1 103 ? -0.754  3.625   -10.819 1.00 13.19 ? 103  HIS A NE2 1 
ATOM   668  N N   . CYS A 1 104 ? -3.237  0.876   -7.318  1.00 8.35  ? 104  CYS A N   1 
ATOM   669  C CA  . CYS A 1 104 ? -3.406  -0.402  -7.982  1.00 12.10 ? 104  CYS A CA  1 
ATOM   670  C C   . CYS A 1 104 ? -4.652  -0.175  -8.844  1.00 12.99 ? 104  CYS A C   1 
ATOM   671  O O   . CYS A 1 104 ? -4.813  0.927   -9.387  1.00 14.13 ? 104  CYS A O   1 
ATOM   672  C CB  . CYS A 1 104 ? -3.543  -1.556  -6.965  1.00 7.63  ? 104  CYS A CB  1 
ATOM   673  S SG  . CYS A 1 104 ? -4.696  -1.335  -5.585  1.00 13.95 ? 104  CYS A SG  1 
ATOM   674  N N   . ALA A 1 105 ? -5.521  -1.162  -9.008  1.00 12.92 ? 105  ALA A N   1 
ATOM   675  C CA  . ALA A 1 105 ? -6.700  -0.919  -9.836  1.00 15.78 ? 105  ALA A CA  1 
ATOM   676  C C   . ALA A 1 105 ? -7.780  -0.187  -9.043  1.00 15.50 ? 105  ALA A C   1 
ATOM   677  O O   . ALA A 1 105 ? -8.307  0.833   -9.491  1.00 16.14 ? 105  ALA A O   1 
ATOM   678  C CB  . ALA A 1 105 ? -7.247  -2.241  -10.404 1.00 16.31 ? 105  ALA A CB  1 
ATOM   679  N N   . ALA A 1 106 ? -8.094  -0.688  -7.852  1.00 13.44 ? 106  ALA A N   1 
ATOM   680  C CA  . ALA A 1 106 ? -9.131  -0.064  -7.027  1.00 12.76 ? 106  ALA A CA  1 
ATOM   681  C C   . ALA A 1 106 ? -8.604  0.655   -5.788  1.00 14.07 ? 106  ALA A C   1 
ATOM   682  O O   . ALA A 1 106 ? -9.364  1.320   -5.099  1.00 12.93 ? 106  ALA A O   1 
ATOM   683  C CB  . ALA A 1 106 ? -10.146 -1.123  -6.598  1.00 13.16 ? 106  ALA A CB  1 
ATOM   684  N N   . GLY A 1 107 ? -7.315  0.512   -5.487  1.00 11.91 ? 107  GLY A N   1 
ATOM   685  C CA  . GLY A 1 107 ? -6.789  1.157   -4.292  1.00 12.81 ? 107  GLY A CA  1 
ATOM   686  C C   . GLY A 1 107 ? -7.352  0.484   -3.046  1.00 11.93 ? 107  GLY A C   1 
ATOM   687  O O   . GLY A 1 107 ? -7.535  1.110   -2.001  1.00 17.90 ? 107  GLY A O   1 
ATOM   688  N N   . VAL A 1 108 ? -7.622  -0.811  -3.164  1.00 14.42 ? 108  VAL A N   1 
ATOM   689  C CA  . VAL A 1 108 ? -8.199  -1.567  -2.062  1.00 14.28 ? 108  VAL A CA  1 
ATOM   690  C C   . VAL A 1 108 ? -7.303  -2.631  -1.454  1.00 13.41 ? 108  VAL A C   1 
ATOM   691  O O   . VAL A 1 108 ? -7.133  -2.682  -0.239  1.00 12.81 ? 108  VAL A O   1 
ATOM   692  C CB  . VAL A 1 108 ? -9.519  -2.260  -2.513  1.00 13.44 ? 108  VAL A CB  1 
ATOM   693  C CG1 . VAL A 1 108 ? -9.941  -3.332  -1.498  1.00 19.81 ? 108  VAL A CG1 1 
ATOM   694  C CG2 . VAL A 1 108 ? -10.624 -1.208  -2.670  1.00 10.51 ? 108  VAL A CG2 1 
ATOM   695  N N   . SER A 1 109 ? -6.725  -3.477  -2.297  1.00 13.40 ? 109  SER A N   1 
ATOM   696  C CA  . SER A 1 109 ? -5.902  -4.581  -1.806  1.00 14.42 ? 109  SER A CA  1 
ATOM   697  C C   . SER A 1 109 ? -4.381  -4.478  -1.971  1.00 12.85 ? 109  SER A C   1 
ATOM   698  O O   . SER A 1 109 ? -3.640  -4.430  -0.980  1.00 14.20 ? 109  SER A O   1 
ATOM   699  C CB  . SER A 1 109 ? -6.382  -5.883  -2.462  1.00 16.42 ? 109  SER A CB  1 
ATOM   700  O OG  . SER A 1 109 ? -5.699  -6.999  -1.914  1.00 20.01 ? 109  SER A OG  1 
ATOM   701  N N   . ARG A 1 110 ? -3.922  -4.465  -3.216  1.00 12.62 ? 110  ARG A N   1 
ATOM   702  C CA  . ARG A 1 110 ? -2.491  -4.407  -3.520  1.00 14.58 ? 110  ARG A CA  1 
ATOM   703  C C   . ARG A 1 110 ? -1.726  -3.183  -3.005  1.00 16.13 ? 110  ARG A C   1 
ATOM   704  O O   . ARG A 1 110 ? -0.739  -3.329  -2.265  1.00 12.16 ? 110  ARG A O   1 
ATOM   705  C CB  . ARG A 1 110 ? -2.292  -4.555  -5.034  1.00 13.71 ? 110  ARG A CB  1 
ATOM   706  C CG  . ARG A 1 110 ? -2.576  -5.977  -5.528  1.00 10.70 ? 110  ARG A CG  1 
ATOM   707  C CD  . ARG A 1 110 ? -2.596  -6.061  -7.048  1.00 13.32 ? 110  ARG A CD  1 
ATOM   708  N NE  . ARG A 1 110 ? -3.805  -5.453  -7.605  1.00 12.39 ? 110  ARG A NE  1 
ATOM   709  C CZ  . ARG A 1 110 ? -4.151  -5.530  -8.887  1.00 10.85 ? 110  ARG A CZ  1 
ATOM   710  N NH1 . ARG A 1 110 ? -3.383  -6.185  -9.744  1.00 14.43 ? 110  ARG A NH1 1 
ATOM   711  N NH2 . ARG A 1 110 ? -5.272  -4.967  -9.309  1.00 12.51 ? 110  ARG A NH2 1 
ATOM   712  N N   . SER A 1 111 ? -2.149  -1.978  -3.383  1.00 13.39 ? 111  SER A N   1 
ATOM   713  C CA  . SER A 1 111 ? -1.433  -0.793  -2.905  1.00 13.34 ? 111  SER A CA  1 
ATOM   714  C C   . SER A 1 111 ? -1.566  -0.660  -1.382  1.00 13.36 ? 111  SER A C   1 
ATOM   715  O O   . SER A 1 111 ? -0.623  -0.252  -0.697  1.00 16.70 ? 111  SER A O   1 
ATOM   716  C CB  . SER A 1 111 ? -1.945  0.480   -3.616  1.00 14.97 ? 111  SER A CB  1 
ATOM   717  O OG  . SER A 1 111 ? -3.355  0.643   -3.487  1.00 16.60 ? 111  SER A OG  1 
ATOM   718  N N   . ALA A 1 112 ? -2.723  -1.029  -0.845  1.00 12.92 ? 112  ALA A N   1 
ATOM   719  C CA  . ALA A 1 112 ? -2.942  -0.928  0.595   1.00 17.51 ? 112  ALA A CA  1 
ATOM   720  C C   . ALA A 1 112 ? -1.952  -1.784  1.381   1.00 12.37 ? 112  ALA A C   1 
ATOM   721  O O   . ALA A 1 112 ? -1.439  -1.358  2.415   1.00 11.48 ? 112  ALA A O   1 
ATOM   722  C CB  . ALA A 1 112 ? -4.375  -1.326  0.944   1.00 15.32 ? 112  ALA A CB  1 
ATOM   723  N N   . ALA A 1 113 ? -1.677  -2.984  0.888   1.00 13.91 ? 113  ALA A N   1 
ATOM   724  C CA  . ALA A 1 113 ? -0.745  -3.882  1.566   1.00 16.74 ? 113  ALA A CA  1 
ATOM   725  C C   . ALA A 1 113 ? 0.660   -3.296  1.615   1.00 13.05 ? 113  ALA A C   1 
ATOM   726  O O   . ALA A 1 113 ? 1.348   -3.398  2.639   1.00 14.44 ? 113  ALA A O   1 
ATOM   727  C CB  . ALA A 1 113 ? -0.721  -5.244  0.866   1.00 13.66 ? 113  ALA A CB  1 
ATOM   728  N N   . LEU A 1 114 ? 1.103   -2.684  0.518   1.00 15.99 ? 114  LEU A N   1 
ATOM   729  C CA  . LEU A 1 114 ? 2.444   -2.094  0.518   1.00 15.80 ? 114  LEU A CA  1 
ATOM   730  C C   . LEU A 1 114 ? 2.494   -0.906  1.473   1.00 17.13 ? 114  LEU A C   1 
ATOM   731  O O   . LEU A 1 114 ? 3.514   -0.657  2.123   1.00 11.75 ? 114  LEU A O   1 
ATOM   732  C CB  . LEU A 1 114 ? 2.860   -1.662  -0.893  1.00 10.03 ? 114  LEU A CB  1 
ATOM   733  C CG  . LEU A 1 114 ? 3.159   -2.825  -1.849  1.00 15.45 ? 114  LEU A CG  1 
ATOM   734  C CD1 . LEU A 1 114 ? 3.876   -2.313  -3.074  1.00 14.38 ? 114  LEU A CD1 1 
ATOM   735  C CD2 . LEU A 1 114 ? 4.042   -3.855  -1.159  1.00 19.04 ? 114  LEU A CD2 1 
ATOM   736  N N   . CYS A 1 115 ? 1.384   -0.177  1.559   1.00 15.09 ? 115  CYS A N   1 
ATOM   737  C CA  . CYS A 1 115 ? 1.306   0.961   2.461   1.00 12.64 ? 115  CYS A CA  1 
ATOM   738  C C   . CYS A 1 115 ? 1.460   0.478   3.909   1.00 16.91 ? 115  CYS A C   1 
ATOM   739  O O   . CYS A 1 115 ? 2.202   1.076   4.688   1.00 13.40 ? 115  CYS A O   1 
ATOM   740  C CB  . CYS A 1 115 ? -0.027  1.687   2.290   1.00 11.18 ? 115  CYS A CB  1 
ATOM   741  S SG  . CYS A 1 115 ? -0.271  3.037   3.503   1.00 15.65 ? 115  CYS A SG  1 
ATOM   742  N N   . LEU A 1 116 ? 0.767   -0.609  4.264   1.00 12.21 ? 116  LEU A N   1 
ATOM   743  C CA  . LEU A 1 116 ? 0.865   -1.144  5.622   1.00 15.07 ? 116  LEU A CA  1 
ATOM   744  C C   . LEU A 1 116 ? 2.301   -1.547  5.943   1.00 13.95 ? 116  LEU A C   1 
ATOM   745  O O   . LEU A 1 116 ? 2.795   -1.277  7.038   1.00 13.02 ? 116  LEU A O   1 
ATOM   746  C CB  . LEU A 1 116 ? -0.063  -2.356  5.811   1.00 10.17 ? 116  LEU A CB  1 
ATOM   747  C CG  . LEU A 1 116 ? -1.563  -2.102  5.622   1.00 19.56 ? 116  LEU A CG  1 
ATOM   748  C CD1 . LEU A 1 116 ? -2.336  -3.386  5.907   1.00 19.36 ? 116  LEU A CD1 1 
ATOM   749  C CD2 . LEU A 1 116 ? -2.029  -0.976  6.553   1.00 14.45 ? 116  LEU A CD2 1 
ATOM   750  N N   . ALA A 1 117 ? 2.977   -2.178  4.985   1.00 12.11 ? 117  ALA A N   1 
ATOM   751  C CA  . ALA A 1 117 ? 4.353   -2.599  5.205   1.00 14.42 ? 117  ALA A CA  1 
ATOM   752  C C   . ALA A 1 117 ? 5.229   -1.381  5.450   1.00 16.66 ? 117  ALA A C   1 
ATOM   753  O O   . ALA A 1 117 ? 6.081   -1.378  6.347   1.00 12.95 ? 117  ALA A O   1 
ATOM   754  C CB  . ALA A 1 117 ? 4.880   -3.397  3.988   1.00 13.70 ? 117  ALA A CB  1 
ATOM   755  N N   . TYR A 1 118 ? 5.019   -0.339  4.654   1.00 13.34 ? 118  TYR A N   1 
ATOM   756  C CA  . TYR A 1 118 ? 5.804   0.879   4.804   1.00 8.76  ? 118  TYR A CA  1 
ATOM   757  C C   . TYR A 1 118 ? 5.609   1.520   6.179   1.00 12.24 ? 118  TYR A C   1 
ATOM   758  O O   . TYR A 1 118 ? 6.586   1.895   6.840   1.00 13.57 ? 118  TYR A O   1 
ATOM   759  C CB  . TYR A 1 118 ? 5.435   1.880   3.706   1.00 12.75 ? 118  TYR A CB  1 
ATOM   760  C CG  . TYR A 1 118 ? 5.931   3.282   3.981   1.00 12.66 ? 118  TYR A CG  1 
ATOM   761  C CD1 . TYR A 1 118 ? 7.281   3.616   3.830   1.00 11.65 ? 118  TYR A CD1 1 
ATOM   762  C CD2 . TYR A 1 118 ? 5.061   4.256   4.455   1.00 11.25 ? 118  TYR A CD2 1 
ATOM   763  C CE1 . TYR A 1 118 ? 7.745   4.892   4.158   1.00 17.45 ? 118  TYR A CE1 1 
ATOM   764  C CE2 . TYR A 1 118 ? 5.508   5.529   4.781   1.00 11.88 ? 118  TYR A CE2 1 
ATOM   765  C CZ  . TYR A 1 118 ? 6.849   5.839   4.636   1.00 20.75 ? 118  TYR A CZ  1 
ATOM   766  O OH  . TYR A 1 118 ? 7.286   7.085   5.005   1.00 18.49 ? 118  TYR A OH  1 
ATOM   767  N N   . LEU A 1 119 ? 4.352   1.650   6.608   1.00 10.99 ? 119  LEU A N   1 
ATOM   768  C CA  . LEU A 1 119 ? 4.059   2.260   7.906   1.00 11.99 ? 119  LEU A CA  1 
ATOM   769  C C   . LEU A 1 119 ? 4.720   1.508   9.056   1.00 16.15 ? 119  LEU A C   1 
ATOM   770  O O   . LEU A 1 119 ? 5.230   2.125   9.992   1.00 13.38 ? 119  LEU A O   1 
ATOM   771  C CB  . LEU A 1 119 ? 2.549   2.338   8.143   1.00 13.08 ? 119  LEU A CB  1 
ATOM   772  C CG  . LEU A 1 119 ? 1.791   3.335   7.264   1.00 13.40 ? 119  LEU A CG  1 
ATOM   773  C CD1 . LEU A 1 119 ? 0.291   3.236   7.519   1.00 12.33 ? 119  LEU A CD1 1 
ATOM   774  C CD2 . LEU A 1 119 ? 2.288   4.746   7.562   1.00 14.75 ? 119  LEU A CD2 1 
ATOM   775  N N   . MET A 1 120 ? 4.726   0.180   8.994   1.00 15.76 ? 120  MET A N   1 
ATOM   776  C CA  . MET A 1 120 ? 5.360   -0.589  10.061  1.00 17.45 ? 120  MET A CA  1 
ATOM   777  C C   . MET A 1 120 ? 6.860   -0.344  10.087  1.00 16.89 ? 120  MET A C   1 
ATOM   778  O O   . MET A 1 120 ? 7.458   -0.167  11.152  1.00 14.88 ? 120  MET A O   1 
ATOM   779  C CB  . MET A 1 120 ? 5.119   -2.095  9.890   1.00 15.27 ? 120  MET A CB  1 
ATOM   780  C CG  . MET A 1 120 ? 3.683   -2.545  10.114  1.00 15.48 ? 120  MET A CG  1 
ATOM   781  S SD  . MET A 1 120 ? 3.577   -4.354  10.277  1.00 18.18 ? 120  MET A SD  1 
ATOM   782  C CE  . MET A 1 120 ? 3.912   -4.856  8.567   1.00 13.11 ? 120  MET A CE  1 
ATOM   783  N N   . LYS A 1 121 ? 7.476   -0.333  8.912   1.00 11.51 ? 121  LYS A N   1 
ATOM   784  C CA  . LYS A 1 121 ? 8.914   -0.151  8.855   1.00 15.29 ? 121  LYS A CA  1 
ATOM   785  C C   . LYS A 1 121 ? 9.398   1.253   9.153   1.00 20.79 ? 121  LYS A C   1 
ATOM   786  O O   . LYS A 1 121 ? 10.386  1.422   9.863   1.00 15.66 ? 121  LYS A O   1 
ATOM   787  C CB  . LYS A 1 121 ? 9.463   -0.594  7.494   1.00 12.70 ? 121  LYS A CB  1 
ATOM   788  C CG  . LYS A 1 121 ? 10.985  -0.565  7.445   1.00 13.76 ? 121  LYS A CG  1 
ATOM   789  C CD  . LYS A 1 121 ? 11.572  -1.082  6.138   1.00 14.13 ? 121  LYS A CD  1 
ATOM   790  C CE  . LYS A 1 121 ? 13.121  -1.127  6.227   1.00 21.48 ? 121  LYS A CE  1 
ATOM   791  N NZ  . LYS A 1 121 ? 13.759  -1.860  5.071   1.00 18.16 ? 121  LYS A NZ  1 
ATOM   792  N N   . TYR A 1 122 ? 8.705   2.266   8.646   1.00 14.14 ? 122  TYR A N   1 
ATOM   793  C CA  . TYR A 1 122 ? 9.175   3.632   8.855   1.00 15.64 ? 122  TYR A CA  1 
ATOM   794  C C   . TYR A 1 122 ? 8.440   4.537   9.833   1.00 18.17 ? 122  TYR A C   1 
ATOM   795  O O   . TYR A 1 122 ? 8.912   5.637   10.125  1.00 16.78 ? 122  TYR A O   1 
ATOM   796  C CB  . TYR A 1 122 ? 9.291   4.338   7.500   1.00 13.39 ? 122  TYR A CB  1 
ATOM   797  C CG  . TYR A 1 122 ? 10.509  3.895   6.738   1.00 13.08 ? 122  TYR A CG  1 
ATOM   798  C CD1 . TYR A 1 122 ? 10.420  2.912   5.761   1.00 13.57 ? 122  TYR A CD1 1 
ATOM   799  C CD2 . TYR A 1 122 ? 11.769  4.416   7.045   1.00 13.63 ? 122  TYR A CD2 1 
ATOM   800  C CE1 . TYR A 1 122 ? 11.555  2.450   5.107   1.00 14.65 ? 122  TYR A CE1 1 
ATOM   801  C CE2 . TYR A 1 122 ? 12.911  3.957   6.397   1.00 20.82 ? 122  TYR A CE2 1 
ATOM   802  C CZ  . TYR A 1 122 ? 12.793  2.971   5.430   1.00 15.20 ? 122  TYR A CZ  1 
ATOM   803  O OH  . TYR A 1 122 ? 13.906  2.485   4.794   1.00 18.21 ? 122  TYR A OH  1 
ATOM   804  N N   . HIS A 1 123 ? 7.284   4.107   10.326  1.00 17.21 ? 123  HIS A N   1 
ATOM   805  C CA  . HIS A 1 123 ? 6.545   4.923   11.290  1.00 19.47 ? 123  HIS A CA  1 
ATOM   806  C C   . HIS A 1 123 ? 6.375   4.179   12.620  1.00 17.02 ? 123  HIS A C   1 
ATOM   807  O O   . HIS A 1 123 ? 5.533   4.528   13.450  1.00 17.23 ? 123  HIS A O   1 
ATOM   808  C CB  . HIS A 1 123 ? 5.190   5.324   10.700  1.00 19.33 ? 123  HIS A CB  1 
ATOM   809  C CG  . HIS A 1 123 ? 5.293   6.417   9.678   1.00 19.98 ? 123  HIS A CG  1 
ATOM   810  N ND1 . HIS A 1 123 ? 5.205   7.753   10.003  1.00 27.85 ? 123  HIS A ND1 1 
ATOM   811  C CD2 . HIS A 1 123 ? 5.555   6.371   8.352   1.00 15.22 ? 123  HIS A CD2 1 
ATOM   812  C CE1 . HIS A 1 123 ? 5.408   8.483   8.921   1.00 28.26 ? 123  HIS A CE1 1 
ATOM   813  N NE2 . HIS A 1 123 ? 5.623   7.668   7.904   1.00 22.26 ? 123  HIS A NE2 1 
ATOM   814  N N   . ALA A 1 124 ? 7.187   3.140   12.793  1.00 18.89 ? 124  ALA A N   1 
ATOM   815  C CA  . ALA A 1 124 ? 7.183   2.323   14.004  1.00 18.52 ? 124  ALA A CA  1 
ATOM   816  C C   . ALA A 1 124 ? 5.771   1.987   14.481  1.00 16.82 ? 124  ALA A C   1 
ATOM   817  O O   . ALA A 1 124 ? 5.433   2.176   15.653  1.00 23.61 ? 124  ALA A O   1 
ATOM   818  C CB  . ALA A 1 124 ? 7.956   3.049   15.104  1.00 17.45 ? 124  ALA A CB  1 
ATOM   819  N N   . MET A 1 125 ? 4.943   1.489   13.569  1.00 13.90 ? 125  MET A N   1 
ATOM   820  C CA  . MET A 1 125 ? 3.574   1.129   13.913  1.00 21.66 ? 125  MET A CA  1 
ATOM   821  C C   . MET A 1 125 ? 3.357   -0.373  13.856  1.00 18.89 ? 125  MET A C   1 
ATOM   822  O O   . MET A 1 125 ? 3.929   -1.058  13.014  1.00 17.23 ? 125  MET A O   1 
ATOM   823  C CB  . MET A 1 125 ? 2.584   1.809   12.961  1.00 20.28 ? 125  MET A CB  1 
ATOM   824  C CG  . MET A 1 125 ? 2.510   3.324   13.124  1.00 25.93 ? 125  MET A CG  1 
ATOM   825  S SD  . MET A 1 125 ? 1.510   4.120   11.846  1.00 24.43 ? 125  MET A SD  1 
ATOM   826  C CE  . MET A 1 125 ? -0.068  4.149   12.618  1.00 19.64 ? 125  MET A CE  1 
ATOM   827  N N   . SER A 1 126 ? 2.543   -0.886  14.771  1.00 15.26 ? 126  SER A N   1 
ATOM   828  C CA  . SER A 1 126 ? 2.225   -2.308  14.766  1.00 20.40 ? 126  SER A CA  1 
ATOM   829  C C   . SER A 1 126 ? 1.342   -2.501  13.532  1.00 18.19 ? 126  SER A C   1 
ATOM   830  O O   . SER A 1 126 ? 0.790   -1.523  13.013  1.00 15.55 ? 126  SER A O   1 
ATOM   831  C CB  . SER A 1 126 ? 1.428   -2.673  16.014  1.00 15.29 ? 126  SER A CB  1 
ATOM   832  O OG  . SER A 1 126 ? 0.208   -1.960  16.019  1.00 13.77 ? 126  SER A OG  1 
ATOM   833  N N   . LEU A 1 127 ? 1.209   -3.740  13.058  1.00 14.65 ? 127  LEU A N   1 
ATOM   834  C CA  . LEU A 1 127 ? 0.364   -4.001  11.900  1.00 17.10 ? 127  LEU A CA  1 
ATOM   835  C C   . LEU A 1 127 ? -1.044  -3.512  12.217  1.00 14.20 ? 127  LEU A C   1 
ATOM   836  O O   . LEU A 1 127 ? -1.708  -2.893  11.382  1.00 13.96 ? 127  LEU A O   1 
ATOM   837  C CB  . LEU A 1 127 ? 0.340   -5.502  11.557  1.00 12.96 ? 127  LEU A CB  1 
ATOM   838  C CG  . LEU A 1 127 ? -0.526  -5.925  10.353  1.00 18.90 ? 127  LEU A CG  1 
ATOM   839  C CD1 . LEU A 1 127 ? -0.145  -5.096  9.108   1.00 14.01 ? 127  LEU A CD1 1 
ATOM   840  C CD2 . LEU A 1 127 ? -0.338  -7.429  10.068  1.00 12.14 ? 127  LEU A CD2 1 
ATOM   841  N N   . LEU A 1 128 ? -1.502  -3.775  13.434  1.00 14.79 ? 128  LEU A N   1 
ATOM   842  C CA  . LEU A 1 128 ? -2.841  -3.341  13.835  1.00 15.70 ? 128  LEU A CA  1 
ATOM   843  C C   . LEU A 1 128 ? -2.988  -1.816  13.751  1.00 12.86 ? 128  LEU A C   1 
ATOM   844  O O   . LEU A 1 128 ? -3.971  -1.307  13.190  1.00 14.75 ? 128  LEU A O   1 
ATOM   845  C CB  . LEU A 1 128 ? -3.146  -3.804  15.267  1.00 13.85 ? 128  LEU A CB  1 
ATOM   846  C CG  . LEU A 1 128 ? -4.495  -3.377  15.867  1.00 23.91 ? 128  LEU A CG  1 
ATOM   847  C CD1 . LEU A 1 128 ? -5.632  -3.928  15.028  1.00 15.02 ? 128  LEU A CD1 1 
ATOM   848  C CD2 . LEU A 1 128 ? -4.614  -3.880  17.304  1.00 25.21 ? 128  LEU A CD2 1 
ATOM   849  N N   . ASP A 1 129 ? -2.023  -1.088  14.307  1.00 14.93 ? 129  ASP A N   1 
ATOM   850  C CA  . ASP A 1 129 ? -2.102  0.377   14.284  1.00 17.84 ? 129  ASP A CA  1 
ATOM   851  C C   . ASP A 1 129 ? -1.940  0.923   12.870  1.00 13.16 ? 129  ASP A C   1 
ATOM   852  O O   . ASP A 1 129 ? -2.576  1.910   12.501  1.00 14.44 ? 129  ASP A O   1 
ATOM   853  C CB  . ASP A 1 129 ? -1.061  1.009   15.220  1.00 15.97 ? 129  ASP A CB  1 
ATOM   854  C CG  . ASP A 1 129 ? -1.404  0.817   16.702  1.00 25.51 ? 129  ASP A CG  1 
ATOM   855  O OD1 . ASP A 1 129 ? -2.560  0.462   17.016  1.00 26.30 ? 129  ASP A OD1 1 
ATOM   856  O OD2 . ASP A 1 129 ? -0.517  1.029   17.558  1.00 19.83 ? 129  ASP A OD2 1 
ATOM   857  N N   . ALA A 1 130 ? -1.097  0.282   12.074  1.00 16.51 ? 130  ALA A N   1 
ATOM   858  C CA  . ALA A 1 130 ? -0.923  0.726   10.696  1.00 11.13 ? 130  ALA A CA  1 
ATOM   859  C C   . ALA A 1 130 ? -2.249  0.543   9.958   1.00 12.52 ? 130  ALA A C   1 
ATOM   860  O O   . ALA A 1 130 ? -2.639  1.380   9.141   1.00 11.15 ? 130  ALA A O   1 
ATOM   861  C CB  . ALA A 1 130 ? 0.181   -0.090  10.023  1.00 12.62 ? 130  ALA A CB  1 
ATOM   862  N N   . HIS A 1 131 ? -2.950  -0.558  10.234  1.00 12.17 ? 131  HIS A N   1 
ATOM   863  C CA  . HIS A 1 131 ? -4.229  -0.785  9.567   1.00 10.61 ? 131  HIS A CA  1 
ATOM   864  C C   . HIS A 1 131 ? -5.307  0.212   10.022  1.00 12.30 ? 131  HIS A C   1 
ATOM   865  O O   . HIS A 1 131 ? -6.037  0.768   9.198   1.00 12.87 ? 131  HIS A O   1 
ATOM   866  C CB  . HIS A 1 131 ? -4.735  -2.219  9.799   1.00 16.96 ? 131  HIS A CB  1 
ATOM   867  C CG  . HIS A 1 131 ? -6.106  -2.462  9.241   1.00 17.69 ? 131  HIS A CG  1 
ATOM   868  N ND1 . HIS A 1 131 ? -7.250  -2.308  9.991   1.00 16.33 ? 131  HIS A ND1 1 
ATOM   869  C CD2 . HIS A 1 131 ? -6.519  -2.734  7.978   1.00 9.97  ? 131  HIS A CD2 1 
ATOM   870  C CE1 . HIS A 1 131 ? -8.312  -2.466  9.216   1.00 16.24 ? 131  HIS A CE1 1 
ATOM   871  N NE2 . HIS A 1 131 ? -7.894  -2.723  7.988   1.00 13.38 ? 131  HIS A NE2 1 
ATOM   872  N N   . THR A 1 132 ? -5.412  0.436   11.329  1.00 12.65 ? 132  THR A N   1 
ATOM   873  C CA  . THR A 1 132 ? -6.410  1.372   11.851  1.00 14.44 ? 132  THR A CA  1 
ATOM   874  C C   . THR A 1 132 ? -6.208  2.745   11.218  1.00 10.95 ? 132  THR A C   1 
ATOM   875  O O   . THR A 1 132 ? -7.162  3.399   10.784  1.00 15.05 ? 132  THR A O   1 
ATOM   876  C CB  . THR A 1 132 ? -6.295  1.519   13.382  1.00 22.16 ? 132  THR A CB  1 
ATOM   877  O OG1 . THR A 1 132 ? -6.393  0.223   13.987  1.00 18.61 ? 132  THR A OG1 1 
ATOM   878  C CG2 . THR A 1 132 ? -7.412  2.422   13.928  1.00 16.52 ? 132  THR A CG2 1 
ATOM   879  N N   . TRP A 1 133 ? -4.955  3.174   11.169  1.00 14.06 ? 133  TRP A N   1 
ATOM   880  C CA  . TRP A 1 133 ? -4.611  4.464   10.585  1.00 13.57 ? 133  TRP A CA  1 
ATOM   881  C C   . TRP A 1 133 ? -4.960  4.515   9.095   1.00 13.71 ? 133  TRP A C   1 
ATOM   882  O O   . TRP A 1 133 ? -5.630  5.439   8.639   1.00 15.23 ? 133  TRP A O   1 
ATOM   883  C CB  . TRP A 1 133 ? -3.111  4.747   10.769  1.00 11.18 ? 133  TRP A CB  1 
ATOM   884  C CG  . TRP A 1 133 ? -2.656  6.024   10.077  1.00 12.44 ? 133  TRP A CG  1 
ATOM   885  C CD1 . TRP A 1 133 ? -2.183  6.148   8.791   1.00 16.20 ? 133  TRP A CD1 1 
ATOM   886  C CD2 . TRP A 1 133 ? -2.726  7.352   10.607  1.00 14.46 ? 133  TRP A CD2 1 
ATOM   887  N NE1 . TRP A 1 133 ? -1.961  7.485   8.488   1.00 16.49 ? 133  TRP A NE1 1 
ATOM   888  C CE2 . TRP A 1 133 ? -2.290  8.240   9.587   1.00 15.84 ? 133  TRP A CE2 1 
ATOM   889  C CE3 . TRP A 1 133 ? -3.119  7.884   11.844  1.00 15.49 ? 133  TRP A CE3 1 
ATOM   890  C CZ2 . TRP A 1 133 ? -2.241  9.625   9.771   1.00 15.33 ? 133  TRP A CZ2 1 
ATOM   891  C CZ3 . TRP A 1 133 ? -3.067  9.266   12.024  1.00 25.18 ? 133  TRP A CZ3 1 
ATOM   892  C CH2 . TRP A 1 133 ? -2.631  10.117  10.993  1.00 26.39 ? 133  TRP A CH2 1 
ATOM   893  N N   . THR A 1 134 ? -4.513  3.520   8.337   1.00 13.18 ? 134  THR A N   1 
ATOM   894  C CA  . THR A 1 134 ? -4.772  3.523   6.898   1.00 11.11 ? 134  THR A CA  1 
ATOM   895  C C   . THR A 1 134 ? -6.261  3.466   6.589   1.00 11.39 ? 134  THR A C   1 
ATOM   896  O O   . THR A 1 134 ? -6.756  4.190   5.713   1.00 15.48 ? 134  THR A O   1 
ATOM   897  C CB  . THR A 1 134 ? -4.014  2.363   6.192   1.00 12.19 ? 134  THR A CB  1 
ATOM   898  O OG1 . THR A 1 134 ? -2.606  2.495   6.450   1.00 13.88 ? 134  THR A OG1 1 
ATOM   899  C CG2 . THR A 1 134 ? -4.234  2.413   4.681   1.00 11.81 ? 134  THR A CG2 1 
ATOM   900  N N   . LYS A 1 135 ? -6.977  2.616   7.317   1.00 14.09 ? 135  LYS A N   1 
ATOM   901  C CA  . LYS A 1 135 ? -8.423  2.470   7.140   1.00 15.15 ? 135  LYS A CA  1 
ATOM   902  C C   . LYS A 1 135 ? -9.121  3.811   7.429   1.00 12.49 ? 135  LYS A C   1 
ATOM   903  O O   . LYS A 1 135 ? -10.117 4.161   6.782   1.00 15.11 ? 135  LYS A O   1 
ATOM   904  C CB  . LYS A 1 135 ? -8.936  1.369   8.081   1.00 18.67 ? 135  LYS A CB  1 
ATOM   905  C CG  . LYS A 1 135 ? -10.442 1.254   8.194   1.00 33.49 ? 135  LYS A CG  1 
ATOM   906  C CD  . LYS A 1 135 ? -11.010 0.294   7.189   1.00 38.63 ? 135  LYS A CD  1 
ATOM   907  C CE  . LYS A 1 135 ? -12.474 0.034   7.491   1.00 46.27 ? 135  LYS A CE  1 
ATOM   908  N NZ  . LYS A 1 135 ? -13.069 -0.893  6.507   1.00 51.19 ? 135  LYS A NZ  1 
ATOM   909  N N   . SER A 1 136 ? -8.600  4.559   8.396   1.00 16.98 ? 136  SER A N   1 
ATOM   910  C CA  . SER A 1 136 ? -9.169  5.870   8.725   1.00 17.03 ? 136  SER A CA  1 
ATOM   911  C C   . SER A 1 136 ? -8.940  6.825   7.556   1.00 17.00 ? 136  SER A C   1 
ATOM   912  O O   . SER A 1 136 ? -9.789  7.656   7.257   1.00 16.70 ? 136  SER A O   1 
ATOM   913  C CB  . SER A 1 136 ? -8.521  6.460   9.979   1.00 20.10 ? 136  SER A CB  1 
ATOM   914  O OG  . SER A 1 136 ? -8.799  5.661   11.114  1.00 36.84 ? 136  SER A OG  1 
ATOM   915  N N   . CYS A 1 137 ? -7.794  6.705   6.892   1.00 14.47 ? 137  CYS A N   1 
ATOM   916  C CA  . CYS A 1 137 ? -7.504  7.581   5.758   1.00 17.91 ? 137  CYS A CA  1 
ATOM   917  C C   . CYS A 1 137 ? -8.243  7.159   4.500   1.00 20.01 ? 137  CYS A C   1 
ATOM   918  O O   . CYS A 1 137 ? -8.635  8.002   3.696   1.00 21.74 ? 137  CYS A O   1 
ATOM   919  C CB  . CYS A 1 137 ? -6.013  7.592   5.432   1.00 11.95 ? 137  CYS A CB  1 
ATOM   920  S SG  . CYS A 1 137 ? -4.942  8.174   6.731   1.00 17.70 ? 137  CYS A SG  1 
ATOM   921  N N   . ARG A 1 138 ? -8.417  5.853   4.320   1.00 15.16 ? 138  ARG A N   1 
ATOM   922  C CA  . ARG A 1 138 ? -9.093  5.337   3.133   1.00 19.23 ? 138  ARG A CA  1 
ATOM   923  C C   . ARG A 1 138 ? -9.931  4.141   3.563   1.00 15.51 ? 138  ARG A C   1 
ATOM   924  O O   . ARG A 1 138 ? -9.468  3.007   3.528   1.00 13.45 ? 138  ARG A O   1 
ATOM   925  C CB  . ARG A 1 138 ? -8.056  4.910   2.084   1.00 16.90 ? 138  ARG A CB  1 
ATOM   926  C CG  . ARG A 1 138 ? -8.637  4.538   0.728   1.00 14.97 ? 138  ARG A CG  1 
ATOM   927  C CD  . ARG A 1 138 ? -7.535  4.130   -0.250  1.00 20.27 ? 138  ARG A CD  1 
ATOM   928  N NE  . ARG A 1 138 ? -8.064  3.690   -1.546  1.00 11.70 ? 138  ARG A NE  1 
ATOM   929  C CZ  . ARG A 1 138 ? -8.559  4.505   -2.473  1.00 17.60 ? 138  ARG A CZ  1 
ATOM   930  N NH1 . ARG A 1 138 ? -8.597  5.810   -2.263  1.00 12.76 ? 138  ARG A NH1 1 
ATOM   931  N NH2 . ARG A 1 138 ? -9.018  4.014   -3.617  1.00 13.84 ? 138  ARG A NH2 1 
ATOM   932  N N   . PRO A 1 139 ? -11.189 4.390   3.956   1.00 18.80 ? 139  PRO A N   1 
ATOM   933  C CA  . PRO A 1 139 ? -12.161 3.397   4.419   1.00 20.51 ? 139  PRO A CA  1 
ATOM   934  C C   . PRO A 1 139 ? -12.278 2.087   3.650   1.00 17.11 ? 139  PRO A C   1 
ATOM   935  O O   . PRO A 1 139 ? -12.464 1.028   4.251   1.00 16.65 ? 139  PRO A O   1 
ATOM   936  C CB  . PRO A 1 139 ? -13.476 4.178   4.408   1.00 22.76 ? 139  PRO A CB  1 
ATOM   937  C CG  . PRO A 1 139 ? -13.040 5.553   4.768   1.00 25.65 ? 139  PRO A CG  1 
ATOM   938  C CD  . PRO A 1 139 ? -11.808 5.731   3.906   1.00 17.65 ? 139  PRO A CD  1 
ATOM   939  N N   . ILE A 1 140 ? -12.169 2.142   2.331   1.00 16.60 ? 140  ILE A N   1 
ATOM   940  C CA  . ILE A 1 140 ? -12.329 0.927   1.546   1.00 18.02 ? 140  ILE A CA  1 
ATOM   941  C C   . ILE A 1 140 ? -11.155 -0.040  1.467   1.00 17.91 ? 140  ILE A C   1 
ATOM   942  O O   . ILE A 1 140 ? -11.285 -1.073  0.821   1.00 17.25 ? 140  ILE A O   1 
ATOM   943  C CB  . ILE A 1 140 ? -12.748 1.244   0.097   1.00 22.27 ? 140  ILE A CB  1 
ATOM   944  C CG1 . ILE A 1 140 ? -11.633 2.019   -0.603  1.00 18.92 ? 140  ILE A CG1 1 
ATOM   945  C CG2 . ILE A 1 140 ? -14.058 2.039   0.087   1.00 20.81 ? 140  ILE A CG2 1 
ATOM   946  C CD1 . ILE A 1 140 ? -11.924 2.331   -2.053  1.00 28.37 ? 140  ILE A CD1 1 
ATOM   947  N N   . ILE A 1 141 ? -10.019 0.256   2.098   1.00 14.13 ? 141  ILE A N   1 
ATOM   948  C CA  . ILE A 1 141 ? -8.898  -0.681  1.988   1.00 11.50 ? 141  ILE A CA  1 
ATOM   949  C C   . ILE A 1 141 ? -9.240  -2.048  2.571   1.00 16.12 ? 141  ILE A C   1 
ATOM   950  O O   . ILE A 1 141 ? -9.893  -2.154  3.616   1.00 14.63 ? 141  ILE A O   1 
ATOM   951  C CB  . ILE A 1 141 ? -7.593  -0.165  2.666   1.00 11.80 ? 141  ILE A CB  1 
ATOM   952  C CG1 . ILE A 1 141 ? -7.813  0.046   4.164   1.00 13.52 ? 141  ILE A CG1 1 
ATOM   953  C CG2 . ILE A 1 141 ? -7.147  1.138   2.000   1.00 12.46 ? 141  ILE A CG2 1 
ATOM   954  C CD1 . ILE A 1 141 ? -6.582  -0.225  4.983   1.00 17.12 ? 141  ILE A CD1 1 
ATOM   955  N N   . ARG A 1 142 ? -8.809  -3.093  1.874   1.00 14.45 ? 142  ARG A N   1 
ATOM   956  C CA  . ARG A 1 142 ? -9.056  -4.457  2.311   1.00 13.49 ? 142  ARG A CA  1 
ATOM   957  C C   . ARG A 1 142 ? -8.115  -5.438  1.619   1.00 16.18 ? 142  ARG A C   1 
ATOM   958  O O   . ARG A 1 142 ? -8.458  -6.032  0.607   1.00 17.54 ? 142  ARG A O   1 
ATOM   959  C CB  . ARG A 1 142 ? -10.515 -4.851  2.042   1.00 20.38 ? 142  ARG A CB  1 
ATOM   960  C CG  . ARG A 1 142 ? -10.817 -6.317  2.369   1.00 21.59 ? 142  ARG A CG  1 
ATOM   961  C CD  . ARG A 1 142 ? -12.296 -6.593  2.590   1.00 29.57 ? 142  ARG A CD  1 
ATOM   962  N NE  . ARG A 1 142 ? -12.739 -6.112  3.894   1.00 40.17 ? 142  ARG A NE  1 
ATOM   963  C CZ  . ARG A 1 142 ? -13.283 -6.877  4.839   1.00 41.37 ? 142  ARG A CZ  1 
ATOM   964  N NH1 . ARG A 1 142 ? -13.459 -8.177  4.634   1.00 43.82 ? 142  ARG A NH1 1 
ATOM   965  N NH2 . ARG A 1 142 ? -13.644 -6.340  5.995   1.00 51.03 ? 142  ARG A NH2 1 
ATOM   966  N N   . PRO A 1 143 ? -6.903  -5.614  2.161   1.00 13.88 ? 143  PRO A N   1 
ATOM   967  C CA  . PRO A 1 143 ? -5.950  -6.545  1.550   1.00 8.26  ? 143  PRO A CA  1 
ATOM   968  C C   . PRO A 1 143 ? -6.559  -7.958  1.512   1.00 10.59 ? 143  PRO A C   1 
ATOM   969  O O   . PRO A 1 143 ? -7.304  -8.334  2.424   1.00 11.59 ? 143  PRO A O   1 
ATOM   970  C CB  . PRO A 1 143 ? -4.759  -6.487  2.503   1.00 13.06 ? 143  PRO A CB  1 
ATOM   971  C CG  . PRO A 1 143 ? -4.827  -5.083  3.064   1.00 12.99 ? 143  PRO A CG  1 
ATOM   972  C CD  . PRO A 1 143 ? -6.312  -4.932  3.327   1.00 9.60  ? 143  PRO A CD  1 
ATOM   973  N N   . ASN A 1 144 ? -6.253  -8.740  0.479   1.00 13.01 ? 144  ASN A N   1 
ATOM   974  C CA  . ASN A 1 144 ? -6.791  -10.097 0.428   1.00 18.50 ? 144  ASN A CA  1 
ATOM   975  C C   . ASN A 1 144 ? -6.104  -10.888 1.532   1.00 18.37 ? 144  ASN A C   1 
ATOM   976  O O   . ASN A 1 144 ? -5.057  -10.468 2.037   1.00 12.79 ? 144  ASN A O   1 
ATOM   977  C CB  . ASN A 1 144 ? -6.592  -10.746 -0.960  1.00 16.70 ? 144  ASN A CB  1 
ATOM   978  C CG  . ASN A 1 144 ? -5.134  -11.076 -1.278  1.00 27.36 ? 144  ASN A CG  1 
ATOM   979  O OD1 . ASN A 1 144 ? -4.464  -11.803 -0.539  1.00 15.45 ? 144  ASN A OD1 1 
ATOM   980  N ND2 . ASN A 1 144 ? -4.648  -10.559 -2.408  1.00 15.67 ? 144  ASN A ND2 1 
ATOM   981  N N   . SER A 1 145 ? -6.694  -12.016 1.929   1.00 14.94 ? 145  SER A N   1 
ATOM   982  C CA  . SER A 1 145 ? -6.137  -12.826 3.008   1.00 15.37 ? 145  SER A CA  1 
ATOM   983  C C   . SER A 1 145 ? -4.686  -13.277 2.854   1.00 13.95 ? 145  SER A C   1 
ATOM   984  O O   . SER A 1 145 ? -3.969  -13.427 3.851   1.00 17.24 ? 145  SER A O   1 
ATOM   985  C CB  . SER A 1 145 ? -7.043  -14.043 3.273   1.00 22.12 ? 145  SER A CB  1 
ATOM   986  O OG  . SER A 1 145 ? -8.253  -13.617 3.885   1.00 25.41 ? 145  SER A OG  1 
ATOM   987  N N   . GLY A 1 146 ? -4.246  -13.512 1.627   1.00 14.53 ? 146  GLY A N   1 
ATOM   988  C CA  . GLY A 1 146 ? -2.863  -13.920 1.432   1.00 13.93 ? 146  GLY A CA  1 
ATOM   989  C C   . GLY A 1 146 ? -1.919  -12.773 1.785   1.00 18.96 ? 146  GLY A C   1 
ATOM   990  O O   . GLY A 1 146 ? -0.846  -12.978 2.355   1.00 15.32 ? 146  GLY A O   1 
ATOM   991  N N   . PHE A 1 147 ? -2.310  -11.552 1.440   1.00 15.92 ? 147  PHE A N   1 
ATOM   992  C CA  . PHE A 1 147 ? -1.478  -10.398 1.756   1.00 17.78 ? 147  PHE A CA  1 
ATOM   993  C C   . PHE A 1 147 ? -1.438  -10.213 3.280   1.00 13.41 ? 147  PHE A C   1 
ATOM   994  O O   . PHE A 1 147 ? -0.427  -9.797  3.836   1.00 16.44 ? 147  PHE A O   1 
ATOM   995  C CB  . PHE A 1 147 ? -2.028  -9.139  1.064   1.00 12.90 ? 147  PHE A CB  1 
ATOM   996  C CG  . PHE A 1 147 ? -1.904  -9.162  -0.448  1.00 13.61 ? 147  PHE A CG  1 
ATOM   997  C CD1 . PHE A 1 147 ? -2.575  -8.221  -1.229  1.00 13.98 ? 147  PHE A CD1 1 
ATOM   998  C CD2 . PHE A 1 147 ? -1.108  -10.115 -1.085  1.00 10.28 ? 147  PHE A CD2 1 
ATOM   999  C CE1 . PHE A 1 147 ? -2.457  -8.223  -2.626  1.00 14.53 ? 147  PHE A CE1 1 
ATOM   1000 C CE2 . PHE A 1 147 ? -0.978  -10.132 -2.478  1.00 14.64 ? 147  PHE A CE2 1 
ATOM   1001 C CZ  . PHE A 1 147 ? -1.653  -9.186  -3.252  1.00 12.38 ? 147  PHE A CZ  1 
ATOM   1002 N N   . TRP A 1 148 ? -2.537  -10.527 3.958   1.00 17.69 ? 148  TRP A N   1 
ATOM   1003 C CA  . TRP A 1 148 ? -2.555  -10.411 5.409   1.00 12.33 ? 148  TRP A CA  1 
ATOM   1004 C C   . TRP A 1 148 ? -1.537  -11.376 6.021   1.00 13.34 ? 148  TRP A C   1 
ATOM   1005 O O   . TRP A 1 148 ? -0.773  -11.002 6.912   1.00 12.86 ? 148  TRP A O   1 
ATOM   1006 C CB  . TRP A 1 148 ? -3.957  -10.678 5.965   1.00 10.83 ? 148  TRP A CB  1 
ATOM   1007 C CG  . TRP A 1 148 ? -4.811  -9.447  5.960   1.00 13.01 ? 148  TRP A CG  1 
ATOM   1008 C CD1 . TRP A 1 148 ? -5.873  -9.183  5.151   1.00 11.36 ? 148  TRP A CD1 1 
ATOM   1009 C CD2 . TRP A 1 148 ? -4.639  -8.291  6.790   1.00 19.67 ? 148  TRP A CD2 1 
ATOM   1010 N NE1 . TRP A 1 148 ? -6.376  -7.930  5.420   1.00 17.25 ? 148  TRP A NE1 1 
ATOM   1011 C CE2 . TRP A 1 148 ? -5.634  -7.362  6.423   1.00 15.53 ? 148  TRP A CE2 1 
ATOM   1012 C CE3 . TRP A 1 148 ? -3.733  -7.952  7.811   1.00 12.48 ? 148  TRP A CE3 1 
ATOM   1013 C CZ2 . TRP A 1 148 ? -5.755  -6.106  7.041   1.00 18.76 ? 148  TRP A CZ2 1 
ATOM   1014 C CZ3 . TRP A 1 148 ? -3.851  -6.702  8.425   1.00 23.34 ? 148  TRP A CZ3 1 
ATOM   1015 C CH2 . TRP A 1 148 ? -4.854  -5.796  8.036   1.00 17.55 ? 148  TRP A CH2 1 
ATOM   1016 N N   . GLU A 1 149 ? -1.508  -12.614 5.536   1.00 13.79 ? 149  GLU A N   1 
ATOM   1017 C CA  . GLU A 1 149 ? -0.543  -13.590 6.047   1.00 14.17 ? 149  GLU A CA  1 
ATOM   1018 C C   . GLU A 1 149 ? 0.878   -13.066 5.811   1.00 10.12 ? 149  GLU A C   1 
ATOM   1019 O O   . GLU A 1 149 ? 1.768   -13.220 6.654   1.00 9.54  ? 149  GLU A O   1 
ATOM   1020 C CB  . GLU A 1 149 ? -0.703  -14.934 5.325   1.00 18.17 ? 149  GLU A CB  1 
ATOM   1021 C CG  . GLU A 1 149 ? -1.949  -15.725 5.686   1.00 31.72 ? 149  GLU A CG  1 
ATOM   1022 C CD  . GLU A 1 149 ? -2.262  -16.810 4.662   1.00 43.82 ? 149  GLU A CD  1 
ATOM   1023 O OE1 . GLU A 1 149 ? -1.311  -17.452 4.164   1.00 54.04 ? 149  GLU A OE1 1 
ATOM   1024 O OE2 . GLU A 1 149 ? -3.456  -17.024 4.358   1.00 45.37 ? 149  GLU A OE2 1 
ATOM   1025 N N   . GLN A 1 150 ? 1.096   -12.465 4.644   1.00 16.28 ? 150  GLN A N   1 
ATOM   1026 C CA  . GLN A 1 150 ? 2.407   -11.913 4.320   1.00 15.04 ? 150  GLN A CA  1 
ATOM   1027 C C   . GLN A 1 150 ? 2.757   -10.747 5.239   1.00 15.77 ? 150  GLN A C   1 
ATOM   1028 O O   . GLN A 1 150 ? 3.906   -10.618 5.687   1.00 13.93 ? 150  GLN A O   1 
ATOM   1029 C CB  . GLN A 1 150 ? 2.446   -11.474 2.855   1.00 14.17 ? 150  GLN A CB  1 
ATOM   1030 C CG  . GLN A 1 150 ? 2.545   -12.655 1.888   1.00 20.19 ? 150  GLN A CG  1 
ATOM   1031 C CD  . GLN A 1 150 ? 2.280   -12.254 0.452   1.00 19.80 ? 150  GLN A CD  1 
ATOM   1032 O OE1 . GLN A 1 150 ? 2.805   -11.255 -0.022  1.00 17.20 ? 150  GLN A OE1 1 
ATOM   1033 N NE2 . GLN A 1 150 ? 1.467   -13.040 -0.252  1.00 14.25 ? 150  GLN A NE2 1 
ATOM   1034 N N   . LEU A 1 151 ? 1.767   -9.906  5.526   1.00 16.49 ? 151  LEU A N   1 
ATOM   1035 C CA  . LEU A 1 151 ? 1.975   -8.748  6.407   1.00 15.98 ? 151  LEU A CA  1 
ATOM   1036 C C   . LEU A 1 151 ? 2.242   -9.192  7.848   1.00 11.98 ? 151  LEU A C   1 
ATOM   1037 O O   . LEU A 1 151 ? 3.066   -8.607  8.549   1.00 13.22 ? 151  LEU A O   1 
ATOM   1038 C CB  . LEU A 1 151 ? 0.761   -7.814  6.351   1.00 10.81 ? 151  LEU A CB  1 
ATOM   1039 C CG  . LEU A 1 151 ? 0.630   -6.993  5.064   1.00 13.85 ? 151  LEU A CG  1 
ATOM   1040 C CD1 . LEU A 1 151 ? -0.748  -6.337  5.009   1.00 17.15 ? 151  LEU A CD1 1 
ATOM   1041 C CD2 . LEU A 1 151 ? 1.728   -5.935  5.006   1.00 15.34 ? 151  LEU A CD2 1 
ATOM   1042 N N   . ILE A 1 152 ? 1.551   -10.235 8.285   1.00 11.78 ? 152  ILE A N   1 
ATOM   1043 C CA  . ILE A 1 152 ? 1.758   -10.769 9.630   1.00 13.86 ? 152  ILE A CA  1 
ATOM   1044 C C   . ILE A 1 152 ? 3.181   -11.331 9.734   1.00 16.71 ? 152  ILE A C   1 
ATOM   1045 O O   . ILE A 1 152 ? 3.879   -11.121 10.732  1.00 19.47 ? 152  ILE A O   1 
ATOM   1046 C CB  . ILE A 1 152 ? 0.703   -11.869 9.935   1.00 13.77 ? 152  ILE A CB  1 
ATOM   1047 C CG1 . ILE A 1 152 ? -0.655  -11.207 10.188  1.00 12.46 ? 152  ILE A CG1 1 
ATOM   1048 C CG2 . ILE A 1 152 ? 1.121   -12.704 11.148  1.00 12.65 ? 152  ILE A CG2 1 
ATOM   1049 C CD1 . ILE A 1 152 ? -1.829  -12.180 10.210  1.00 19.70 ? 152  ILE A CD1 1 
ATOM   1050 N N   . HIS A 1 153 ? 3.627   -12.035 8.699   1.00 17.58 ? 153  HIS A N   1 
ATOM   1051 C CA  . HIS A 1 153 ? 4.986   -12.579 8.713   1.00 15.75 ? 153  HIS A CA  1 
ATOM   1052 C C   . HIS A 1 153 ? 6.012   -11.429 8.747   1.00 19.84 ? 153  HIS A C   1 
ATOM   1053 O O   . HIS A 1 153 ? 7.008   -11.489 9.465   1.00 14.82 ? 153  HIS A O   1 
ATOM   1054 C CB  . HIS A 1 153 ? 5.217   -13.459 7.486   1.00 15.82 ? 153  HIS A CB  1 
ATOM   1055 C CG  . HIS A 1 153 ? 6.606   -14.009 7.394   1.00 27.23 ? 153  HIS A CG  1 
ATOM   1056 N ND1 . HIS A 1 153 ? 7.573   -13.458 6.581   1.00 27.06 ? 153  HIS A ND1 1 
ATOM   1057 C CD2 . HIS A 1 153 ? 7.198   -15.046 8.033   1.00 25.10 ? 153  HIS A CD2 1 
ATOM   1058 C CE1 . HIS A 1 153 ? 8.701   -14.134 6.719   1.00 23.89 ? 153  HIS A CE1 1 
ATOM   1059 N NE2 . HIS A 1 153 ? 8.499   -15.102 7.596   1.00 33.76 ? 153  HIS A NE2 1 
ATOM   1060 N N   . TYR A 1 154 ? 5.752   -10.376 7.982   1.00 13.60 ? 154  TYR A N   1 
ATOM   1061 C CA  . TYR A 1 154 ? 6.650   -9.217  7.943   1.00 14.65 ? 154  TYR A CA  1 
ATOM   1062 C C   . TYR A 1 154 ? 6.643   -8.504  9.301   1.00 17.08 ? 154  TYR A C   1 
ATOM   1063 O O   . TYR A 1 154 ? 7.686   -8.065  9.779   1.00 19.00 ? 154  TYR A O   1 
ATOM   1064 C CB  . TYR A 1 154 ? 6.207   -8.265  6.832   1.00 14.70 ? 154  TYR A CB  1 
ATOM   1065 C CG  . TYR A 1 154 ? 7.147   -7.120  6.549   1.00 14.26 ? 154  TYR A CG  1 
ATOM   1066 C CD1 . TYR A 1 154 ? 8.499   -7.341  6.325   1.00 16.59 ? 154  TYR A CD1 1 
ATOM   1067 C CD2 . TYR A 1 154 ? 6.670   -5.815  6.457   1.00 10.74 ? 154  TYR A CD2 1 
ATOM   1068 C CE1 . TYR A 1 154 ? 9.366   -6.290  6.017   1.00 26.44 ? 154  TYR A CE1 1 
ATOM   1069 C CE2 . TYR A 1 154 ? 7.531   -4.751  6.140   1.00 14.51 ? 154  TYR A CE2 1 
ATOM   1070 C CZ  . TYR A 1 154 ? 8.876   -5.002  5.923   1.00 18.54 ? 154  TYR A CZ  1 
ATOM   1071 O OH  . TYR A 1 154 ? 9.741   -3.975  5.613   1.00 16.77 ? 154  TYR A OH  1 
ATOM   1072 N N   . GLU A 1 155 ? 5.471   -8.381  9.919   1.00 17.96 ? 155  GLU A N   1 
ATOM   1073 C CA  . GLU A 1 155 ? 5.385   -7.745  11.229  1.00 12.94 ? 155  GLU A CA  1 
ATOM   1074 C C   . GLU A 1 155 ? 6.254   -8.515  12.212  1.00 18.95 ? 155  GLU A C   1 
ATOM   1075 O O   . GLU A 1 155 ? 6.999   -7.920  12.997  1.00 18.97 ? 155  GLU A O   1 
ATOM   1076 C CB  . GLU A 1 155 ? 3.946   -7.726  11.758  1.00 19.57 ? 155  GLU A CB  1 
ATOM   1077 C CG  . GLU A 1 155 ? 3.836   -7.012  13.110  1.00 16.98 ? 155  GLU A CG  1 
ATOM   1078 C CD  . GLU A 1 155 ? 2.456   -7.070  13.739  1.00 19.64 ? 155  GLU A CD  1 
ATOM   1079 O OE1 . GLU A 1 155 ? 2.117   -6.127  14.484  1.00 14.45 ? 155  GLU A OE1 1 
ATOM   1080 O OE2 . GLU A 1 155 ? 1.713   -8.048  13.520  1.00 17.71 ? 155  GLU A OE2 1 
ATOM   1081 N N   . PHE A 1 156 ? 6.159   -9.843  12.175  1.00 18.02 ? 156  PHE A N   1 
ATOM   1082 C CA  . PHE A 1 156 ? 6.952   -10.670 13.084  1.00 17.45 ? 156  PHE A CA  1 
ATOM   1083 C C   . PHE A 1 156 ? 8.431   -10.450 12.820  1.00 23.21 ? 156  PHE A C   1 
ATOM   1084 O O   . PHE A 1 156 ? 9.239   -10.416 13.751  1.00 21.37 ? 156  PHE A O   1 
ATOM   1085 C CB  . PHE A 1 156 ? 6.630   -12.156 12.912  1.00 14.36 ? 156  PHE A CB  1 
ATOM   1086 C CG  . PHE A 1 156 ? 7.352   -13.042 13.891  1.00 19.00 ? 156  PHE A CG  1 
ATOM   1087 C CD1 . PHE A 1 156 ? 6.978   -13.062 15.233  1.00 23.67 ? 156  PHE A CD1 1 
ATOM   1088 C CD2 . PHE A 1 156 ? 8.421   -13.830 13.480  1.00 26.47 ? 156  PHE A CD2 1 
ATOM   1089 C CE1 . PHE A 1 156 ? 7.661   -13.855 16.155  1.00 32.03 ? 156  PHE A CE1 1 
ATOM   1090 C CE2 . PHE A 1 156 ? 9.112   -14.629 14.394  1.00 29.05 ? 156  PHE A CE2 1 
ATOM   1091 C CZ  . PHE A 1 156 ? 8.728   -14.638 15.736  1.00 24.09 ? 156  PHE A CZ  1 
ATOM   1092 N N   . GLN A 1 157 ? 8.789   -10.312 11.549  1.00 17.78 ? 157  GLN A N   1 
ATOM   1093 C CA  . GLN A 1 157 ? 10.180  -10.081 11.191  1.00 22.66 ? 157  GLN A CA  1 
ATOM   1094 C C   . GLN A 1 157 ? 10.683  -8.758  11.762  1.00 27.63 ? 157  GLN A C   1 
ATOM   1095 O O   . GLN A 1 157 ? 11.803  -8.676  12.269  1.00 22.33 ? 157  GLN A O   1 
ATOM   1096 C CB  . GLN A 1 157 ? 10.346  -10.068 9.673   1.00 21.86 ? 157  GLN A CB  1 
ATOM   1097 C CG  . GLN A 1 157 ? 10.058  -11.413 9.015   1.00 34.26 ? 157  GLN A CG  1 
ATOM   1098 C CD  . GLN A 1 157 ? 10.332  -11.399 7.525   1.00 35.63 ? 157  GLN A CD  1 
ATOM   1099 O OE1 . GLN A 1 157 ? 9.726   -10.630 6.777   1.00 39.96 ? 157  GLN A OE1 1 
ATOM   1100 N NE2 . GLN A 1 157 ? 11.254  -12.251 7.084   1.00 36.68 ? 157  GLN A NE2 1 
ATOM   1101 N N   . LEU A 1 158 ? 9.843   -7.732  11.694  1.00 19.12 ? 158  LEU A N   1 
ATOM   1102 C CA  . LEU A 1 158 ? 10.215  -6.403  12.185  1.00 24.25 ? 158  LEU A CA  1 
ATOM   1103 C C   . LEU A 1 158 ? 10.181  -6.241  13.697  1.00 24.49 ? 158  LEU A C   1 
ATOM   1104 O O   . LEU A 1 158 ? 11.047  -5.591  14.268  1.00 21.97 ? 158  LEU A O   1 
ATOM   1105 C CB  . LEU A 1 158 ? 9.299   -5.331  11.581  1.00 16.45 ? 158  LEU A CB  1 
ATOM   1106 C CG  . LEU A 1 158 ? 9.351   -5.035  10.072  1.00 11.93 ? 158  LEU A CG  1 
ATOM   1107 C CD1 . LEU A 1 158 ? 8.204   -4.082  9.702   1.00 16.18 ? 158  LEU A CD1 1 
ATOM   1108 C CD2 . LEU A 1 158 ? 10.690  -4.416  9.694   1.00 19.20 ? 158  LEU A CD2 1 
ATOM   1109 N N   . PHE A 1 159 ? 9.189   -6.835  14.349  1.00 19.72 ? 159  PHE A N   1 
ATOM   1110 C CA  . PHE A 1 159 ? 9.042   -6.663  15.789  1.00 15.77 ? 159  PHE A CA  1 
ATOM   1111 C C   . PHE A 1 159 ? 9.164   -7.913  16.659  1.00 23.68 ? 159  PHE A C   1 
ATOM   1112 O O   . PHE A 1 159 ? 9.186   -7.801  17.884  1.00 25.06 ? 159  PHE A O   1 
ATOM   1113 C CB  . PHE A 1 159 ? 7.691   -5.999  16.084  1.00 15.93 ? 159  PHE A CB  1 
ATOM   1114 C CG  . PHE A 1 159 ? 7.446   -4.736  15.295  1.00 26.01 ? 159  PHE A CG  1 
ATOM   1115 C CD1 . PHE A 1 159 ? 6.560   -4.728  14.233  1.00 15.03 ? 159  PHE A CD1 1 
ATOM   1116 C CD2 . PHE A 1 159 ? 8.106   -3.556  15.621  1.00 27.66 ? 159  PHE A CD2 1 
ATOM   1117 C CE1 . PHE A 1 159 ? 6.326   -3.563  13.499  1.00 19.43 ? 159  PHE A CE1 1 
ATOM   1118 C CE2 . PHE A 1 159 ? 7.881   -2.388  14.895  1.00 32.74 ? 159  PHE A CE2 1 
ATOM   1119 C CZ  . PHE A 1 159 ? 6.989   -2.393  13.833  1.00 23.21 ? 159  PHE A CZ  1 
ATOM   1120 N N   . GLY A 1 160 ? 9.231   -9.089  16.042  1.00 20.91 ? 160  GLY A N   1 
ATOM   1121 C CA  . GLY A 1 160 ? 9.320   -10.319 16.815  1.00 25.99 ? 160  GLY A CA  1 
ATOM   1122 C C   . GLY A 1 160 ? 8.039   -10.590 17.589  1.00 26.78 ? 160  GLY A C   1 
ATOM   1123 O O   . GLY A 1 160 ? 8.027   -11.368 18.544  1.00 29.13 ? 160  GLY A O   1 
ATOM   1124 N N   . LYS A 1 161 ? 6.953   -9.952  17.168  1.00 28.73 ? 161  LYS A N   1 
ATOM   1125 C CA  . LYS A 1 161 ? 5.654   -10.104 17.819  1.00 27.92 ? 161  LYS A CA  1 
ATOM   1126 C C   . LYS A 1 161 ? 4.542   -9.711  16.843  1.00 28.37 ? 161  LYS A C   1 
ATOM   1127 O O   . LYS A 1 161 ? 4.765   -8.893  15.948  1.00 20.56 ? 161  LYS A O   1 
ATOM   1128 C CB  . LYS A 1 161 ? 5.615   -9.200  19.056  1.00 36.98 ? 161  LYS A CB  1 
ATOM   1129 C CG  . LYS A 1 161 ? 4.237   -8.771  19.495  1.00 54.99 ? 161  LYS A CG  1 
ATOM   1130 C CD  . LYS A 1 161 ? 4.322   -7.579  20.430  1.00 62.80 ? 161  LYS A CD  1 
ATOM   1131 C CE  . LYS A 1 161 ? 2.937   -7.022  20.735  1.00 64.23 ? 161  LYS A CE  1 
ATOM   1132 N NZ  . LYS A 1 161 ? 3.003   -5.801  21.585  1.00 69.84 ? 161  LYS A NZ  1 
ATOM   1133 N N   . ASN A 1 162 ? 3.346   -10.279 17.019  1.00 17.43 ? 162  ASN A N   1 
ATOM   1134 C CA  . ASN A 1 162 ? 2.222   -9.963  16.140  1.00 17.87 ? 162  ASN A CA  1 
ATOM   1135 C C   . ASN A 1 162 ? 1.064   -9.302  16.876  1.00 23.91 ? 162  ASN A C   1 
ATOM   1136 O O   . ASN A 1 162 ? 0.822   -9.577  18.047  1.00 18.21 ? 162  ASN A O   1 
ATOM   1137 C CB  . ASN A 1 162 ? 1.705   -11.231 15.451  1.00 18.56 ? 162  ASN A CB  1 
ATOM   1138 C CG  . ASN A 1 162 ? 2.590   -11.681 14.322  1.00 19.28 ? 162  ASN A CG  1 
ATOM   1139 O OD1 . ASN A 1 162 ? 2.985   -12.845 14.261  1.00 15.73 ? 162  ASN A OD1 1 
ATOM   1140 N ND2 . ASN A 1 162 ? 2.904   -10.764 13.410  1.00 15.67 ? 162  ASN A ND2 1 
ATOM   1141 N N   . THR A 1 163 ? 0.344   -8.437  16.170  1.00 17.22 ? 163  THR A N   1 
ATOM   1142 C CA  . THR A 1 163 ? -0.798  -7.736  16.737  1.00 16.39 ? 163  THR A CA  1 
ATOM   1143 C C   . THR A 1 163 ? -2.059  -8.058  15.945  1.00 16.11 ? 163  THR A C   1 
ATOM   1144 O O   . THR A 1 163 ? -3.154  -7.628  16.298  1.00 15.87 ? 163  THR A O   1 
ATOM   1145 C CB  . THR A 1 163 ? -0.572  -6.219  16.746  1.00 13.83 ? 163  THR A CB  1 
ATOM   1146 O OG1 . THR A 1 163 ? -0.241  -5.779  15.422  1.00 12.44 ? 163  THR A OG1 1 
ATOM   1147 C CG2 . THR A 1 163 ? 0.560   -5.864  17.709  1.00 16.75 ? 163  THR A CG2 1 
ATOM   1148 N N   . VAL A 1 164 ? -1.882  -8.801  14.858  1.00 15.46 ? 164  VAL A N   1 
ATOM   1149 C CA  . VAL A 1 164 ? -2.987  -9.246  14.010  1.00 11.76 ? 164  VAL A CA  1 
ATOM   1150 C C   . VAL A 1 164 ? -2.728  -10.745 13.767  1.00 17.47 ? 164  VAL A C   1 
ATOM   1151 O O   . VAL A 1 164 ? -1.583  -11.152 13.563  1.00 16.23 ? 164  VAL A O   1 
ATOM   1152 C CB  . VAL A 1 164 ? -3.012  -8.491  12.660  1.00 19.49 ? 164  VAL A CB  1 
ATOM   1153 C CG1 . VAL A 1 164 ? -4.152  -8.999  11.795  1.00 18.72 ? 164  VAL A CG1 1 
ATOM   1154 C CG2 . VAL A 1 164 ? -3.169  -6.985  12.905  1.00 10.17 ? 164  VAL A CG2 1 
ATOM   1155 N N   . HIS A 1 165 ? -3.777  -11.559 13.810  1.00 14.14 ? 165  HIS A N   1 
ATOM   1156 C CA  . HIS A 1 165 ? -3.631  -13.003 13.613  1.00 19.87 ? 165  HIS A CA  1 
ATOM   1157 C C   . HIS A 1 165 ? -4.723  -13.535 12.694  1.00 14.69 ? 165  HIS A C   1 
ATOM   1158 O O   . HIS A 1 165 ? -5.867  -13.091 12.779  1.00 16.65 ? 165  HIS A O   1 
ATOM   1159 C CB  . HIS A 1 165 ? -3.740  -13.741 14.952  1.00 20.22 ? 165  HIS A CB  1 
ATOM   1160 C CG  . HIS A 1 165 ? -2.998  -13.081 16.073  1.00 21.91 ? 165  HIS A CG  1 
ATOM   1161 N ND1 . HIS A 1 165 ? -3.420  -11.907 16.657  1.00 34.46 ? 165  HIS A ND1 1 
ATOM   1162 C CD2 . HIS A 1 165 ? -1.839  -13.415 16.692  1.00 27.68 ? 165  HIS A CD2 1 
ATOM   1163 C CE1 . HIS A 1 165 ? -2.555  -11.544 17.587  1.00 27.12 ? 165  HIS A CE1 1 
ATOM   1164 N NE2 . HIS A 1 165 ? -1.586  -12.443 17.629  1.00 32.73 ? 165  HIS A NE2 1 
ATOM   1165 N N   . MET A 1 166 ? -4.366  -14.484 11.827  1.00 18.48 ? 166  MET A N   1 
ATOM   1166 C CA  . MET A 1 166 ? -5.334  -15.091 10.917  1.00 19.44 ? 166  MET A CA  1 
ATOM   1167 C C   . MET A 1 166 ? -6.197  -16.090 11.709  1.00 19.44 ? 166  MET A C   1 
ATOM   1168 O O   . MET A 1 166 ? -5.679  -16.854 12.523  1.00 17.28 ? 166  MET A O   1 
ATOM   1169 C CB  . MET A 1 166 ? -4.608  -15.832 9.787   1.00 15.76 ? 166  MET A CB  1 
ATOM   1170 C CG  . MET A 1 166 ? -3.708  -14.944 8.916   1.00 15.01 ? 166  MET A CG  1 
ATOM   1171 S SD  . MET A 1 166 ? -4.627  -13.551 8.219   1.00 20.84 ? 166  MET A SD  1 
ATOM   1172 C CE  . MET A 1 166 ? -5.605  -14.384 6.944   1.00 18.43 ? 166  MET A CE  1 
ATOM   1173 N N   . VAL A 1 167 ? -7.505  -16.072 11.475  1.00 16.24 ? 167  VAL A N   1 
ATOM   1174 C CA  . VAL A 1 167 ? -8.419  -16.984 12.158  1.00 21.32 ? 167  VAL A CA  1 
ATOM   1175 C C   . VAL A 1 167 ? -9.368  -17.614 11.142  1.00 24.84 ? 167  VAL A C   1 
ATOM   1176 O O   . VAL A 1 167 ? -9.564  -17.075 10.044  1.00 18.20 ? 167  VAL A O   1 
ATOM   1177 C CB  . VAL A 1 167 ? -9.261  -16.251 13.241  1.00 19.75 ? 167  VAL A CB  1 
ATOM   1178 C CG1 . VAL A 1 167 ? -8.349  -15.647 14.298  1.00 23.15 ? 167  VAL A CG1 1 
ATOM   1179 C CG2 . VAL A 1 167 ? -10.119 -15.174 12.599  1.00 24.11 ? 167  VAL A CG2 1 
ATOM   1180 N N   . SER A 1 168 ? -9.942  -18.763 11.498  1.00 19.09 ? 168  SER A N   1 
ATOM   1181 C CA  . SER A 1 168 ? -10.879 -19.462 10.614  1.00 15.95 ? 168  SER A CA  1 
ATOM   1182 C C   . SER A 1 168 ? -12.218 -18.712 10.591  1.00 21.54 ? 168  SER A C   1 
ATOM   1183 O O   . SER A 1 168 ? -12.535 -17.965 11.515  1.00 27.02 ? 168  SER A O   1 
ATOM   1184 C CB  . SER A 1 168 ? -11.123 -20.892 11.125  1.00 22.34 ? 168  SER A CB  1 
ATOM   1185 O OG  . SER A 1 168 ? -9.912  -21.540 11.478  1.00 21.42 ? 168  SER A OG  1 
ATOM   1186 N N   . SER A 1 169 ? -13.001 -18.912 9.534   1.00 31.42 ? 169  SER A N   1 
ATOM   1187 C CA  . SER A 1 169 ? -14.318 -18.284 9.435   1.00 32.80 ? 169  SER A CA  1 
ATOM   1188 C C   . SER A 1 169 ? -15.131 -19.008 8.361   1.00 35.20 ? 169  SER A C   1 
ATOM   1189 O O   . SER A 1 169 ? -14.592 -19.812 7.605   1.00 28.75 ? 169  SER A O   1 
ATOM   1190 C CB  . SER A 1 169 ? -14.196 -16.795 9.081   1.00 40.10 ? 169  SER A CB  1 
ATOM   1191 O OG  . SER A 1 169 ? -14.132 -16.591 7.677   1.00 40.51 ? 169  SER A OG  1 
ATOM   1192 N N   . PRO A 1 170 ? -16.446 -18.741 8.287   1.00 40.15 ? 170  PRO A N   1 
ATOM   1193 C CA  . PRO A 1 170 ? -17.263 -19.410 7.271   1.00 47.46 ? 170  PRO A CA  1 
ATOM   1194 C C   . PRO A 1 170 ? -16.813 -19.064 5.852   1.00 51.48 ? 170  PRO A C   1 
ATOM   1195 O O   . PRO A 1 170 ? -17.119 -19.782 4.904   1.00 53.89 ? 170  PRO A O   1 
ATOM   1196 C CB  . PRO A 1 170 ? -18.672 -18.905 7.577   1.00 46.76 ? 170  PRO A CB  1 
ATOM   1197 C CG  . PRO A 1 170 ? -18.427 -17.545 8.163   1.00 56.86 ? 170  PRO A CG  1 
ATOM   1198 C CD  . PRO A 1 170 ? -17.264 -17.817 9.091   1.00 47.86 ? 170  PRO A CD  1 
ATOM   1199 N N   . VAL A 1 171 ? -16.074 -17.966 5.721   1.00 52.40 ? 171  VAL A N   1 
ATOM   1200 C CA  . VAL A 1 171 ? -15.579 -17.501 4.428   1.00 51.38 ? 171  VAL A CA  1 
ATOM   1201 C C   . VAL A 1 171 ? -14.114 -17.888 4.214   1.00 51.20 ? 171  VAL A C   1 
ATOM   1202 O O   . VAL A 1 171 ? -13.528 -17.603 3.166   1.00 43.63 ? 171  VAL A O   1 
ATOM   1203 C CB  . VAL A 1 171 ? -15.725 -15.960 4.320   1.00 54.55 ? 171  VAL A CB  1 
ATOM   1204 C CG1 . VAL A 1 171 ? -15.153 -15.455 3.003   1.00 64.89 ? 171  VAL A CG1 1 
ATOM   1205 C CG2 . VAL A 1 171 ? -17.193 -15.577 4.431   1.00 59.14 ? 171  VAL A CG2 1 
ATOM   1206 N N   . GLY A 1 172 ? -13.532 -18.554 5.206   1.00 46.18 ? 172  GLY A N   1 
ATOM   1207 C CA  . GLY A 1 172 ? -12.138 -18.948 5.108   1.00 43.27 ? 172  GLY A CA  1 
ATOM   1208 C C   . GLY A 1 172 ? -11.283 -18.094 6.035   1.00 37.41 ? 172  GLY A C   1 
ATOM   1209 O O   . GLY A 1 172 ? -11.813 -17.290 6.808   1.00 34.29 ? 172  GLY A O   1 
ATOM   1210 N N   . MET A 1 173 ? -9.967  -18.264 5.958   1.00 31.69 ? 173  MET A N   1 
ATOM   1211 C CA  . MET A 1 173 ? -9.039  -17.510 6.801   1.00 31.16 ? 173  MET A CA  1 
ATOM   1212 C C   . MET A 1 173 ? -9.151  -16.005 6.611   1.00 26.00 ? 173  MET A C   1 
ATOM   1213 O O   . MET A 1 173 ? -9.217  -15.507 5.490   1.00 23.62 ? 173  MET A O   1 
ATOM   1214 C CB  . MET A 1 173 ? -7.601  -17.933 6.504   1.00 32.26 ? 173  MET A CB  1 
ATOM   1215 C CG  . MET A 1 173 ? -7.327  -19.402 6.739   1.00 43.57 ? 173  MET A CG  1 
ATOM   1216 S SD  . MET A 1 173 ? -7.353  -19.806 8.477   1.00 49.29 ? 173  MET A SD  1 
ATOM   1217 C CE  . MET A 1 173 ? -5.635  -19.676 8.862   1.00 39.64 ? 173  MET A CE  1 
ATOM   1218 N N   . ILE A 1 174 ? -9.169  -15.282 7.719   1.00 22.52 ? 174  ILE A N   1 
ATOM   1219 C CA  . ILE A 1 174 ? -9.247  -13.828 7.679   1.00 23.05 ? 174  ILE A CA  1 
ATOM   1220 C C   . ILE A 1 174 ? -8.465  -13.316 8.872   1.00 18.39 ? 174  ILE A C   1 
ATOM   1221 O O   . ILE A 1 174 ? -8.225  -14.061 9.820   1.00 19.58 ? 174  ILE A O   1 
ATOM   1222 C CB  . ILE A 1 174 ? -10.699 -13.325 7.836   1.00 19.52 ? 174  ILE A CB  1 
ATOM   1223 C CG1 . ILE A 1 174 ? -11.256 -13.789 9.189   1.00 17.22 ? 174  ILE A CG1 1 
ATOM   1224 C CG2 . ILE A 1 174 ? -11.560 -13.837 6.685   1.00 25.23 ? 174  ILE A CG2 1 
ATOM   1225 C CD1 . ILE A 1 174 ? -12.679 -13.395 9.454   1.00 26.75 ? 174  ILE A CD1 1 
ATOM   1226 N N   . PRO A 1 175 ? -8.036  -12.048 8.833   1.00 16.02 ? 175  PRO A N   1 
ATOM   1227 C CA  . PRO A 1 175 ? -7.289  -11.477 9.963   1.00 20.32 ? 175  PRO A CA  1 
ATOM   1228 C C   . PRO A 1 175 ? -8.339  -11.358 11.057  1.00 19.23 ? 175  PRO A C   1 
ATOM   1229 O O   . PRO A 1 175 ? -9.513  -11.124 10.741  1.00 18.58 ? 175  PRO A O   1 
ATOM   1230 C CB  . PRO A 1 175 ? -6.868  -10.088 9.472   1.00 20.35 ? 175  PRO A CB  1 
ATOM   1231 C CG  . PRO A 1 175 ? -7.168  -10.073 8.015   1.00 23.24 ? 175  PRO A CG  1 
ATOM   1232 C CD  . PRO A 1 175 ? -8.256  -11.061 7.767   1.00 14.89 ? 175  PRO A CD  1 
ATOM   1233 N N   . ASP A 1 176 ? -7.955  -11.510 12.325  1.00 19.84 ? 176  ASP A N   1 
ATOM   1234 C CA  . ASP A 1 176 ? -8.960  -11.412 13.379  1.00 16.58 ? 176  ASP A CA  1 
ATOM   1235 C C   . ASP A 1 176 ? -9.683  -10.063 13.347  1.00 27.06 ? 176  ASP A C   1 
ATOM   1236 O O   . ASP A 1 176 ? -10.850 -9.966  13.741  1.00 29.72 ? 176  ASP A O   1 
ATOM   1237 C CB  . ASP A 1 176 ? -8.356  -11.687 14.772  1.00 22.59 ? 176  ASP A CB  1 
ATOM   1238 C CG  . ASP A 1 176 ? -7.020  -11.001 14.998  1.00 24.23 ? 176  ASP A CG  1 
ATOM   1239 O OD1 . ASP A 1 176 ? -6.728  -9.983  14.345  1.00 24.38 ? 176  ASP A OD1 1 
ATOM   1240 O OD2 . ASP A 1 176 ? -6.256  -11.487 15.856  1.00 31.86 ? 176  ASP A OD2 1 
ATOM   1241 N N   . ILE A 1 177 ? -8.995  -9.040  12.845  1.00 20.35 ? 177  ILE A N   1 
ATOM   1242 C CA  . ILE A 1 177 ? -9.548  -7.692  12.704  1.00 22.08 ? 177  ILE A CA  1 
ATOM   1243 C C   . ILE A 1 177 ? -10.902 -7.715  12.003  1.00 23.21 ? 177  ILE A C   1 
ATOM   1244 O O   . ILE A 1 177 ? -11.737 -6.836  12.215  1.00 24.81 ? 177  ILE A O   1 
ATOM   1245 C CB  . ILE A 1 177 ? -8.624  -6.801  11.832  1.00 26.25 ? 177  ILE A CB  1 
ATOM   1246 C CG1 . ILE A 1 177 ? -7.299  -6.550  12.542  1.00 35.62 ? 177  ILE A CG1 1 
ATOM   1247 C CG2 . ILE A 1 177 ? -9.312  -5.487  11.514  1.00 41.46 ? 177  ILE A CG2 1 
ATOM   1248 C CD1 . ILE A 1 177 ? -6.329  -5.730  11.709  1.00 45.07 ? 177  ILE A CD1 1 
ATOM   1249 N N   . TYR A 1 178 ? -11.110 -8.697  11.133  1.00 20.25 ? 178  TYR A N   1 
ATOM   1250 C CA  . TYR A 1 178 ? -12.364 -8.772  10.402  1.00 22.77 ? 178  TYR A CA  1 
ATOM   1251 C C   . TYR A 1 178 ? -13.450 -9.568  11.117  1.00 35.22 ? 178  TYR A C   1 
ATOM   1252 O O   . TYR A 1 178 ? -14.508 -9.831  10.539  1.00 29.20 ? 178  TYR A O   1 
ATOM   1253 C CB  . TYR A 1 178 ? -12.125 -9.349  9.006   1.00 26.59 ? 178  TYR A CB  1 
ATOM   1254 C CG  . TYR A 1 178 ? -11.245 -8.489  8.118   1.00 27.85 ? 178  TYR A CG  1 
ATOM   1255 C CD1 . TYR A 1 178 ? -10.971 -7.154  8.438   1.00 25.50 ? 178  TYR A CD1 1 
ATOM   1256 C CD2 . TYR A 1 178 ? -10.708 -9.006  6.939   1.00 25.75 ? 178  TYR A CD2 1 
ATOM   1257 C CE1 . TYR A 1 178 ? -10.175 -6.356  7.593   1.00 24.56 ? 178  TYR A CE1 1 
ATOM   1258 C CE2 . TYR A 1 178 ? -9.921  -8.227  6.098   1.00 26.01 ? 178  TYR A CE2 1 
ATOM   1259 C CZ  . TYR A 1 178 ? -9.660  -6.908  6.429   1.00 24.31 ? 178  TYR A CZ  1 
ATOM   1260 O OH  . TYR A 1 178 ? -8.887  -6.157  5.582   1.00 16.40 ? 178  TYR A OH  1 
ATOM   1261 N N   . GLU A 1 179 ? -13.176 -9.937  12.369  1.00 39.52 ? 179  GLU A N   1 
ATOM   1262 C CA  . GLU A 1 179 ? -14.109 -10.681 13.226  1.00 53.17 ? 179  GLU A CA  1 
ATOM   1263 C C   . GLU A 1 179 ? -14.038 -12.195 13.085  1.00 58.76 ? 179  GLU A C   1 
ATOM   1264 O O   . GLU A 1 179 ? -15.008 -12.786 12.564  1.00 68.36 ? 179  GLU A O   1 
ATOM   1265 C CB  . GLU A 1 179 ? -15.552 -10.209 12.998  1.00 51.35 ? 179  GLU A CB  1 
ATOM   1266 C CG  . GLU A 1 179 ? -16.136 -9.444  14.176  1.00 60.56 ? 179  GLU A CG  1 
ATOM   1267 C CD  . GLU A 1 179 ? -15.240 -8.308  14.634  1.00 69.89 ? 179  GLU A CD  1 
ATOM   1268 O OE1 . GLU A 1 179 ? -15.027 -7.361  13.847  1.00 70.00 ? 179  GLU A OE1 1 
ATOM   1269 O OE2 . GLU A 1 179 ? -14.745 -8.364  15.781  1.00 70.00 ? 179  GLU A OE2 1 
HETATM 1270 C C   . ACT B 2 .   ? 3.777   12.722  8.766   1.00 34.95 ? 1001 ACT A C   1 
HETATM 1271 O O   . ACT B 2 .   ? 3.596   12.139  7.673   1.00 34.60 ? 1001 ACT A O   1 
HETATM 1272 O OXT . ACT B 2 .   ? 4.819   12.595  9.450   1.00 33.34 ? 1001 ACT A OXT 1 
HETATM 1273 C CH3 . ACT B 2 .   ? 2.636   13.635  9.264   1.00 23.81 ? 1001 ACT A CH3 1 
HETATM 1274 N N1  . EPE C 3 .   ? -10.589 -5.893  -6.392  1.00 21.26 ? 1002 EPE A N1  1 
HETATM 1275 C C2  . EPE C 3 .   ? -10.779 -6.329  -4.969  1.00 27.80 ? 1002 EPE A C2  1 
HETATM 1276 C C3  . EPE C 3 .   ? -11.945 -7.303  -4.785  1.00 41.29 ? 1002 EPE A C3  1 
HETATM 1277 N N4  . EPE C 3 .   ? -13.211 -6.930  -5.494  1.00 49.60 ? 1002 EPE A N4  1 
HETATM 1278 C C5  . EPE C 3 .   ? -12.980 -6.567  -6.951  1.00 43.93 ? 1002 EPE A C5  1 
HETATM 1279 C C6  . EPE C 3 .   ? -11.861 -5.512  -7.106  1.00 34.48 ? 1002 EPE A C6  1 
HETATM 1280 C C7  . EPE C 3 .   ? -14.256 -8.008  -5.428  1.00 59.44 ? 1002 EPE A C7  1 
HETATM 1281 C C8  . EPE C 3 .   ? -15.394 -7.567  -4.504  1.00 62.84 ? 1002 EPE A C8  1 
HETATM 1282 O O8  . EPE C 3 .   ? -15.930 -6.290  -4.674  1.00 70.00 ? 1002 EPE A O8  1 
HETATM 1283 C C9  . EPE C 3 .   ? -9.611  -4.755  -6.471  1.00 24.44 ? 1002 EPE A C9  1 
HETATM 1284 C C10 . EPE C 3 .   ? -8.200  -5.341  -6.389  1.00 19.05 ? 1002 EPE A C10 1 
HETATM 1285 S S   . EPE C 3 .   ? -6.951  -4.074  -6.076  1.00 13.88 ? 1002 EPE A S   1 
HETATM 1286 O O1S . EPE C 3 .   ? -6.918  -3.254  -7.268  1.00 17.14 ? 1002 EPE A O1S 1 
HETATM 1287 O O2S . EPE C 3 .   ? -5.737  -4.736  -5.649  1.00 18.41 ? 1002 EPE A O2S 1 
HETATM 1288 O O3S . EPE C 3 .   ? -7.573  -3.110  -4.916  1.00 11.94 ? 1002 EPE A O3S 1 
HETATM 1289 O O   . HOH D 4 .   ? 7.342   9.337   -0.484  1.00 12.15 ? 1003 HOH A O   1 
HETATM 1290 O O   . HOH D 4 .   ? -0.098  9.446   -14.407 1.00 15.39 ? 1004 HOH A O   1 
HETATM 1291 O O   . HOH D 4 .   ? -9.392  -3.625  5.816   1.00 17.02 ? 1005 HOH A O   1 
HETATM 1292 O O   . HOH D 4 .   ? 2.100   7.998   -21.579 1.00 13.05 ? 1006 HOH A O   1 
HETATM 1293 O O   . HOH D 4 .   ? -8.249  10.140  -14.614 1.00 12.56 ? 1007 HOH A O   1 
HETATM 1294 O O   . HOH D 4 .   ? 10.637  -7.536  1.252   1.00 17.27 ? 1008 HOH A O   1 
HETATM 1295 O O   . HOH D 4 .   ? 1.631   5.303   -21.218 1.00 14.46 ? 1009 HOH A O   1 
HETATM 1296 O O   . HOH D 4 .   ? 4.282   2.660   -13.869 1.00 23.12 ? 1010 HOH A O   1 
HETATM 1297 O O   . HOH D 4 .   ? 2.011   0.793   16.946  1.00 21.71 ? 1011 HOH A O   1 
HETATM 1298 O O   . HOH D 4 .   ? 6.035   -11.631 4.322   1.00 21.61 ? 1012 HOH A O   1 
HETATM 1299 O O   . HOH D 4 .   ? -6.558  5.108   -15.320 1.00 20.69 ? 1013 HOH A O   1 
HETATM 1300 O O   . HOH D 4 .   ? -6.850  12.523  1.893   1.00 33.85 ? 1014 HOH A O   1 
HETATM 1301 O O   . HOH D 4 .   ? 6.649   17.067  -3.879  1.00 17.82 ? 1015 HOH A O   1 
HETATM 1302 O O   . HOH D 4 .   ? -9.368  16.492  -10.808 1.00 34.66 ? 1016 HOH A O   1 
HETATM 1303 O O   . HOH D 4 .   ? -10.150 -7.309  -0.850  1.00 24.41 ? 1017 HOH A O   1 
HETATM 1304 O O   . HOH D 4 .   ? -5.610  -9.082  -9.951  1.00 22.62 ? 1018 HOH A O   1 
HETATM 1305 O O   . HOH D 4 .   ? 16.116  -0.786  -0.296  1.00 26.99 ? 1019 HOH A O   1 
HETATM 1306 O O   . HOH D 4 .   ? 3.868   -6.025  16.546  1.00 18.29 ? 1020 HOH A O   1 
HETATM 1307 O O   . HOH D 4 .   ? 10.087  2.857   12.156  1.00 30.36 ? 1021 HOH A O   1 
HETATM 1308 O O   . HOH D 4 .   ? -2.147  16.857  -0.714  1.00 20.91 ? 1022 HOH A O   1 
HETATM 1309 O O   . HOH D 4 .   ? 0.807   19.820  1.268   1.00 29.58 ? 1023 HOH A O   1 
HETATM 1310 O O   . HOH D 4 .   ? -5.992  16.261  -15.592 1.00 18.06 ? 1024 HOH A O   1 
HETATM 1311 O O   . HOH D 4 .   ? -6.377  11.272  4.653   1.00 24.90 ? 1025 HOH A O   1 
HETATM 1312 O O   . HOH D 4 .   ? 1.934   -15.003 15.391  1.00 19.43 ? 1026 HOH A O   1 
HETATM 1313 O O   . HOH D 4 .   ? 9.241   -4.147  -10.363 1.00 20.73 ? 1027 HOH A O   1 
HETATM 1314 O O   . HOH D 4 .   ? -1.767  -15.667 11.982  1.00 20.85 ? 1028 HOH A O   1 
HETATM 1315 O O   . HOH D 4 .   ? -11.941 2.085   -5.637  1.00 23.23 ? 1029 HOH A O   1 
HETATM 1316 O O   . HOH D 4 .   ? -9.040  -8.834  -2.838  1.00 23.06 ? 1030 HOH A O   1 
HETATM 1317 O O   . HOH D 4 .   ? 5.625   9.086   5.506   1.00 33.11 ? 1031 HOH A O   1 
HETATM 1318 O O   . HOH D 4 .   ? 1.927   -15.376 8.438   1.00 23.08 ? 1032 HOH A O   1 
HETATM 1319 O O   . HOH D 4 .   ? 11.824  11.073  -8.679  1.00 27.11 ? 1033 HOH A O   1 
HETATM 1320 O O   . HOH D 4 .   ? 9.338   7.890   -14.903 1.00 19.32 ? 1034 HOH A O   1 
HETATM 1321 O O   . HOH D 4 .   ? 6.350   17.878  -1.384  1.00 24.55 ? 1035 HOH A O   1 
HETATM 1322 O O   . HOH D 4 .   ? 13.296  -4.856  7.311   1.00 42.56 ? 1036 HOH A O   1 
HETATM 1323 O O   . HOH D 4 .   ? 9.652   7.878   5.880   1.00 19.68 ? 1037 HOH A O   1 
HETATM 1324 O O   . HOH D 4 .   ? -9.459  -9.808  2.807   1.00 26.02 ? 1038 HOH A O   1 
HETATM 1325 O O   . HOH D 4 .   ? -0.534  -2.460  18.660  1.00 21.75 ? 1039 HOH A O   1 
HETATM 1326 O O   . HOH D 4 .   ? -8.960  -12.733 0.515   1.00 27.29 ? 1040 HOH A O   1 
HETATM 1327 O O   . HOH D 4 .   ? -7.937  -1.703  12.568  1.00 19.59 ? 1041 HOH A O   1 
HETATM 1328 O O   . HOH D 4 .   ? 11.922  -7.546  -4.602  1.00 25.85 ? 1042 HOH A O   1 
HETATM 1329 O O   . HOH D 4 .   ? 0.602   -15.715 0.680   1.00 35.29 ? 1043 HOH A O   1 
HETATM 1330 O O   . HOH D 4 .   ? -5.714  -7.751  15.801  1.00 25.51 ? 1044 HOH A O   1 
HETATM 1331 O O   . HOH D 4 .   ? -0.996  2.305   20.109  1.00 39.95 ? 1045 HOH A O   1 
HETATM 1332 O O   . HOH D 4 .   ? 4.505   -15.473 10.132  1.00 31.40 ? 1046 HOH A O   1 
HETATM 1333 O O   . HOH D 4 .   ? -5.223  0.330   16.282  1.00 26.22 ? 1047 HOH A O   1 
HETATM 1334 O O   . HOH D 4 .   ? 6.312   -9.903  -9.634  1.00 38.88 ? 1048 HOH A O   1 
HETATM 1335 O O   . HOH D 4 .   ? 9.973   12.913  -9.937  1.00 22.17 ? 1049 HOH A O   1 
HETATM 1336 O O   . HOH D 4 .   ? 10.307  -12.962 18.915  1.00 34.56 ? 1050 HOH A O   1 
HETATM 1337 O O   . HOH D 4 .   ? 6.127   -1.376  0.937   1.00 23.07 ? 1051 HOH A O   1 
HETATM 1338 O O   . HOH D 4 .   ? 10.782  12.125  -5.982  1.00 31.58 ? 1052 HOH A O   1 
HETATM 1339 O O   . HOH D 4 .   ? 10.007  19.611  -3.107  1.00 48.94 ? 1053 HOH A O   1 
HETATM 1340 O O   . HOH D 4 .   ? 7.461   10.966  -17.065 1.00 27.59 ? 1054 HOH A O   1 
HETATM 1341 O O   . HOH D 4 .   ? 8.131   15.357  1.122   1.00 25.19 ? 1055 HOH A O   1 
HETATM 1342 O O   . HOH D 4 .   ? -9.626  2.709   11.355  1.00 22.76 ? 1056 HOH A O   1 
HETATM 1343 O O   . HOH D 4 .   ? -8.289  16.425  -14.185 1.00 40.44 ? 1057 HOH A O   1 
HETATM 1344 O O   . HOH D 4 .   ? -4.298  -8.598  -12.227 1.00 36.07 ? 1058 HOH A O   1 
HETATM 1345 O O   . HOH D 4 .   ? -8.153  -4.692  -12.779 1.00 29.21 ? 1059 HOH A O   1 
HETATM 1346 O O   . HOH D 4 .   ? 9.596   8.022   8.646   1.00 44.42 ? 1060 HOH A O   1 
HETATM 1347 O O   . HOH D 4 .   ? 8.243   17.592  4.841   1.00 29.09 ? 1061 HOH A O   1 
HETATM 1348 O O   . HOH D 4 .   ? 1.105   -11.932 -9.725  1.00 29.70 ? 1062 HOH A O   1 
HETATM 1349 O O   . HOH D 4 .   ? -9.443  -8.381  -7.117  1.00 43.19 ? 1063 HOH A O   1 
HETATM 1350 O O   . HOH D 4 .   ? 8.665   -10.494 4.062   1.00 38.75 ? 1064 HOH A O   1 
HETATM 1351 O O   . HOH D 4 .   ? -13.336 -2.478  -0.139  1.00 32.46 ? 1065 HOH A O   1 
HETATM 1352 O O   . HOH D 4 .   ? 2.659   -12.401 18.937  1.00 25.35 ? 1066 HOH A O   1 
HETATM 1353 O O   . HOH D 4 .   ? -9.097  13.799  -14.639 1.00 36.38 ? 1067 HOH A O   1 
HETATM 1354 O O   . HOH D 4 .   ? 3.058   15.657  -19.570 1.00 29.27 ? 1068 HOH A O   1 
HETATM 1355 O O   . HOH D 4 .   ? 2.152   1.531   -17.148 1.00 31.38 ? 1069 HOH A O   1 
HETATM 1356 O O   . HOH D 4 .   ? -9.961  8.564   1.293   1.00 30.80 ? 1070 HOH A O   1 
HETATM 1357 O O   . HOH D 4 .   ? -8.006  14.104  -4.172  1.00 42.15 ? 1071 HOH A O   1 
HETATM 1358 O O   . HOH D 4 .   ? -6.665  5.838   13.185  1.00 27.21 ? 1072 HOH A O   1 
HETATM 1359 O O   . HOH D 4 .   ? -12.535 -1.651  4.170   1.00 36.40 ? 1073 HOH A O   1 
HETATM 1360 O O   . HOH D 4 .   ? 2.569   -5.413  -16.586 1.00 34.77 ? 1074 HOH A O   1 
HETATM 1361 O O   . HOH D 4 .   ? -11.666 4.786   -4.636  1.00 33.73 ? 1075 HOH A O   1 
HETATM 1362 O O   . HOH D 4 .   ? 6.296   17.111  -10.580 1.00 40.14 ? 1076 HOH A O   1 
HETATM 1363 O O   . HOH D 4 .   ? -0.705  19.585  -0.734  1.00 48.69 ? 1077 HOH A O   1 
HETATM 1364 O O   . HOH D 4 .   ? -9.188  6.744   -5.383  1.00 22.73 ? 1078 HOH A O   1 
HETATM 1365 O O   . HOH D 4 .   ? 3.467   19.343  -8.464  1.00 38.73 ? 1079 HOH A O   1 
HETATM 1366 O O   . HOH D 4 .   ? -11.739 9.213   5.224   1.00 41.95 ? 1080 HOH A O   1 
HETATM 1367 O O   . HOH D 4 .   ? -2.023  -4.384  19.770  1.00 19.65 ? 1081 HOH A O   1 
HETATM 1368 O O   . HOH D 4 .   ? -3.623  -6.968  18.757  1.00 29.46 ? 1082 HOH A O   1 
HETATM 1369 O O   . HOH D 4 .   ? -0.582  -15.860 9.163   1.00 23.99 ? 1083 HOH A O   1 
HETATM 1370 O O   . HOH D 4 .   ? -12.285 5.182   0.742   1.00 21.54 ? 1084 HOH A O   1 
HETATM 1371 O O   . HOH D 4 .   ? -6.231  12.913  7.279   1.00 48.41 ? 1085 HOH A O   1 
HETATM 1372 O O   . HOH D 4 .   ? 1.846   -14.992 18.076  1.00 38.59 ? 1086 HOH A O   1 
HETATM 1373 O O   . HOH D 4 .   ? 17.834  7.812   -2.914  1.00 34.10 ? 1087 HOH A O   1 
HETATM 1374 O O   . HOH D 4 .   ? -10.216 -0.107  12.098  1.00 27.18 ? 1088 HOH A O   1 
HETATM 1375 O O   . HOH D 4 .   ? -9.242  -6.343  -14.762 1.00 35.81 ? 1089 HOH A O   1 
HETATM 1376 O O   . HOH D 4 .   ? 8.602   -8.686  -10.689 1.00 37.82 ? 1090 HOH A O   1 
HETATM 1377 O O   . HOH D 4 .   ? -12.792 -18.077 14.052  1.00 35.52 ? 1091 HOH A O   1 
HETATM 1378 O O   . HOH D 4 .   ? -7.643  -6.534  17.344  1.00 38.51 ? 1092 HOH A O   1 
HETATM 1379 O O   . HOH D 4 .   ? -9.321  -3.321  14.417  1.00 31.80 ? 1093 HOH A O   1 
HETATM 1380 O O   . HOH D 4 .   ? -12.059 -3.250  7.073   1.00 30.17 ? 1094 HOH A O   1 
HETATM 1381 O O   . HOH D 4 .   ? -3.519  -10.789 -14.048 1.00 41.97 ? 1095 HOH A O   1 
HETATM 1382 O O   . HOH D 4 .   ? -15.390 -6.656  8.271   1.00 41.88 ? 1096 HOH A O   1 
HETATM 1383 O O   . HOH D 4 .   ? -13.065 -5.414  -1.162  1.00 36.17 ? 1097 HOH A O   1 
HETATM 1384 O O   . HOH D 4 .   ? 5.636   -14.302 3.560   1.00 36.10 ? 1098 HOH A O   1 
HETATM 1385 O O   . HOH D 4 .   ? 8.486   8.405   -17.380 1.00 40.48 ? 1099 HOH A O   1 
HETATM 1386 O O   . HOH D 4 .   ? 7.180   18.839  -5.676  1.00 37.19 ? 1100 HOH A O   1 
HETATM 1387 O O   . HOH D 4 .   ? -3.563  17.862  1.194   1.00 33.10 ? 1101 HOH A O   1 
HETATM 1388 O O   . HOH D 4 .   ? 0.508   18.198  3.465   1.00 45.40 ? 1102 HOH A O   1 
HETATM 1389 O O   . HOH D 4 .   ? -4.645  14.107  5.434   1.00 29.77 ? 1103 HOH A O   1 
HETATM 1390 O O   . HOH D 4 .   ? -12.419 5.850   -2.340  1.00 38.02 ? 1104 HOH A O   1 
HETATM 1391 O O   . HOH D 4 .   ? 3.072   -17.066 6.595   1.00 35.57 ? 1105 HOH A O   1 
HETATM 1392 O O   . HOH D 4 .   ? -7.533  -0.769  17.762  1.00 43.85 ? 1106 HOH A O   1 
HETATM 1393 O O   . HOH D 4 .   ? 13.801  -2.651  9.488   1.00 37.18 ? 1107 HOH A O   1 
HETATM 1394 O O   . HOH D 4 .   ? 3.338   -0.923  19.089  1.00 44.07 ? 1108 HOH A O   1 
HETATM 1395 O O   . HOH D 4 .   ? -6.930  -13.491 17.410  1.00 33.23 ? 1109 HOH A O   1 
HETATM 1396 O O   . HOH D 4 .   ? -12.329 7.922   8.305   1.00 43.23 ? 1110 HOH A O   1 
HETATM 1397 O O   . HOH D 4 .   ? -10.191 11.536  -13.305 1.00 31.44 ? 1111 HOH A O   1 
HETATM 1398 O O   . HOH D 4 .   ? -0.707  -15.339 14.465  1.00 43.87 ? 1112 HOH A O   1 
HETATM 1399 O O   . HOH D 4 .   ? -10.410 18.112  -13.363 1.00 42.36 ? 1113 HOH A O   1 
HETATM 1400 O O   . HOH D 4 .   ? 12.067  8.864   -14.876 1.00 29.14 ? 1114 HOH A O   1 
HETATM 1401 O O   . HOH D 4 .   ? -5.133  -17.100 15.213  1.00 27.20 ? 1115 HOH A O   1 
HETATM 1402 O O   . HOH D 4 .   ? -7.953  -7.829  -9.499  1.00 48.77 ? 1116 HOH A O   1 
HETATM 1403 O O   . HOH D 4 .   ? 6.876   11.213  -19.677 1.00 46.61 ? 1117 HOH A O   1 
HETATM 1404 O O   . HOH D 4 .   ? 12.707  4.435   10.732  1.00 47.04 ? 1118 HOH A O   1 
HETATM 1405 O O   . HOH D 4 .   ? 1.683   -2.822  19.967  1.00 45.93 ? 1119 HOH A O   1 
HETATM 1406 O O   . HOH D 4 .   ? 13.443  1.765   9.515   1.00 39.40 ? 1120 HOH A O   1 
HETATM 1407 O O   . HOH D 4 .   ? 10.711  15.539  -9.316  1.00 41.80 ? 1121 HOH A O   1 
HETATM 1408 O O   . HOH D 4 .   ? -9.935  11.301  -10.833 1.00 21.42 ? 1122 HOH A O   1 
HETATM 1409 O O   . HOH D 4 .   ? 3.249   -15.464 4.176   1.00 28.96 ? 1123 HOH A O   1 
HETATM 1410 O O   . HOH D 4 .   ? 17.976  8.947   -5.284  1.00 45.89 ? 1124 HOH A O   1 
HETATM 1411 O O   . HOH D 4 .   ? -6.603  -16.185 17.265  1.00 30.61 ? 1125 HOH A O   1 
HETATM 1412 O O   . HOH D 4 .   ? -12.212 3.693   10.130  1.00 34.46 ? 1126 HOH A O   1 
HETATM 1413 O O   . HOH D 4 .   ? 2.806   17.001  -15.129 1.00 31.98 ? 1127 HOH A O   1 
HETATM 1414 O O   . HOH D 4 .   ? 3.980   16.823  -9.421  1.00 30.24 ? 1128 HOH A O   1 
HETATM 1415 O O   . HOH D 4 .   ? -13.724 -0.059  -4.693  1.00 28.22 ? 1129 HOH A O   1 
HETATM 1416 O O   . HOH D 4 .   ? 9.913   -0.846  12.194  1.00 34.45 ? 1130 HOH A O   1 
HETATM 1417 O O   . HOH D 4 .   ? 8.906   -11.709 -6.578  1.00 38.42 ? 1131 HOH A O   1 
HETATM 1418 O O   . HOH D 4 .   ? 15.741  4.595   1.760   1.00 34.36 ? 1132 HOH A O   1 
HETATM 1419 O O   . HOH D 4 .   ? -14.779 5.404   1.373   1.00 34.88 ? 1133 HOH A O   1 
HETATM 1420 O O   . HOH D 4 .   ? -0.283  -15.563 19.581  1.00 37.20 ? 1134 HOH A O   1 
HETATM 1421 O O   . HOH D 4 .   ? -5.632  14.470  -1.190  1.00 40.98 ? 1135 HOH A O   1 
HETATM 1422 O O   . HOH D 4 .   ? 17.491  9.438   -0.122  1.00 48.33 ? 1136 HOH A O   1 
HETATM 1423 O O   . HOH D 4 .   ? 3.712   -12.977 -7.580  1.00 46.51 ? 1137 HOH A O   1 
HETATM 1424 O O   . HOH D 4 .   ? -3.150  -0.294  19.381  1.00 38.37 ? 1138 HOH A O   1 
HETATM 1425 O O   . HOH D 4 .   ? 0.289   -12.034 20.131  1.00 40.48 ? 1139 HOH A O   1 
HETATM 1426 O O   . HOH D 4 .   ? -13.616 -21.884 6.678   1.00 48.87 ? 1140 HOH A O   1 
HETATM 1427 O O   . HOH D 4 .   ? 3.791   3.764   -21.650 1.00 36.81 ? 1141 HOH A O   1 
HETATM 1428 O O   . HOH D 4 .   ? -2.126  -9.472  20.232  1.00 49.97 ? 1142 HOH A O   1 
HETATM 1429 O O   . HOH D 4 .   ? 11.321  11.305  -13.698 1.00 41.35 ? 1143 HOH A O   1 
HETATM 1430 O O   . HOH D 4 .   ? -12.194 6.931   -5.883  1.00 33.41 ? 1144 HOH A O   1 
HETATM 1431 O O   . HOH D 4 .   ? 2.948   17.457  -11.920 1.00 31.48 ? 1145 HOH A O   1 
HETATM 1432 O O   . HOH D 4 .   ? -12.581 11.023  -13.936 1.00 32.22 ? 1146 HOH A O   1 
HETATM 1433 O O   . HOH D 4 .   ? 3.156   20.745  -11.122 1.00 39.14 ? 1147 HOH A O   1 
HETATM 1434 O O   . HOH D 4 .   ? -15.669 -1.768  7.146   1.00 41.54 ? 1148 HOH A O   1 
HETATM 1435 O O   . HOH D 4 .   ? -14.229 -22.021 4.239   1.00 53.45 ? 1149 HOH A O   1 
HETATM 1436 O O   . HOH D 4 .   ? -13.400 -2.832  -5.342  1.00 40.07 ? 1150 HOH A O   1 
HETATM 1437 O O   . HOH D 4 .   ? 4.612   2.196   -16.333 1.00 38.55 ? 1151 HOH A O   1 
HETATM 1438 O O   . HOH D 4 .   ? -13.602 -4.780  -3.782  1.00 45.03 ? 1152 HOH A O   1 
HETATM 1439 O O   . HOH D 4 .   ? 15.907  1.883   8.775   1.00 55.89 ? 1153 HOH A O   1 
HETATM 1440 O O   . HOH D 4 .   ? -12.007 2.415   -8.201  1.00 37.78 ? 1154 HOH A O   1 
HETATM 1441 O O   . HOH D 4 .   ? 8.965   18.103  -8.317  1.00 50.09 ? 1155 HOH A O   1 
HETATM 1442 O O   . HOH D 4 .   ? -0.576  -15.256 -8.267  1.00 47.11 ? 1156 HOH A O   1 
HETATM 1443 O O   . HOH D 4 .   ? 16.939  3.171   3.604   1.00 54.36 ? 1157 HOH A O   1 
HETATM 1444 O O   . HOH D 4 .   ? 17.340  7.525   1.634   1.00 43.17 ? 1158 HOH A O   1 
HETATM 1445 O O   . HOH D 4 .   ? -11.582 -2.529  10.419  1.00 44.46 ? 1159 HOH A O   1 
HETATM 1446 O O   . HOH D 4 .   ? -3.118  -18.234 12.255  0.50 8.66  ? 1160 HOH A O   1 
HETATM 1447 O O   . HOH D 4 .   ? 6.189   -12.326 -11.177 1.00 59.80 ? 1161 HOH A O   1 
HETATM 1448 O O   . HOH D 4 .   ? 17.702  1.940   1.313   1.00 50.67 ? 1162 HOH A O   1 
HETATM 1449 O O   . HOH D 4 .   ? 4.324   -3.523  17.810  1.00 52.56 ? 1163 HOH A O   1 
HETATM 1450 O O   . HOH D 4 .   ? 7.325   10.764  7.935   1.00 38.18 ? 1164 HOH A O   1 
HETATM 1451 O O   . HOH D 4 .   ? -11.359 -13.819 2.558   1.00 42.03 ? 1165 HOH A O   1 
HETATM 1452 O O   . HOH D 4 .   ? -14.020 8.346   2.151   1.00 46.60 ? 1166 HOH A O   1 
HETATM 1453 O O   . HOH D 4 .   ? -6.007  -6.009  19.876  1.00 40.49 ? 1167 HOH A O   1 
HETATM 1454 O O   . HOH D 4 .   ? -5.205  15.255  1.649   1.00 40.25 ? 1168 HOH A O   1 
HETATM 1455 O O   . HOH D 4 .   ? 16.964  16.576  0.874   1.00 46.63 ? 1169 HOH A O   1 
HETATM 1456 O O   . HOH D 4 .   ? 4.025   -16.122 -0.312  1.00 48.84 ? 1170 HOH A O   1 
HETATM 1457 O O   . HOH D 4 .   ? 10.873  5.131   13.077  1.00 46.67 ? 1171 HOH A O   1 
# 
